data_8TWB
#
_entry.id   8TWB
#
loop_
_entity.id
_entity.type
_entity.pdbx_description
1 polymer 'Replication factor C subunit 4'
2 polymer 'Replication factor C subunit 3'
3 polymer 'Replication factor C subunit 2'
4 polymer 'Replication factor C subunit 5'
5 polymer 'Chromosome transmission fidelity protein 18'
6 polymer 'Proliferating cell nuclear antigen'
7 polymer 'Template DNA'
8 polymer 'Primer DNA'
9 non-polymer 'PHOSPHOTHIOPHOSPHORIC ACID-ADENYLATE ESTER'
10 non-polymer 'MAGNESIUM ION'
11 non-polymer "ADENOSINE-5'-DIPHOSPHATE"
#
loop_
_entity_poly.entity_id
_entity_poly.type
_entity_poly.pdbx_seq_one_letter_code
_entity_poly.pdbx_strand_id
1 'polypeptide(L)'
;TLSLQLPWVEKYRPQVLSDIVGNKETIDRLQQIAKDGNMPHMIISGMPGIGKTTSVHCLAHELLGRSYADGVLELNASDD
RGIDVVRNQIKHFAQKKLHLPPGKHKIVILDEADSMTAGAQQALRRTMELYSNSTRFAFACNQSNKIIEPLQSRCAILRY
SKLSDEDVLKRLLQIIKLEDVKYTNDGLEAIIFTAEGDMRQAINNLQSTVAGHGLVNADNVFKIVDSPHPLIVKKMLLAS
NLEDSIQILRTDLWKKGYSSIDIVTTSFRVTKNLAQVKESVRLEMIKEIGLTHMRILEGVGTYLQLASMLAKIHKLNNK
;
4
2 'polypeptide(L)'
;SKENLPWVEKYRPETLDEVYGQNEVITTVRKFVDEGKLPHLLFYGPPGTGKTSTIVALAREIYGKNYSNMVLELNASDDR
GIDVVRNQIKDFASTRQIFSKGFKLIILDEADAMTNAAQNALRRVIERYTKNTRFCVLANYAHKLTPALLSRCTRFRFQP
LPQEAIERRIANVLVHEKLKLSPNAEKALIELSNGDMRRVLNVLQSCKATLDNPDEDEISDDVIYECCGAPRPSDLKAVL
KSILEDDWGTAHYTLNKVRSAKGLALIDLIEGIVKILEDYELQNEETRVHLLTKLADIEYSISKGGNDQIQGSAVIGAIK
ASFENET
;
3
3 'polypeptide(L)'
;SKLAAEQSLAQQPWVEKYRPKNLDEVTAQDHAVTVLKKTLKSANLPHMLFYGPPGTGKTSTILALTKELYGPDLMKSRIL
ELNASDERGISIVREKVKNFARLTVSKPSKHDLENYPCPPYKIIILDEADSMTADAQSALRRTMETYSGVTRFCLICNYV
TRIIDPLASRCSKFRFKALDASNAIDRLRFISEQENVKCDDGVLERILDISAGDLRRGITLLQSASKGAQYLGDGKNITS
TQVEELAGVVPHDILIEIVEKVKSGDFDEIKKYVNTFMKSGWSAASVVNQLHEYYITNDNFDTNFKNQISWLLFTTDSRL
NNGTNEHIQLLNLLVKISQL
;
2
4 'polypeptide(L)'
;MSLWVDKYRPKSLNALSHNEELTNFLKSLSDQPRDLPHLLLYGPNGTGKKTRCMALLESIFGPGVYRLKIDVRQFVTASN
RKLELNVVSSPYHLEITPSDMGNNDRIVIQELLKEVAQMEQVDFQDSKDGLAHRYKCVIINEANSLTKDAQAALRRTMEK
YSKNIRLIMVCDSMSPIIAPIKSRCLLIRCPAPSDSEISTILSDVVTNERIQLETKDILKRIAQASNGNLRVSLLMLESM
ALNNELALKSSSPIIKPDWIIVIHKLTRKIVKERSVNSLIECRAVLYDLLAHCIPANIILKELTFSLLDVETLNTTNKSS
IIEYSSVFDERLSLGNKAIFHLEGFIAKVMCCLD
;
5
5 'polypeptide(L)'
;NTWASSNKDSPISWFKIVNQLFRKDPHRDIKEQFYELLNQVELNGNSDRILQGCFNIFPYVKYSDNGIRKPANISDWLFF
HDLMYQSMYAHNGELLRYSALVPLVFFQTFGDIANKDDIRMKNSEYEQRELKRANSDIVSLIMRHISVQSPLMASFTDRK
SLIFEILPYLDSMISSDFNKIRNLKLKQAIMEELVQLLKSFQLNLIQNRSEGFDVRGGLTIDPPIDEVVLLNPKHINEVQ
HKRANNLSSLLAKIEENR
;
1
6 'polypeptide(L)'
;MLEAKFEEASLFKRIIDGFKDCVQLVNFQCKEDGIIAQAVDDSRVLLVSLEIGVEAFQEYRCDHPVTLGMDLTSLSKILR
CGNNTDTLTLIADNTPDSIILLFEDTKKDRIAEYSLKLMDIDADFLKIEELQYDSTLSLPSSEFSKIVRDLSQLSDSINI
MITKETIKFVADGDIGSGSVIIKPFVDMEHPETSIKLEMDQPVDLTFGAKYLLDIIKGSSLSDRVGIRLSSEAPALFQFD
LKSGFLQFFLAPKFNDEE
;
A,B,C
7 'polydeoxyribonucleotide' (DA)(DG)(DC)(DA)(DG)(DC)(DA)(DA)(DC)(DA)(DG)(DA)(DG)(DA)(DA)(DT)(DC)(DT) T
8 'polydeoxyribonucleotide' (DA)(DG)(DA)(DT)(DT)(DC)(DT)(DC)(DT)(DG)(DT)(DT)(DG)(DC)(DT)(DG)(DC) P
#
# COMPACT_ATOMS: atom_id res chain seq x y z
N THR A 1 -23.44 38.48 10.12
CA THR A 1 -22.00 38.64 10.22
C THR A 1 -21.37 38.81 8.83
N LEU A 2 -20.40 39.72 8.73
CA LEU A 2 -19.71 40.02 7.49
C LEU A 2 -18.21 39.78 7.54
N SER A 3 -17.55 40.15 8.64
CA SER A 3 -16.11 39.97 8.77
C SER A 3 -15.75 39.77 10.23
N LEU A 4 -14.56 39.21 10.45
CA LEU A 4 -14.06 38.94 11.79
C LEU A 4 -12.91 39.88 12.14
N GLN A 5 -12.53 39.87 13.40
CA GLN A 5 -11.41 40.65 13.90
C GLN A 5 -10.17 39.77 14.07
N LEU A 6 -9.02 40.42 14.08
CA LEU A 6 -7.77 39.69 14.20
C LEU A 6 -7.63 39.12 15.61
N PRO A 7 -7.19 37.87 15.75
CA PRO A 7 -6.99 37.30 17.08
C PRO A 7 -5.87 38.03 17.84
N TRP A 8 -5.92 37.90 19.16
CA TRP A 8 -4.96 38.60 20.01
C TRP A 8 -3.55 38.03 19.87
N VAL A 9 -3.40 36.79 19.40
CA VAL A 9 -2.06 36.24 19.16
C VAL A 9 -1.43 36.92 17.95
N GLU A 10 -2.24 37.23 16.94
CA GLU A 10 -1.71 37.87 15.74
C GLU A 10 -1.70 39.37 15.87
N LYS A 11 -2.76 39.95 16.47
CA LYS A 11 -2.82 41.40 16.65
C LYS A 11 -1.70 41.89 17.56
N TYR A 12 -1.54 41.26 18.72
CA TYR A 12 -0.51 41.62 19.67
C TYR A 12 0.76 40.81 19.49
N ARG A 13 1.00 40.29 18.30
CA ARG A 13 2.25 39.61 17.99
C ARG A 13 3.41 40.60 18.10
N PRO A 14 4.44 40.31 18.90
CA PRO A 14 5.52 41.28 19.09
C PRO A 14 6.22 41.62 17.79
N GLN A 15 6.48 42.92 17.60
CA GLN A 15 7.21 43.41 16.44
C GLN A 15 8.58 43.97 16.80
N VAL A 16 8.90 44.07 18.09
CA VAL A 16 10.21 44.53 18.55
C VAL A 16 10.71 43.52 19.58
N LEU A 17 12.03 43.30 19.58
CA LEU A 17 12.62 42.30 20.46
C LEU A 17 12.44 42.61 21.94
N SER A 18 12.08 43.85 22.29
CA SER A 18 11.86 44.18 23.69
C SER A 18 10.52 43.65 24.18
N ASP A 19 9.53 43.56 23.29
CA ASP A 19 8.21 43.07 23.66
C ASP A 19 8.19 41.58 23.94
N ILE A 20 9.26 40.85 23.63
CA ILE A 20 9.31 39.41 23.86
C ILE A 20 9.66 39.16 25.33
N VAL A 21 8.81 38.37 26.00
CA VAL A 21 9.00 38.07 27.41
C VAL A 21 9.57 36.65 27.55
N GLY A 22 10.22 36.17 26.50
CA GLY A 22 10.83 34.85 26.50
C GLY A 22 12.09 34.76 27.33
N ASN A 23 12.99 33.87 26.93
CA ASN A 23 14.27 33.72 27.60
C ASN A 23 15.08 35.00 27.48
N LYS A 24 15.41 35.60 28.64
CA LYS A 24 16.04 36.91 28.65
C LYS A 24 17.42 36.88 28.01
N GLU A 25 18.20 35.81 28.25
CA GLU A 25 19.57 35.77 27.75
C GLU A 25 19.61 35.81 26.23
N THR A 26 18.90 34.89 25.58
CA THR A 26 18.90 34.85 24.12
C THR A 26 18.25 36.10 23.53
N ILE A 27 17.27 36.67 24.23
CA ILE A 27 16.61 37.88 23.72
C ILE A 27 17.58 39.05 23.71
N ASP A 28 18.32 39.25 24.81
CA ASP A 28 19.33 40.32 24.82
C ASP A 28 20.46 40.02 23.84
N ARG A 29 20.80 38.74 23.64
CA ARG A 29 21.79 38.38 22.66
C ARG A 29 21.37 38.82 21.26
N LEU A 30 20.13 38.48 20.87
CA LEU A 30 19.64 38.86 19.55
C LEU A 30 19.46 40.36 19.43
N GLN A 31 19.09 41.03 20.54
CA GLN A 31 18.99 42.49 20.50
C GLN A 31 20.34 43.14 20.25
N GLN A 32 21.38 42.70 20.95
CA GLN A 32 22.73 43.22 20.71
C GLN A 32 23.21 42.86 19.31
N ILE A 33 22.82 41.69 18.79
CA ILE A 33 23.21 41.32 17.43
C ILE A 33 22.57 42.27 16.42
N ALA A 34 21.28 42.56 16.59
CA ALA A 34 20.60 43.48 15.69
C ALA A 34 21.13 44.90 15.84
N LYS A 35 21.59 45.26 17.04
CA LYS A 35 22.17 46.59 17.24
C LYS A 35 23.53 46.72 16.56
N ASP A 36 24.38 45.70 16.69
CA ASP A 36 25.73 45.75 16.12
C ASP A 36 25.78 45.20 14.71
N GLY A 37 24.95 44.22 14.37
CA GLY A 37 25.00 43.59 13.07
C GLY A 37 25.78 42.30 13.10
N ASN A 38 26.22 41.88 11.90
CA ASN A 38 27.00 40.66 11.73
C ASN A 38 26.26 39.45 12.30
N MET A 39 25.02 39.28 11.85
CA MET A 39 24.21 38.16 12.32
C MET A 39 24.77 36.86 11.76
N PRO A 40 25.08 35.89 12.62
CA PRO A 40 25.58 34.60 12.13
C PRO A 40 24.45 33.62 11.85
N HIS A 41 24.80 32.52 11.22
CA HIS A 41 23.86 31.42 11.03
C HIS A 41 23.39 30.92 12.40
N MET A 42 22.09 30.67 12.52
CA MET A 42 21.53 30.29 13.81
C MET A 42 20.45 29.23 13.63
N ILE A 43 20.28 28.42 14.68
CA ILE A 43 19.22 27.42 14.74
C ILE A 43 18.53 27.59 16.11
N ILE A 44 17.27 27.97 16.09
CA ILE A 44 16.48 28.18 17.30
C ILE A 44 15.55 26.99 17.48
N SER A 45 15.73 26.28 18.60
CA SER A 45 14.94 25.09 18.90
C SER A 45 14.20 25.30 20.21
N GLY A 46 13.14 24.52 20.39
CA GLY A 46 12.34 24.62 21.60
C GLY A 46 11.02 23.88 21.46
N MET A 47 10.02 24.40 22.16
CA MET A 47 8.67 23.86 22.15
C MET A 47 7.70 24.81 21.48
N PRO A 48 6.56 24.32 21.00
CA PRO A 48 5.61 25.20 20.31
C PRO A 48 5.06 26.29 21.22
N GLY A 49 4.96 27.50 20.68
CA GLY A 49 4.34 28.61 21.38
C GLY A 49 5.19 29.19 22.50
N ILE A 50 6.44 29.51 22.23
CA ILE A 50 7.30 30.19 23.19
C ILE A 50 8.01 31.40 22.61
N GLY A 51 7.79 31.73 21.35
CA GLY A 51 8.42 32.91 20.76
C GLY A 51 9.67 32.60 19.98
N LYS A 52 9.60 31.63 19.07
CA LYS A 52 10.73 31.31 18.21
C LYS A 52 10.60 31.98 16.85
N THR A 53 9.46 31.82 16.19
CA THR A 53 9.24 32.45 14.90
C THR A 53 9.14 33.96 15.04
N THR A 54 8.46 34.44 16.09
CA THR A 54 8.37 35.87 16.32
C THR A 54 9.75 36.46 16.62
N SER A 55 10.60 35.71 17.32
CA SER A 55 11.93 36.21 17.65
C SER A 55 12.76 36.43 16.40
N VAL A 56 12.80 35.43 15.51
CA VAL A 56 13.60 35.56 14.30
C VAL A 56 12.98 36.59 13.36
N HIS A 57 11.66 36.69 13.33
CA HIS A 57 11.01 37.73 12.52
C HIS A 57 11.38 39.12 13.01
N CYS A 58 11.35 39.34 14.32
CA CYS A 58 11.73 40.63 14.88
C CYS A 58 13.19 40.92 14.61
N LEU A 59 14.06 39.92 14.76
CA LEU A 59 15.47 40.11 14.49
C LEU A 59 15.71 40.53 13.04
N ALA A 60 15.09 39.81 12.10
CA ALA A 60 15.27 40.13 10.69
C ALA A 60 14.72 41.52 10.37
N HIS A 61 13.54 41.86 10.91
CA HIS A 61 12.97 43.18 10.66
C HIS A 61 13.87 44.28 11.18
N GLU A 62 14.32 44.17 12.44
CA GLU A 62 15.15 45.21 13.02
C GLU A 62 16.51 45.29 12.32
N LEU A 63 17.01 44.16 11.82
CA LEU A 63 18.32 44.16 11.18
C LEU A 63 18.27 44.69 9.75
N LEU A 64 17.14 44.53 9.05
CA LEU A 64 17.06 44.93 7.66
C LEU A 64 16.34 46.25 7.43
N GLY A 65 15.58 46.74 8.40
CA GLY A 65 14.92 48.02 8.22
C GLY A 65 13.89 47.95 7.10
N ARG A 66 14.03 48.84 6.12
CA ARG A 66 13.13 48.85 4.98
C ARG A 66 13.49 47.82 3.92
N SER A 67 14.71 47.30 3.95
CA SER A 67 15.14 46.30 2.97
C SER A 67 14.67 44.89 3.32
N TYR A 68 13.71 44.75 4.24
CA TYR A 68 13.22 43.43 4.64
C TYR A 68 12.54 42.73 3.47
N ALA A 69 11.86 43.49 2.61
CA ALA A 69 11.10 42.89 1.52
C ALA A 69 12.02 42.22 0.50
N ASP A 70 13.16 42.84 0.19
CA ASP A 70 14.06 42.34 -0.84
C ASP A 70 15.32 41.70 -0.27
N GLY A 71 15.45 41.59 1.05
CA GLY A 71 16.64 40.99 1.62
C GLY A 71 16.37 39.76 2.46
N VAL A 72 15.10 39.47 2.73
CA VAL A 72 14.70 38.33 3.55
C VAL A 72 13.95 37.34 2.68
N LEU A 73 14.37 36.08 2.72
CA LEU A 73 13.72 35.00 1.99
C LEU A 73 13.08 34.07 3.02
N GLU A 74 11.75 34.07 3.08
CA GLU A 74 10.99 33.25 4.03
C GLU A 74 10.55 31.98 3.33
N LEU A 75 10.84 30.83 3.94
CA LEU A 75 10.39 29.54 3.45
C LEU A 75 9.84 28.74 4.63
N ASN A 76 8.55 28.44 4.59
CA ASN A 76 7.90 27.68 5.65
C ASN A 76 7.75 26.22 5.21
N ALA A 77 7.20 25.40 6.10
CA ALA A 77 6.89 24.02 5.75
C ALA A 77 5.72 23.91 4.78
N SER A 78 4.93 24.98 4.62
CA SER A 78 3.83 24.99 3.66
C SER A 78 4.31 25.10 2.23
N ASP A 79 5.56 25.52 2.00
CA ASP A 79 6.13 25.61 0.67
C ASP A 79 7.05 24.43 0.42
N ASP A 80 7.24 24.12 -0.86
CA ASP A 80 8.17 23.05 -1.23
C ASP A 80 9.60 23.44 -0.83
N ARG A 81 10.24 22.57 -0.05
CA ARG A 81 11.59 22.83 0.45
C ARG A 81 12.46 21.60 0.22
N GLY A 82 12.38 21.04 -0.99
CA GLY A 82 13.15 19.86 -1.34
C GLY A 82 14.52 20.20 -1.88
N ILE A 83 15.13 19.21 -2.54
CA ILE A 83 16.47 19.39 -3.09
C ILE A 83 16.44 20.38 -4.25
N ASP A 84 15.37 20.35 -5.04
CA ASP A 84 15.28 21.23 -6.21
C ASP A 84 15.16 22.69 -5.79
N VAL A 85 14.38 22.95 -4.75
CA VAL A 85 14.21 24.33 -4.28
C VAL A 85 15.53 24.86 -3.72
N VAL A 86 16.20 24.08 -2.89
CA VAL A 86 17.48 24.49 -2.34
C VAL A 86 18.50 24.69 -3.46
N ARG A 87 18.44 23.86 -4.50
CA ARG A 87 19.39 23.97 -5.60
C ARG A 87 19.16 25.24 -6.41
N ASN A 88 17.91 25.56 -6.71
CA ASN A 88 17.61 26.66 -7.62
C ASN A 88 17.34 27.97 -6.87
N GLN A 89 16.28 28.01 -6.07
CA GLN A 89 15.79 29.29 -5.56
C GLN A 89 16.67 29.82 -4.44
N ILE A 90 17.06 28.97 -3.49
CA ILE A 90 17.90 29.42 -2.39
C ILE A 90 19.26 29.86 -2.91
N LYS A 91 19.80 29.13 -3.88
CA LYS A 91 21.09 29.50 -4.45
C LYS A 91 21.00 30.78 -5.26
N HIS A 92 19.89 30.99 -5.98
CA HIS A 92 19.70 32.24 -6.70
C HIS A 92 19.54 33.42 -5.75
N PHE A 93 18.89 33.21 -4.60
CA PHE A 93 18.75 34.28 -3.63
C PHE A 93 20.09 34.59 -2.96
N ALA A 94 20.88 33.56 -2.66
CA ALA A 94 22.18 33.78 -2.04
C ALA A 94 23.16 34.43 -3.00
N GLN A 95 23.07 34.10 -4.29
CA GLN A 95 23.93 34.72 -5.29
C GLN A 95 23.41 36.06 -5.77
N LYS A 96 22.21 36.46 -5.36
CA LYS A 96 21.63 37.72 -5.82
C LYS A 96 22.43 38.90 -5.29
N LYS A 97 22.64 39.89 -6.16
CA LYS A 97 23.35 41.10 -5.77
C LYS A 97 22.38 42.06 -5.10
N LEU A 98 22.82 42.65 -3.99
CA LEU A 98 21.99 43.59 -3.24
C LEU A 98 22.89 44.51 -2.43
N HIS A 99 22.68 45.82 -2.59
CA HIS A 99 23.46 46.83 -1.88
C HIS A 99 22.84 47.03 -0.50
N LEU A 100 23.55 46.59 0.53
CA LEU A 100 23.10 46.67 1.91
C LEU A 100 24.08 47.50 2.73
N PRO A 101 23.67 48.00 3.90
CA PRO A 101 24.60 48.70 4.78
C PRO A 101 25.78 47.83 5.14
N PRO A 102 26.89 48.43 5.61
CA PRO A 102 28.10 47.64 5.85
C PRO A 102 28.04 46.82 7.13
N GLY A 103 26.84 46.66 7.70
CA GLY A 103 26.69 45.85 8.89
C GLY A 103 25.56 44.84 8.80
N LYS A 104 24.88 44.79 7.65
CA LYS A 104 23.74 43.92 7.45
C LYS A 104 24.05 42.84 6.42
N HIS A 105 23.19 41.83 6.37
CA HIS A 105 23.34 40.72 5.45
C HIS A 105 21.95 40.20 5.07
N LYS A 106 21.89 39.52 3.93
CA LYS A 106 20.64 38.90 3.51
C LYS A 106 20.33 37.70 4.40
N ILE A 107 19.07 37.58 4.80
CA ILE A 107 18.63 36.57 5.77
C ILE A 107 17.71 35.59 5.06
N VAL A 108 17.97 34.30 5.26
CA VAL A 108 17.12 33.23 4.76
C VAL A 108 16.47 32.56 5.97
N ILE A 109 15.19 32.86 6.19
CA ILE A 109 14.44 32.29 7.30
C ILE A 109 13.79 31.00 6.82
N LEU A 110 14.01 29.91 7.55
CA LEU A 110 13.47 28.60 7.20
C LEU A 110 12.67 28.10 8.40
N ASP A 111 11.36 28.30 8.36
CA ASP A 111 10.50 27.84 9.43
C ASP A 111 10.26 26.35 9.33
N GLU A 112 10.17 25.69 10.49
CA GLU A 112 10.01 24.25 10.58
C GLU A 112 11.14 23.52 9.87
N ALA A 113 12.38 23.82 10.28
CA ALA A 113 13.55 23.21 9.65
C ALA A 113 13.65 21.73 9.93
N ASP A 114 12.95 21.22 10.95
CA ASP A 114 12.97 19.80 11.26
C ASP A 114 12.20 18.95 10.26
N SER A 115 11.54 19.56 9.28
CA SER A 115 10.78 18.83 8.28
C SER A 115 11.47 18.75 6.93
N MET A 116 12.60 19.44 6.75
CA MET A 116 13.32 19.39 5.48
C MET A 116 13.94 18.00 5.28
N THR A 117 13.95 17.56 4.02
CA THR A 117 14.50 16.25 3.70
C THR A 117 16.02 16.24 3.89
N ALA A 118 16.59 15.03 3.91
CA ALA A 118 18.02 14.88 4.10
C ALA A 118 18.81 15.44 2.92
N GLY A 119 18.29 15.28 1.70
CA GLY A 119 19.01 15.78 0.53
C GLY A 119 19.10 17.30 0.53
N ALA A 120 18.01 17.97 0.84
CA ALA A 120 18.01 19.43 0.90
C ALA A 120 18.93 19.93 1.99
N GLN A 121 18.89 19.28 3.16
CA GLN A 121 19.76 19.67 4.27
C GLN A 121 21.23 19.47 3.92
N GLN A 122 21.53 18.40 3.18
CA GLN A 122 22.91 18.15 2.76
C GLN A 122 23.36 19.18 1.72
N ALA A 123 22.47 19.53 0.79
CA ALA A 123 22.83 20.51 -0.23
C ALA A 123 22.98 21.90 0.35
N LEU A 124 22.26 22.19 1.44
CA LEU A 124 22.33 23.51 2.05
C LEU A 124 23.69 23.82 2.67
N ARG A 125 24.52 22.80 2.92
CA ARG A 125 25.80 23.01 3.59
C ARG A 125 26.70 23.94 2.78
N ARG A 126 27.09 23.51 1.58
CA ARG A 126 27.95 24.36 0.75
C ARG A 126 27.22 25.62 0.30
N THR A 127 25.89 25.54 0.18
CA THR A 127 25.10 26.72 -0.19
C THR A 127 25.26 27.84 0.84
N MET A 128 25.24 27.48 2.12
CA MET A 128 25.45 28.45 3.19
C MET A 128 26.93 28.71 3.47
N GLU A 129 27.82 27.84 3.00
CA GLU A 129 29.25 28.02 3.21
C GLU A 129 29.92 28.93 2.19
N LEU A 130 29.55 28.84 0.92
CA LEU A 130 30.16 29.67 -0.12
C LEU A 130 29.62 31.09 -0.14
N TYR A 131 28.44 31.33 0.43
CA TYR A 131 27.84 32.67 0.44
C TYR A 131 27.59 33.14 1.87
N SER A 132 28.50 32.80 2.78
CA SER A 132 28.41 33.19 4.19
C SER A 132 28.84 34.62 4.45
N ASN A 133 29.17 35.39 3.41
CA ASN A 133 29.57 36.79 3.56
C ASN A 133 28.51 37.75 3.04
N SER A 134 27.47 37.23 2.38
CA SER A 134 26.37 38.07 1.91
C SER A 134 25.02 37.42 2.13
N THR A 135 24.96 36.24 2.75
CA THR A 135 23.71 35.56 3.01
C THR A 135 23.84 34.78 4.31
N ARG A 136 22.85 34.92 5.19
CA ARG A 136 22.85 34.25 6.49
C ARG A 136 21.58 33.43 6.63
N PHE A 137 21.69 32.32 7.37
CA PHE A 137 20.61 31.35 7.50
C PHE A 137 20.14 31.28 8.94
N ALA A 138 18.82 31.36 9.13
CA ALA A 138 18.19 31.24 10.44
C ALA A 138 17.13 30.15 10.37
N PHE A 139 17.37 29.05 11.09
CA PHE A 139 16.45 27.92 11.15
C PHE A 139 15.63 28.03 12.42
N ALA A 140 14.36 27.67 12.34
CA ALA A 140 13.47 27.64 13.49
C ALA A 140 12.77 26.28 13.52
N CYS A 141 13.10 25.47 14.53
CA CYS A 141 12.59 24.11 14.60
C CYS A 141 12.18 23.80 16.04
N ASN A 142 11.56 22.63 16.22
CA ASN A 142 11.19 22.15 17.54
C ASN A 142 12.10 21.04 18.04
N GLN A 143 12.72 20.28 17.15
CA GLN A 143 13.65 19.22 17.52
C GLN A 143 14.96 19.45 16.78
N SER A 144 15.99 19.85 17.53
CA SER A 144 17.29 20.10 16.92
C SER A 144 17.95 18.81 16.43
N ASN A 145 17.52 17.66 16.95
CA ASN A 145 18.08 16.39 16.52
C ASN A 145 17.69 16.02 15.10
N LYS A 146 16.61 16.58 14.57
CA LYS A 146 16.20 16.28 13.20
C LYS A 146 17.09 16.94 12.16
N ILE A 147 17.86 17.96 12.55
CA ILE A 147 18.78 18.64 11.65
C ILE A 147 20.12 17.96 11.74
N ILE A 148 20.74 17.71 10.58
CA ILE A 148 22.01 16.97 10.55
C ILE A 148 23.10 17.74 11.29
N GLU A 149 24.07 17.00 11.81
CA GLU A 149 25.16 17.62 12.55
C GLU A 149 26.04 18.54 11.69
N PRO A 150 26.33 18.23 10.42
CA PRO A 150 27.09 19.21 9.60
C PRO A 150 26.42 20.58 9.52
N LEU A 151 25.09 20.63 9.42
CA LEU A 151 24.41 21.92 9.41
C LEU A 151 24.49 22.62 10.75
N GLN A 152 24.38 21.85 11.85
CA GLN A 152 24.47 22.45 13.17
C GLN A 152 25.88 22.94 13.48
N SER A 153 26.89 22.37 12.81
CA SER A 153 28.28 22.76 13.07
C SER A 153 28.61 24.13 12.51
N ARG A 154 27.84 24.61 11.52
CA ARG A 154 28.12 25.89 10.87
C ARG A 154 27.30 27.03 11.43
N CYS A 155 26.59 26.83 12.53
CA CYS A 155 25.66 27.82 13.04
C CYS A 155 25.65 27.83 14.56
N ALA A 156 25.13 28.90 15.13
CA ALA A 156 24.88 28.97 16.56
C ALA A 156 23.64 28.18 16.91
N ILE A 157 23.57 27.72 18.17
CA ILE A 157 22.45 26.92 18.66
C ILE A 157 21.79 27.68 19.81
N LEU A 158 20.54 28.06 19.62
CA LEU A 158 19.75 28.75 20.64
C LEU A 158 18.59 27.86 21.06
N ARG A 159 18.68 27.33 22.28
CA ARG A 159 17.64 26.46 22.83
C ARG A 159 16.71 27.29 23.71
N TYR A 160 15.48 27.49 23.25
CA TYR A 160 14.49 28.22 24.01
C TYR A 160 13.81 27.29 25.01
N SER A 161 13.55 27.82 26.20
CA SER A 161 12.98 27.07 27.29
C SER A 161 11.54 27.50 27.55
N LYS A 162 10.87 26.77 28.43
CA LYS A 162 9.50 27.09 28.81
C LYS A 162 9.45 28.46 29.49
N LEU A 163 8.29 29.10 29.38
CA LEU A 163 8.07 30.40 29.97
C LEU A 163 7.56 30.24 31.39
N SER A 164 8.26 30.84 32.35
CA SER A 164 7.87 30.74 33.75
C SER A 164 6.53 31.45 33.98
N ASP A 165 5.98 31.24 35.17
CA ASP A 165 4.68 31.80 35.51
C ASP A 165 4.70 33.32 35.45
N GLU A 166 5.81 33.94 35.88
CA GLU A 166 5.88 35.39 35.97
C GLU A 166 5.81 36.03 34.61
N ASP A 167 6.51 35.48 33.61
CA ASP A 167 6.55 36.09 32.30
C ASP A 167 5.19 36.05 31.62
N VAL A 168 4.52 34.90 31.67
CA VAL A 168 3.20 34.78 31.04
C VAL A 168 2.19 35.64 31.79
N LEU A 169 2.31 35.72 33.12
CA LEU A 169 1.42 36.59 33.88
C LEU A 169 1.62 38.05 33.49
N LYS A 170 2.88 38.48 33.32
CA LYS A 170 3.16 39.86 32.94
C LYS A 170 2.61 40.15 31.55
N ARG A 171 2.81 39.23 30.60
CA ARG A 171 2.30 39.44 29.25
C ARG A 171 0.78 39.50 29.24
N LEU A 172 0.11 38.64 30.01
CA LEU A 172 -1.35 38.67 30.08
C LEU A 172 -1.84 39.95 30.73
N LEU A 173 -1.13 40.45 31.74
CA LEU A 173 -1.50 41.72 32.36
C LEU A 173 -1.35 42.87 31.37
N GLN A 174 -0.27 42.85 30.58
CA GLN A 174 -0.10 43.86 29.55
C GLN A 174 -1.23 43.81 28.53
N ILE A 175 -1.60 42.60 28.10
CA ILE A 175 -2.70 42.47 27.13
C ILE A 175 -4.02 42.95 27.72
N ILE A 176 -4.28 42.64 28.99
CA ILE A 176 -5.52 43.09 29.63
C ILE A 176 -5.54 44.60 29.74
N LYS A 177 -4.41 45.21 30.10
CA LYS A 177 -4.33 46.66 30.18
C LYS A 177 -4.55 47.29 28.81
N LEU A 178 -4.03 46.65 27.75
CA LEU A 178 -4.21 47.17 26.41
C LEU A 178 -5.61 46.90 25.86
N GLU A 179 -6.37 45.99 26.47
CA GLU A 179 -7.69 45.64 25.96
C GLU A 179 -8.84 46.00 26.90
N ASP A 180 -8.55 46.41 28.13
CA ASP A 180 -9.58 46.81 29.10
C ASP A 180 -10.57 45.68 29.34
N VAL A 181 -10.05 44.60 29.92
CA VAL A 181 -10.82 43.40 30.21
C VAL A 181 -10.99 43.26 31.72
N LYS A 182 -12.17 42.81 32.13
CA LYS A 182 -12.44 42.52 33.54
C LYS A 182 -11.91 41.13 33.87
N TYR A 183 -11.07 41.04 34.89
CA TYR A 183 -10.42 39.79 35.25
C TYR A 183 -10.34 39.67 36.76
N THR A 184 -9.78 38.55 37.22
CA THR A 184 -9.56 38.31 38.65
C THR A 184 -8.31 37.45 38.79
N ASN A 185 -7.74 37.44 40.00
CA ASN A 185 -6.49 36.71 40.22
C ASN A 185 -6.65 35.22 39.99
N ASP A 186 -7.73 34.62 40.50
CA ASP A 186 -7.92 33.19 40.34
C ASP A 186 -8.15 32.81 38.88
N GLY A 187 -8.81 33.69 38.12
CA GLY A 187 -9.00 33.42 36.71
C GLY A 187 -7.69 33.40 35.94
N LEU A 188 -6.83 34.39 36.17
CA LEU A 188 -5.52 34.40 35.52
C LEU A 188 -4.68 33.22 35.99
N GLU A 189 -4.80 32.83 37.26
CA GLU A 189 -4.07 31.66 37.74
C GLU A 189 -4.52 30.40 37.03
N ALA A 190 -5.82 30.23 36.84
CA ALA A 190 -6.33 29.07 36.11
C ALA A 190 -5.89 29.11 34.65
N ILE A 191 -5.86 30.30 34.05
CA ILE A 191 -5.41 30.42 32.66
C ILE A 191 -3.95 29.97 32.54
N ILE A 192 -3.09 30.47 33.42
CA ILE A 192 -1.68 30.11 33.38
C ILE A 192 -1.50 28.62 33.68
N PHE A 193 -2.35 28.07 34.56
CA PHE A 193 -2.26 26.66 34.89
C PHE A 193 -2.63 25.79 33.69
N THR A 194 -3.66 26.18 32.95
CA THR A 194 -4.06 25.45 31.76
C THR A 194 -3.16 25.74 30.57
N ALA A 195 -2.30 26.76 30.64
CA ALA A 195 -1.42 27.08 29.53
C ALA A 195 -0.21 26.15 29.47
N GLU A 196 0.38 25.84 30.61
CA GLU A 196 1.57 24.99 30.70
C GLU A 196 2.72 25.57 29.87
N GLY A 197 3.11 26.79 30.21
CA GLY A 197 4.24 27.44 29.56
C GLY A 197 4.03 27.77 28.10
N ASP A 198 2.79 27.67 27.61
CA ASP A 198 2.48 27.95 26.21
C ASP A 198 1.85 29.33 26.14
N MET A 199 2.63 30.32 25.68
CA MET A 199 2.14 31.68 25.62
C MET A 199 1.04 31.84 24.58
N ARG A 200 1.22 31.22 23.41
CA ARG A 200 0.19 31.29 22.38
C ARG A 200 -1.11 30.67 22.86
N GLN A 201 -1.04 29.49 23.46
CA GLN A 201 -2.23 28.85 24.00
C GLN A 201 -2.84 29.68 25.11
N ALA A 202 -2.01 30.33 25.93
CA ALA A 202 -2.52 31.18 27.00
C ALA A 202 -3.32 32.36 26.44
N ILE A 203 -2.76 33.05 25.44
CA ILE A 203 -3.45 34.19 24.85
C ILE A 203 -4.71 33.73 24.13
N ASN A 204 -4.66 32.56 23.48
CA ASN A 204 -5.84 32.05 22.80
C ASN A 204 -6.96 31.73 23.79
N ASN A 205 -6.62 31.06 24.90
CA ASN A 205 -7.62 30.75 25.91
C ASN A 205 -8.17 32.02 26.54
N LEU A 206 -7.31 33.02 26.78
CA LEU A 206 -7.77 34.29 27.32
C LEU A 206 -8.77 34.96 26.38
N GLN A 207 -8.43 35.05 25.10
CA GLN A 207 -9.33 35.68 24.13
C GLN A 207 -10.63 34.91 24.01
N SER A 208 -10.56 33.58 24.02
CA SER A 208 -11.78 32.77 23.91
C SER A 208 -12.67 32.97 25.13
N THR A 209 -12.09 32.99 26.33
CA THR A 209 -12.87 33.22 27.54
C THR A 209 -13.49 34.62 27.53
N VAL A 210 -12.75 35.61 27.05
CA VAL A 210 -13.27 36.98 26.99
C VAL A 210 -14.45 37.05 26.03
N ALA A 211 -14.30 36.46 24.84
CA ALA A 211 -15.37 36.53 23.85
C ALA A 211 -16.53 35.61 24.17
N GLY A 212 -16.36 34.66 25.08
CA GLY A 212 -17.43 33.76 25.43
C GLY A 212 -18.20 34.15 26.69
N HIS A 213 -17.52 34.78 27.64
CA HIS A 213 -18.18 35.16 28.89
C HIS A 213 -17.94 36.61 29.31
N GLY A 214 -16.89 37.26 28.86
CA GLY A 214 -16.61 38.64 29.21
C GLY A 214 -15.74 38.84 30.42
N LEU A 215 -15.97 38.05 31.47
CA LEU A 215 -15.21 38.13 32.72
C LEU A 215 -14.27 36.94 32.80
N VAL A 216 -12.99 37.21 33.01
CA VAL A 216 -11.98 36.15 33.11
C VAL A 216 -11.93 35.64 34.53
N ASN A 217 -12.76 34.65 34.85
CA ASN A 217 -12.81 34.05 36.17
C ASN A 217 -12.50 32.57 36.07
N ALA A 218 -12.01 32.00 37.18
CA ALA A 218 -11.60 30.60 37.18
C ALA A 218 -12.74 29.67 36.82
N ASP A 219 -13.96 30.00 37.27
CA ASP A 219 -15.12 29.19 36.92
C ASP A 219 -15.35 29.18 35.41
N ASN A 220 -15.33 30.37 34.79
CA ASN A 220 -15.51 30.45 33.35
C ASN A 220 -14.40 29.72 32.60
N VAL A 221 -13.16 29.94 33.02
CA VAL A 221 -12.02 29.31 32.36
C VAL A 221 -12.12 27.79 32.45
N PHE A 222 -12.58 27.28 33.59
CA PHE A 222 -12.67 25.84 33.76
C PHE A 222 -13.87 25.26 33.00
N LYS A 223 -14.94 26.06 32.86
CA LYS A 223 -16.11 25.55 32.16
C LYS A 223 -15.94 25.60 30.64
N ILE A 224 -15.09 26.50 30.14
CA ILE A 224 -14.84 26.62 28.71
C ILE A 224 -13.60 25.82 28.31
N VAL A 225 -12.55 25.88 29.13
CA VAL A 225 -11.27 25.22 28.80
C VAL A 225 -11.02 24.17 29.86
N ASP A 226 -11.38 22.92 29.59
CA ASP A 226 -11.28 21.86 30.64
C ASP A 226 -9.88 21.79 31.22
N SER A 227 -9.79 21.35 32.48
CA SER A 227 -8.48 21.29 33.18
C SER A 227 -7.50 20.48 32.36
N PRO A 228 -6.19 20.70 32.55
CA PRO A 228 -5.21 19.92 31.85
C PRO A 228 -5.56 18.43 31.90
N HIS A 229 -5.54 17.76 30.76
CA HIS A 229 -5.74 16.31 30.67
C HIS A 229 -4.69 15.53 31.44
N PRO A 230 -3.38 15.82 31.34
CA PRO A 230 -2.39 14.98 32.04
C PRO A 230 -2.50 15.03 33.55
N LEU A 231 -3.02 16.11 34.14
CA LEU A 231 -3.03 16.22 35.59
C LEU A 231 -4.06 15.28 36.22
N ILE A 232 -5.24 15.17 35.61
CA ILE A 232 -6.23 14.23 36.12
C ILE A 232 -5.74 12.79 35.95
N VAL A 233 -5.04 12.50 34.86
CA VAL A 233 -4.49 11.16 34.66
C VAL A 233 -3.44 10.87 35.71
N LYS A 234 -2.59 11.85 36.03
CA LYS A 234 -1.58 11.68 37.07
C LYS A 234 -2.22 11.44 38.42
N LYS A 235 -3.25 12.21 38.76
CA LYS A 235 -3.96 12.00 40.01
C LYS A 235 -4.66 10.64 40.05
N MET A 236 -5.09 10.13 38.90
CA MET A 236 -5.70 8.80 38.85
C MET A 236 -4.65 7.71 39.06
N LEU A 237 -3.49 7.84 38.43
CA LEU A 237 -2.44 6.83 38.59
C LEU A 237 -1.81 6.90 39.98
N LEU A 238 -1.68 8.09 40.54
CA LEU A 238 -1.07 8.24 41.86
C LEU A 238 -2.04 7.96 43.00
N ALA A 239 -3.23 7.46 42.71
CA ALA A 239 -4.18 7.15 43.77
C ALA A 239 -3.67 6.02 44.64
N SER A 240 -4.03 6.07 45.92
CA SER A 240 -3.58 5.06 46.89
C SER A 240 -4.51 3.86 46.97
N ASN A 241 -5.81 4.06 46.79
CA ASN A 241 -6.79 2.99 46.85
C ASN A 241 -7.41 2.78 45.48
N LEU A 242 -7.82 1.55 45.21
CA LEU A 242 -8.33 1.20 43.89
C LEU A 242 -9.65 1.90 43.60
N GLU A 243 -10.54 1.98 44.59
CA GLU A 243 -11.83 2.61 44.38
C GLU A 243 -11.72 4.08 44.02
N ASP A 244 -10.76 4.80 44.62
CA ASP A 244 -10.58 6.21 44.28
C ASP A 244 -10.16 6.38 42.83
N SER A 245 -9.17 5.59 42.39
CA SER A 245 -8.75 5.64 40.99
C SER A 245 -9.87 5.26 40.04
N ILE A 246 -10.66 4.25 40.41
CA ILE A 246 -11.78 3.83 39.56
C ILE A 246 -12.82 4.94 39.46
N GLN A 247 -13.14 5.60 40.58
CA GLN A 247 -14.11 6.69 40.54
C GLN A 247 -13.59 7.87 39.72
N ILE A 248 -12.29 8.15 39.84
CA ILE A 248 -11.69 9.24 39.04
C ILE A 248 -11.78 8.91 37.56
N LEU A 249 -11.40 7.69 37.18
CA LEU A 249 -11.46 7.29 35.78
C LEU A 249 -12.89 7.34 35.26
N ARG A 250 -13.85 6.95 36.09
CA ARG A 250 -15.25 6.93 35.66
C ARG A 250 -15.80 8.33 35.47
N THR A 251 -15.66 9.18 36.50
CA THR A 251 -16.31 10.49 36.47
C THR A 251 -15.55 11.49 35.62
N ASP A 252 -14.24 11.64 35.86
CA ASP A 252 -13.48 12.72 35.22
C ASP A 252 -13.20 12.42 33.75
N LEU A 253 -12.83 11.17 33.44
CA LEU A 253 -12.39 10.82 32.09
C LEU A 253 -13.46 10.14 31.26
N TRP A 254 -14.08 9.08 31.77
CA TRP A 254 -15.01 8.29 30.96
C TRP A 254 -16.36 8.97 30.81
N LYS A 255 -16.88 9.61 31.86
CA LYS A 255 -18.18 10.26 31.78
C LYS A 255 -18.13 11.60 31.06
N LYS A 256 -16.94 12.09 30.71
CA LYS A 256 -16.81 13.37 30.02
C LYS A 256 -16.49 13.22 28.54
N GLY A 257 -16.36 11.99 28.04
CA GLY A 257 -16.17 11.75 26.63
C GLY A 257 -14.75 11.55 26.18
N TYR A 258 -13.81 11.30 27.09
CA TYR A 258 -12.43 11.06 26.71
C TYR A 258 -12.27 9.63 26.18
N SER A 259 -11.73 9.52 24.97
CA SER A 259 -11.56 8.22 24.35
C SER A 259 -10.52 7.39 25.11
N SER A 260 -10.64 6.07 24.99
CA SER A 260 -9.74 5.18 25.71
C SER A 260 -8.31 5.29 25.19
N ILE A 261 -8.15 5.54 23.89
CA ILE A 261 -6.81 5.70 23.34
C ILE A 261 -6.11 6.91 23.94
N ASP A 262 -6.82 8.04 24.04
CA ASP A 262 -6.25 9.22 24.67
C ASP A 262 -5.91 8.96 26.12
N ILE A 263 -6.77 8.23 26.84
CA ILE A 263 -6.53 7.94 28.25
C ILE A 263 -5.27 7.10 28.42
N VAL A 264 -5.12 6.05 27.61
CA VAL A 264 -3.98 5.16 27.77
C VAL A 264 -2.70 5.85 27.31
N THR A 265 -2.80 6.66 26.27
CA THR A 265 -1.58 7.30 25.73
C THR A 265 -1.17 8.42 26.68
N THR A 266 -2.14 9.20 27.13
CA THR A 266 -1.82 10.24 28.14
C THR A 266 -1.25 9.49 29.34
N SER A 267 -1.79 8.31 29.63
CA SER A 267 -1.32 7.54 30.81
C SER A 267 0.15 7.19 30.62
N PHE A 268 0.49 6.65 29.45
CA PHE A 268 1.90 6.34 29.17
C PHE A 268 2.75 7.59 29.38
N ARG A 269 2.33 8.71 28.81
CA ARG A 269 3.21 9.90 28.94
C ARG A 269 3.40 10.22 30.42
N VAL A 270 2.31 10.30 31.17
CA VAL A 270 2.40 10.66 32.60
C VAL A 270 3.43 9.75 33.24
N THR A 271 3.29 8.43 33.03
CA THR A 271 4.20 7.50 33.73
C THR A 271 5.65 7.78 33.32
N LYS A 272 5.92 7.75 32.02
CA LYS A 272 7.30 7.97 31.53
C LYS A 272 7.87 9.20 32.23
N ASN A 273 7.07 10.26 32.33
CA ASN A 273 7.58 11.50 32.90
C ASN A 273 7.35 11.59 34.41
N LEU A 274 7.03 10.48 35.06
CA LEU A 274 6.80 10.49 36.50
C LEU A 274 8.12 10.48 37.27
N ALA A 275 8.11 11.10 38.45
CA ALA A 275 9.28 11.15 39.31
C ALA A 275 8.99 10.85 40.77
N GLN A 276 7.73 10.59 41.13
CA GLN A 276 7.39 10.35 42.52
C GLN A 276 7.82 8.94 42.96
N VAL A 277 7.69 7.97 42.08
CA VAL A 277 7.97 6.58 42.40
C VAL A 277 9.29 6.18 41.75
N LYS A 278 9.76 4.98 42.12
CA LYS A 278 11.07 4.51 41.69
C LYS A 278 11.07 4.13 40.21
N GLU A 279 12.21 3.64 39.75
CA GLU A 279 12.39 3.31 38.34
C GLU A 279 11.75 1.98 37.99
N SER A 280 11.94 0.97 38.85
CA SER A 280 11.43 -0.36 38.55
C SER A 280 9.90 -0.39 38.55
N VAL A 281 9.27 0.26 39.52
CA VAL A 281 7.82 0.29 39.57
C VAL A 281 7.27 1.11 38.41
N ARG A 282 7.99 2.16 38.01
CA ARG A 282 7.60 2.92 36.83
C ARG A 282 7.67 2.06 35.58
N LEU A 283 8.72 1.25 35.45
CA LEU A 283 8.84 0.37 34.29
C LEU A 283 7.74 -0.69 34.28
N GLU A 284 7.38 -1.22 35.45
CA GLU A 284 6.30 -2.20 35.51
C GLU A 284 4.96 -1.56 35.16
N MET A 285 4.72 -0.33 35.64
CA MET A 285 3.49 0.37 35.29
C MET A 285 3.44 0.67 33.79
N ILE A 286 4.58 1.04 33.20
CA ILE A 286 4.63 1.26 31.76
C ILE A 286 4.37 -0.03 31.00
N LYS A 287 4.91 -1.14 31.50
CA LYS A 287 4.65 -2.44 30.89
C LYS A 287 3.16 -2.77 30.90
N GLU A 288 2.50 -2.56 32.03
CA GLU A 288 1.06 -2.83 32.12
C GLU A 288 0.26 -1.89 31.22
N ILE A 289 0.65 -0.62 31.17
CA ILE A 289 -0.04 0.35 30.33
C ILE A 289 0.12 -0.02 28.86
N GLY A 290 1.16 -0.80 28.59
CA GLY A 290 1.37 -1.26 27.21
C GLY A 290 0.41 -2.34 26.75
N LEU A 291 0.09 -3.30 27.62
CA LEU A 291 -0.75 -4.44 27.19
C LEU A 291 -2.12 -3.85 26.92
N THR A 292 -2.51 -2.89 27.75
CA THR A 292 -3.85 -2.30 27.59
C THR A 292 -3.85 -1.59 26.25
N HIS A 293 -2.76 -0.91 25.91
CA HIS A 293 -2.66 -0.22 24.61
C HIS A 293 -2.76 -1.21 23.47
N MET A 294 -2.04 -2.34 23.54
CA MET A 294 -2.05 -3.33 22.44
C MET A 294 -3.49 -3.82 22.28
N ARG A 295 -4.18 -4.07 23.39
CA ARG A 295 -5.55 -4.60 23.33
C ARG A 295 -6.51 -3.56 22.78
N ILE A 296 -6.22 -2.29 23.02
CA ILE A 296 -7.12 -1.20 22.55
C ILE A 296 -6.83 -0.95 21.07
N LEU A 297 -5.61 -1.22 20.63
CA LEU A 297 -5.23 -0.95 19.21
C LEU A 297 -5.81 -2.11 18.42
N GLU A 298 -5.99 -3.23 19.09
CA GLU A 298 -6.64 -4.32 18.38
C GLU A 298 -8.16 -4.17 18.35
N GLY A 299 -8.71 -3.08 18.88
CA GLY A 299 -10.14 -2.86 18.89
C GLY A 299 -10.87 -3.36 20.11
N VAL A 300 -10.13 -3.73 21.17
CA VAL A 300 -10.75 -4.25 22.39
C VAL A 300 -10.78 -3.13 23.43
N GLY A 301 -10.74 -1.88 22.96
CA GLY A 301 -10.68 -0.75 23.86
C GLY A 301 -11.98 -0.44 24.55
N THR A 302 -12.07 -0.75 25.84
CA THR A 302 -13.24 -0.53 26.65
C THR A 302 -12.81 -0.03 28.03
N TYR A 303 -13.79 0.14 28.91
CA TYR A 303 -13.49 0.56 30.28
C TYR A 303 -12.91 -0.59 31.10
N LEU A 304 -13.28 -1.83 30.78
CA LEU A 304 -12.78 -2.98 31.53
C LEU A 304 -11.28 -3.13 31.37
N GLN A 305 -10.76 -2.85 30.18
CA GLN A 305 -9.32 -2.96 29.97
C GLN A 305 -8.55 -1.93 30.78
N LEU A 306 -9.04 -0.69 30.83
CA LEU A 306 -8.39 0.33 31.64
C LEU A 306 -8.50 0.02 33.13
N ALA A 307 -9.64 -0.54 33.55
CA ALA A 307 -9.80 -0.94 34.94
C ALA A 307 -8.81 -2.05 35.30
N SER A 308 -8.63 -3.01 34.41
CA SER A 308 -7.66 -4.09 34.65
C SER A 308 -6.23 -3.55 34.65
N MET A 309 -5.94 -2.58 33.79
CA MET A 309 -4.62 -1.95 33.80
C MET A 309 -4.36 -1.25 35.13
N LEU A 310 -5.34 -0.51 35.64
CA LEU A 310 -5.18 0.14 36.93
C LEU A 310 -5.03 -0.88 38.05
N ALA A 311 -5.79 -1.98 37.97
CA ALA A 311 -5.68 -3.03 38.98
C ALA A 311 -4.31 -3.67 38.97
N LYS A 312 -3.74 -3.90 37.78
CA LYS A 312 -2.40 -4.48 37.70
C LYS A 312 -1.35 -3.50 38.20
N ILE A 313 -1.52 -2.20 37.90
CA ILE A 313 -0.58 -1.20 38.41
C ILE A 313 -0.63 -1.15 39.93
N HIS A 314 -1.83 -1.24 40.50
CA HIS A 314 -1.94 -1.24 41.96
C HIS A 314 -1.37 -2.51 42.57
N LYS A 315 -1.55 -3.65 41.90
CA LYS A 315 -0.96 -4.89 42.37
C LYS A 315 0.56 -4.83 42.34
N LEU A 316 1.13 -4.18 41.33
CA LEU A 316 2.57 -3.95 41.30
C LEU A 316 2.98 -3.04 42.45
N ASN A 317 2.20 -1.98 42.70
CA ASN A 317 2.47 -1.11 43.83
C ASN A 317 2.09 -1.75 45.15
N ASN A 318 1.45 -2.91 45.13
CA ASN A 318 1.05 -3.61 46.35
C ASN A 318 2.17 -4.48 46.89
N LYS A 319 3.41 -4.13 46.55
CA LYS A 319 4.61 -4.86 46.99
C LYS A 319 4.59 -6.29 46.49
N SER B 1 -36.28 12.31 -1.97
CA SER B 1 -37.04 12.66 -0.79
C SER B 1 -36.31 12.24 0.49
N LYS B 2 -36.58 12.96 1.58
CA LYS B 2 -35.94 12.65 2.85
C LYS B 2 -36.51 11.41 3.53
N GLU B 3 -37.64 10.90 3.04
CA GLU B 3 -38.25 9.70 3.60
C GLU B 3 -37.49 8.42 3.22
N ASN B 4 -36.49 8.53 2.36
CA ASN B 4 -35.68 7.38 1.97
C ASN B 4 -34.37 7.29 2.74
N LEU B 5 -33.94 8.38 3.35
CA LEU B 5 -32.71 8.35 4.14
C LEU B 5 -32.95 7.60 5.45
N PRO B 6 -31.91 6.97 6.01
CA PRO B 6 -32.06 6.36 7.33
C PRO B 6 -32.31 7.40 8.41
N TRP B 7 -32.75 6.94 9.57
CA TRP B 7 -33.09 7.87 10.65
C TRP B 7 -31.88 8.64 11.14
N VAL B 8 -30.68 8.06 10.99
CA VAL B 8 -29.46 8.77 11.39
C VAL B 8 -29.19 9.94 10.45
N GLU B 9 -29.52 9.75 9.17
CA GLU B 9 -29.28 10.79 8.19
C GLU B 9 -30.48 11.72 8.04
N LYS B 10 -31.70 11.17 8.17
CA LYS B 10 -32.90 11.97 8.02
C LYS B 10 -33.00 13.03 9.10
N TYR B 11 -32.65 12.68 10.35
CA TYR B 11 -32.76 13.58 11.47
C TYR B 11 -31.45 14.30 11.78
N ARG B 12 -30.63 14.56 10.77
CA ARG B 12 -29.40 15.31 10.97
C ARG B 12 -29.75 16.77 11.25
N PRO B 13 -29.19 17.38 12.29
CA PRO B 13 -29.54 18.77 12.60
C PRO B 13 -29.05 19.71 11.50
N GLU B 14 -29.94 20.63 11.10
CA GLU B 14 -29.62 21.62 10.10
C GLU B 14 -29.36 23.01 10.69
N THR B 15 -29.86 23.29 11.89
CA THR B 15 -29.61 24.54 12.58
C THR B 15 -28.96 24.25 13.92
N LEU B 16 -28.33 25.28 14.50
CA LEU B 16 -27.66 25.13 15.79
C LEU B 16 -28.63 24.89 16.93
N ASP B 17 -29.93 25.13 16.73
CA ASP B 17 -30.92 24.89 17.77
C ASP B 17 -31.37 23.44 17.84
N GLU B 18 -30.98 22.61 16.88
CA GLU B 18 -31.34 21.20 16.87
C GLU B 18 -30.21 20.31 17.38
N VAL B 19 -29.12 20.89 17.84
CA VAL B 19 -27.98 20.14 18.37
C VAL B 19 -28.14 20.12 19.89
N TYR B 20 -28.63 19.00 20.42
CA TYR B 20 -28.84 18.87 21.84
C TYR B 20 -27.58 18.32 22.52
N GLY B 21 -27.59 18.34 23.84
CA GLY B 21 -26.46 17.82 24.62
C GLY B 21 -25.35 18.81 24.86
N GLN B 22 -24.86 19.44 23.79
CA GLN B 22 -23.79 20.42 23.90
C GLN B 22 -24.42 21.81 24.06
N ASN B 23 -24.31 22.38 25.25
CA ASN B 23 -24.85 23.71 25.54
C ASN B 23 -23.75 24.73 25.80
N GLU B 24 -22.73 24.35 26.57
CA GLU B 24 -21.66 25.29 26.90
C GLU B 24 -20.82 25.65 25.68
N VAL B 25 -20.67 24.72 24.74
CA VAL B 25 -19.89 25.00 23.54
C VAL B 25 -20.76 25.64 22.46
N ILE B 26 -22.04 25.23 22.38
CA ILE B 26 -22.92 25.79 21.37
C ILE B 26 -23.16 27.27 21.62
N THR B 27 -23.43 27.65 22.87
CA THR B 27 -23.66 29.05 23.21
C THR B 27 -22.39 29.87 22.97
N THR B 28 -21.23 29.32 23.33
CA THR B 28 -19.97 30.02 23.12
C THR B 28 -19.69 30.23 21.63
N VAL B 29 -20.00 29.23 20.80
CA VAL B 29 -19.79 29.37 19.36
C VAL B 29 -20.76 30.37 18.77
N ARG B 30 -22.02 30.35 19.23
CA ARG B 30 -22.99 31.34 18.77
C ARG B 30 -22.53 32.75 19.11
N LYS B 31 -21.99 32.94 20.34
CA LYS B 31 -21.48 34.24 20.72
C LYS B 31 -20.26 34.63 19.89
N PHE B 32 -19.37 33.67 19.62
CA PHE B 32 -18.22 33.92 18.76
C PHE B 32 -18.65 34.45 17.41
N VAL B 33 -19.67 33.82 16.82
CA VAL B 33 -20.11 34.19 15.48
C VAL B 33 -20.90 35.49 15.47
N ASP B 34 -21.73 35.74 16.49
CA ASP B 34 -22.49 36.99 16.53
C ASP B 34 -21.57 38.18 16.78
N GLU B 35 -20.65 38.06 17.73
CA GLU B 35 -19.75 39.16 18.02
C GLU B 35 -18.65 39.30 16.97
N GLY B 36 -18.37 38.24 16.20
CA GLY B 36 -17.43 38.29 15.11
C GLY B 36 -16.12 37.56 15.34
N LYS B 37 -15.65 37.50 16.58
CA LYS B 37 -14.38 36.83 16.87
C LYS B 37 -14.54 35.32 16.90
N LEU B 38 -14.41 34.68 15.74
CA LEU B 38 -14.47 33.23 15.65
C LEU B 38 -13.06 32.68 15.47
N PRO B 39 -12.45 32.10 16.49
CA PRO B 39 -11.09 31.57 16.34
C PRO B 39 -11.06 30.21 15.67
N HIS B 40 -9.87 29.65 15.50
CA HIS B 40 -9.73 28.32 14.92
C HIS B 40 -10.25 27.28 15.91
N LEU B 41 -11.21 26.48 15.47
CA LEU B 41 -11.91 25.56 16.36
C LEU B 41 -11.35 24.15 16.24
N LEU B 42 -11.35 23.44 17.36
CA LEU B 42 -10.93 22.04 17.41
C LEU B 42 -11.99 21.27 18.18
N PHE B 43 -12.90 20.62 17.46
CA PHE B 43 -13.98 19.86 18.07
C PHE B 43 -13.48 18.45 18.33
N TYR B 44 -13.16 18.15 19.59
CA TYR B 44 -12.67 16.83 19.98
C TYR B 44 -13.75 16.10 20.77
N GLY B 45 -14.03 14.86 20.37
CA GLY B 45 -15.04 14.09 21.05
C GLY B 45 -15.27 12.71 20.47
N PRO B 46 -16.06 11.90 21.18
CA PRO B 46 -16.35 10.54 20.73
C PRO B 46 -17.27 10.55 19.52
N PRO B 47 -17.37 9.42 18.80
CA PRO B 47 -18.27 9.37 17.65
C PRO B 47 -19.72 9.47 18.08
N GLY B 48 -20.51 10.13 17.23
CA GLY B 48 -21.93 10.27 17.47
C GLY B 48 -22.33 11.34 18.46
N THR B 49 -21.43 12.28 18.78
CA THR B 49 -21.74 13.36 19.70
C THR B 49 -22.29 14.59 19.01
N GLY B 50 -22.08 14.74 17.70
CA GLY B 50 -22.66 15.85 16.98
C GLY B 50 -21.67 16.95 16.63
N LYS B 51 -20.42 16.57 16.33
CA LYS B 51 -19.43 17.56 15.93
C LYS B 51 -19.62 17.99 14.48
N THR B 52 -19.78 17.01 13.58
CA THR B 52 -19.99 17.33 12.17
C THR B 52 -21.30 18.09 11.97
N SER B 53 -22.36 17.65 12.66
CA SER B 53 -23.63 18.35 12.57
C SER B 53 -23.50 19.77 13.10
N THR B 54 -22.76 19.94 14.21
CA THR B 54 -22.56 21.27 14.78
C THR B 54 -21.86 22.19 13.80
N ILE B 55 -20.76 21.72 13.21
CA ILE B 55 -20.01 22.59 12.31
C ILE B 55 -20.77 22.84 11.02
N VAL B 56 -21.57 21.87 10.55
CA VAL B 56 -22.37 22.09 9.35
C VAL B 56 -23.45 23.14 9.60
N ALA B 57 -24.16 23.02 10.73
CA ALA B 57 -25.16 24.02 11.09
C ALA B 57 -24.52 25.38 11.32
N LEU B 58 -23.29 25.41 11.85
CA LEU B 58 -22.60 26.68 12.04
C LEU B 58 -22.28 27.34 10.72
N ALA B 59 -21.73 26.57 9.77
CA ALA B 59 -21.43 27.13 8.45
C ALA B 59 -22.70 27.57 7.74
N ARG B 60 -23.80 26.83 7.94
CA ARG B 60 -25.09 27.23 7.37
C ARG B 60 -25.55 28.57 7.95
N GLU B 61 -25.47 28.72 9.27
CA GLU B 61 -25.84 29.98 9.91
C GLU B 61 -24.93 31.13 9.50
N ILE B 62 -23.66 30.84 9.19
CA ILE B 62 -22.70 31.89 8.83
C ILE B 62 -22.90 32.34 7.39
N TYR B 63 -22.95 31.41 6.45
CA TYR B 63 -22.97 31.75 5.03
C TYR B 63 -24.34 31.63 4.38
N GLY B 64 -25.32 31.04 5.05
CA GLY B 64 -26.64 30.91 4.48
C GLY B 64 -26.85 29.55 3.84
N LYS B 65 -27.74 29.52 2.85
CA LYS B 65 -28.08 28.27 2.16
C LYS B 65 -27.02 27.87 1.16
N ASN B 66 -26.13 28.79 0.78
CA ASN B 66 -25.06 28.50 -0.18
C ASN B 66 -23.80 27.95 0.50
N TYR B 67 -23.94 27.33 1.66
CA TYR B 67 -22.82 26.80 2.44
C TYR B 67 -21.94 25.87 1.61
N SER B 68 -22.55 25.05 0.76
CA SER B 68 -21.81 24.04 0.00
C SER B 68 -20.81 24.63 -0.99
N ASN B 69 -20.79 25.95 -1.16
CA ASN B 69 -19.88 26.59 -2.10
C ASN B 69 -18.86 27.50 -1.44
N MET B 70 -19.21 28.13 -0.32
CA MET B 70 -18.32 29.07 0.36
C MET B 70 -17.44 28.40 1.41
N VAL B 71 -17.52 27.08 1.58
CA VAL B 71 -16.78 26.35 2.59
C VAL B 71 -16.00 25.23 1.94
N LEU B 72 -14.75 25.05 2.34
CA LEU B 72 -13.90 23.98 1.84
C LEU B 72 -13.90 22.86 2.88
N GLU B 73 -14.61 21.78 2.61
CA GLU B 73 -14.76 20.67 3.53
C GLU B 73 -13.92 19.49 3.04
N LEU B 74 -12.89 19.15 3.81
CA LEU B 74 -12.04 18.01 3.52
C LEU B 74 -12.15 16.99 4.64
N ASN B 75 -12.04 15.72 4.27
CA ASN B 75 -12.22 14.62 5.23
C ASN B 75 -11.27 13.49 4.87
N ALA B 76 -11.35 12.40 5.62
CA ALA B 76 -10.48 11.25 5.37
C ALA B 76 -10.79 10.56 4.06
N SER B 77 -12.06 10.64 3.61
CA SER B 77 -12.43 10.07 2.32
C SER B 77 -11.68 10.73 1.17
N ASP B 78 -11.37 12.01 1.27
CA ASP B 78 -10.60 12.71 0.27
C ASP B 78 -9.10 12.58 0.56
N ASP B 79 -8.30 12.63 -0.50
CA ASP B 79 -6.85 12.55 -0.38
C ASP B 79 -6.33 13.81 0.32
N ARG B 80 -5.79 13.65 1.52
CA ARG B 80 -5.24 14.76 2.30
C ARG B 80 -3.76 14.48 2.56
N GLY B 81 -2.91 14.91 1.64
CA GLY B 81 -1.48 14.82 1.81
C GLY B 81 -0.84 16.19 1.98
N ILE B 82 0.50 16.21 1.93
CA ILE B 82 1.19 17.48 2.06
C ILE B 82 1.06 18.29 0.78
N ASP B 83 1.14 17.64 -0.39
CA ASP B 83 0.94 18.36 -1.65
C ASP B 83 -0.50 18.83 -1.79
N VAL B 84 -1.47 18.01 -1.36
CA VAL B 84 -2.86 18.43 -1.35
C VAL B 84 -3.03 19.69 -0.52
N VAL B 85 -2.43 19.71 0.68
CA VAL B 85 -2.45 20.93 1.49
C VAL B 85 -1.86 22.09 0.69
N ARG B 86 -0.58 21.96 0.31
CA ARG B 86 0.16 23.01 -0.37
C ARG B 86 -0.64 23.64 -1.50
N ASN B 87 -1.28 22.82 -2.33
CA ASN B 87 -2.03 23.36 -3.45
C ASN B 87 -3.41 23.85 -3.01
N GLN B 88 -4.27 22.92 -2.59
CA GLN B 88 -5.68 23.24 -2.41
C GLN B 88 -5.90 24.20 -1.24
N ILE B 89 -5.35 23.86 -0.06
CA ILE B 89 -5.68 24.64 1.12
C ILE B 89 -5.06 26.03 1.02
N LYS B 90 -3.84 26.13 0.48
CA LYS B 90 -3.20 27.43 0.36
C LYS B 90 -3.87 28.29 -0.71
N ASP B 91 -4.31 27.67 -1.81
CA ASP B 91 -5.01 28.44 -2.83
C ASP B 91 -6.39 28.88 -2.34
N PHE B 92 -7.01 28.08 -1.46
CA PHE B 92 -8.30 28.48 -0.89
C PHE B 92 -8.12 29.60 0.12
N ALA B 93 -7.08 29.52 0.95
CA ALA B 93 -6.87 30.52 1.99
C ALA B 93 -6.40 31.84 1.40
N SER B 94 -5.52 31.80 0.41
CA SER B 94 -4.97 33.01 -0.17
C SER B 94 -5.97 33.78 -1.01
N THR B 95 -6.91 33.09 -1.65
CA THR B 95 -7.89 33.75 -2.51
C THR B 95 -9.11 34.13 -1.68
N ARG B 96 -10.13 34.69 -2.34
CA ARG B 96 -11.34 35.13 -1.68
C ARG B 96 -12.55 34.38 -2.26
N GLN B 97 -13.73 34.73 -1.75
CA GLN B 97 -14.95 34.02 -2.10
C GLN B 97 -15.46 34.45 -3.47
N ILE B 98 -16.06 33.50 -4.19
CA ILE B 98 -16.59 33.78 -5.51
C ILE B 98 -18.09 34.09 -5.48
N PHE B 99 -18.74 33.92 -4.33
CA PHE B 99 -20.19 34.11 -4.22
C PHE B 99 -20.59 35.31 -3.37
N SER B 100 -19.78 35.70 -2.39
CA SER B 100 -20.11 36.81 -1.52
C SER B 100 -18.80 37.38 -0.96
N LYS B 101 -18.92 38.24 0.05
CA LYS B 101 -17.77 38.86 0.70
C LYS B 101 -17.77 38.47 2.17
N GLY B 102 -16.64 37.98 2.65
CA GLY B 102 -16.51 37.56 4.02
C GLY B 102 -15.39 36.55 4.18
N PHE B 103 -15.14 36.17 5.43
CA PHE B 103 -14.10 35.20 5.73
C PHE B 103 -14.49 33.82 5.21
N LYS B 104 -13.48 32.98 5.01
CA LYS B 104 -13.67 31.62 4.53
C LYS B 104 -13.62 30.63 5.67
N LEU B 105 -14.07 29.41 5.39
CA LEU B 105 -14.14 28.34 6.38
C LEU B 105 -13.60 27.06 5.77
N ILE B 106 -12.59 26.47 6.41
CA ILE B 106 -12.01 25.20 6.03
C ILE B 106 -12.32 24.19 7.13
N ILE B 107 -13.16 23.21 6.80
CA ILE B 107 -13.60 22.19 7.76
C ILE B 107 -12.79 20.93 7.47
N LEU B 108 -11.78 20.68 8.30
CA LEU B 108 -10.95 19.47 8.19
C LEU B 108 -11.56 18.41 9.09
N ASP B 109 -12.61 17.75 8.57
CA ASP B 109 -13.28 16.71 9.34
C ASP B 109 -12.44 15.45 9.38
N GLU B 110 -12.44 14.79 10.54
CA GLU B 110 -11.68 13.56 10.75
C GLU B 110 -10.20 13.76 10.43
N ALA B 111 -9.64 14.89 10.89
CA ALA B 111 -8.25 15.22 10.62
C ALA B 111 -7.26 14.44 11.46
N ASP B 112 -7.73 13.45 12.23
CA ASP B 112 -6.85 12.59 13.01
C ASP B 112 -6.18 11.52 12.14
N ALA B 113 -6.55 11.41 10.87
CA ALA B 113 -5.94 10.47 9.95
C ALA B 113 -4.98 11.15 8.98
N MET B 114 -4.66 12.42 9.20
CA MET B 114 -3.74 13.15 8.34
C MET B 114 -2.29 12.79 8.67
N THR B 115 -1.43 12.92 7.67
CA THR B 115 -0.01 12.63 7.85
C THR B 115 0.65 13.71 8.71
N ASN B 116 1.75 13.34 9.36
CA ASN B 116 2.49 14.29 10.19
C ASN B 116 3.06 15.42 9.34
N ALA B 117 3.52 15.10 8.13
CA ALA B 117 4.03 16.13 7.23
C ALA B 117 2.92 17.08 6.81
N ALA B 118 1.72 16.56 6.59
CA ALA B 118 0.59 17.43 6.24
C ALA B 118 0.27 18.40 7.36
N GLN B 119 0.27 17.93 8.61
CA GLN B 119 0.02 18.82 9.74
C GLN B 119 1.16 19.82 9.92
N ASN B 120 2.39 19.39 9.67
CA ASN B 120 3.53 20.31 9.79
C ASN B 120 3.47 21.39 8.72
N ALA B 121 2.93 21.06 7.55
CA ALA B 121 2.77 22.08 6.51
C ALA B 121 1.56 22.96 6.77
N LEU B 122 0.52 22.42 7.42
CA LEU B 122 -0.70 23.18 7.65
C LEU B 122 -0.59 24.11 8.86
N ARG B 123 0.27 23.78 9.82
CA ARG B 123 0.40 24.61 11.01
C ARG B 123 0.92 26.01 10.69
N ARG B 124 1.61 26.18 9.57
CA ARG B 124 2.05 27.50 9.12
C ARG B 124 1.06 28.13 8.14
N VAL B 125 0.16 27.34 7.56
CA VAL B 125 -0.94 27.89 6.78
C VAL B 125 -1.98 28.52 7.69
N ILE B 126 -2.24 27.89 8.84
CA ILE B 126 -3.20 28.44 9.80
C ILE B 126 -2.68 29.74 10.39
N GLU B 127 -1.36 29.85 10.61
CA GLU B 127 -0.78 31.02 11.22
C GLU B 127 -0.55 32.17 10.25
N ARG B 128 -0.36 31.87 8.96
CA ARG B 128 -0.14 32.91 7.95
C ARG B 128 -1.43 33.51 7.43
N TYR B 129 -2.35 32.68 6.94
CA TYR B 129 -3.65 33.14 6.47
C TYR B 129 -4.64 33.02 7.61
N THR B 130 -4.73 34.09 8.41
CA THR B 130 -5.62 34.10 9.56
C THR B 130 -6.52 35.33 9.61
N LYS B 131 -6.47 36.19 8.59
CA LYS B 131 -7.32 37.36 8.53
C LYS B 131 -8.47 37.20 7.54
N ASN B 132 -8.39 36.22 6.63
CA ASN B 132 -9.44 35.99 5.65
C ASN B 132 -10.04 34.60 5.69
N THR B 133 -9.52 33.68 6.49
CA THR B 133 -10.04 32.34 6.56
C THR B 133 -9.86 31.78 7.97
N ARG B 134 -10.62 30.73 8.27
CA ARG B 134 -10.55 30.06 9.56
C ARG B 134 -10.43 28.55 9.35
N PHE B 135 -10.06 27.86 10.42
CA PHE B 135 -9.84 26.42 10.38
C PHE B 135 -10.64 25.73 11.48
N CYS B 136 -11.30 24.64 11.13
CA CYS B 136 -12.03 23.81 12.06
C CYS B 136 -11.57 22.36 11.91
N VAL B 137 -11.01 21.81 12.97
CA VAL B 137 -10.46 20.45 12.98
C VAL B 137 -11.33 19.60 13.88
N LEU B 138 -11.88 18.52 13.32
CA LEU B 138 -12.71 17.58 14.06
C LEU B 138 -11.89 16.32 14.36
N ALA B 139 -11.96 15.85 15.60
CA ALA B 139 -11.12 14.74 16.02
C ALA B 139 -11.83 13.88 17.04
N ASN B 140 -11.52 12.59 17.00
CA ASN B 140 -11.97 11.63 18.01
C ASN B 140 -10.84 11.26 18.98
N TYR B 141 -9.60 11.31 18.52
CA TYR B 141 -8.42 11.03 19.33
C TYR B 141 -7.47 12.22 19.20
N ALA B 142 -7.14 12.83 20.33
CA ALA B 142 -6.27 14.00 20.36
C ALA B 142 -4.79 13.64 20.33
N HIS B 143 -4.47 12.34 20.31
CA HIS B 143 -3.07 11.90 20.27
C HIS B 143 -2.52 11.83 18.86
N LYS B 144 -3.37 11.80 17.85
CA LYS B 144 -2.93 11.73 16.46
C LYS B 144 -2.61 13.11 15.87
N LEU B 145 -2.81 14.18 16.65
CA LEU B 145 -2.54 15.54 16.20
C LEU B 145 -1.26 16.03 16.85
N THR B 146 -0.41 16.68 16.07
CA THR B 146 0.83 17.21 16.60
C THR B 146 0.54 18.32 17.63
N PRO B 147 1.38 18.47 18.65
CA PRO B 147 1.13 19.52 19.64
C PRO B 147 1.17 20.92 19.05
N ALA B 148 1.99 21.16 18.03
CA ALA B 148 2.02 22.47 17.38
C ALA B 148 0.67 22.79 16.76
N LEU B 149 0.10 21.84 16.00
CA LEU B 149 -1.22 22.05 15.44
C LEU B 149 -2.29 22.08 16.53
N LEU B 150 -2.09 21.32 17.61
CA LEU B 150 -3.07 21.28 18.69
C LEU B 150 -3.10 22.59 19.50
N SER B 151 -2.02 23.36 19.48
CA SER B 151 -1.94 24.59 20.26
C SER B 151 -2.46 25.82 19.52
N ARG B 152 -2.65 25.73 18.20
CA ARG B 152 -3.09 26.88 17.43
C ARG B 152 -4.60 27.03 17.39
N CYS B 153 -5.36 26.04 17.87
CA CYS B 153 -6.81 26.07 17.81
C CYS B 153 -7.41 26.03 19.20
N THR B 154 -8.59 26.63 19.34
CA THR B 154 -9.34 26.59 20.59
C THR B 154 -10.08 25.26 20.68
N ARG B 155 -9.83 24.52 21.75
CA ARG B 155 -10.33 23.15 21.89
C ARG B 155 -11.69 23.15 22.56
N PHE B 156 -12.65 22.44 21.96
CA PHE B 156 -13.97 22.24 22.51
C PHE B 156 -14.23 20.74 22.60
N ARG B 157 -14.46 20.26 23.82
CA ARG B 157 -14.68 18.84 24.08
C ARG B 157 -16.17 18.56 24.06
N PHE B 158 -16.61 17.71 23.13
CA PHE B 158 -18.01 17.34 23.01
C PHE B 158 -18.30 16.21 23.99
N GLN B 159 -18.97 16.55 25.09
CA GLN B 159 -19.31 15.55 26.09
C GLN B 159 -20.35 14.58 25.55
N PRO B 160 -20.41 13.36 26.09
CA PRO B 160 -21.47 12.43 25.68
C PRO B 160 -22.85 13.00 26.00
N LEU B 161 -23.84 12.61 25.20
CA LEU B 161 -25.17 13.16 25.35
C LEU B 161 -25.77 12.74 26.69
N PRO B 162 -26.25 13.70 27.50
CA PRO B 162 -26.86 13.34 28.79
C PRO B 162 -28.27 12.79 28.62
N GLN B 163 -28.93 12.51 29.75
CA GLN B 163 -30.25 11.89 29.71
C GLN B 163 -31.30 12.86 29.17
N GLU B 164 -31.25 14.12 29.62
CA GLU B 164 -32.28 15.08 29.23
C GLU B 164 -32.28 15.33 27.73
N ALA B 165 -31.10 15.56 27.15
CA ALA B 165 -31.04 15.89 25.73
C ALA B 165 -31.41 14.70 24.86
N ILE B 166 -30.95 13.50 25.24
CA ILE B 166 -31.28 12.31 24.45
C ILE B 166 -32.75 11.99 24.56
N GLU B 167 -33.37 12.24 25.71
CA GLU B 167 -34.81 12.05 25.83
C GLU B 167 -35.57 13.10 25.04
N ARG B 168 -35.05 14.32 24.97
CA ARG B 168 -35.67 15.35 24.14
C ARG B 168 -35.63 14.97 22.67
N ARG B 169 -34.49 14.46 22.20
CA ARG B 169 -34.40 14.02 20.82
C ARG B 169 -35.30 12.82 20.55
N ILE B 170 -35.40 11.91 21.52
CA ILE B 170 -36.30 10.76 21.36
C ILE B 170 -37.75 11.24 21.26
N ALA B 171 -38.12 12.24 22.06
CA ALA B 171 -39.47 12.79 21.99
C ALA B 171 -39.71 13.47 20.65
N ASN B 172 -38.70 14.18 20.15
CA ASN B 172 -38.82 14.81 18.83
C ASN B 172 -39.04 13.75 17.74
N VAL B 173 -38.30 12.65 17.81
CA VAL B 173 -38.47 11.59 16.83
C VAL B 173 -39.85 10.93 16.95
N LEU B 174 -40.31 10.74 18.19
CA LEU B 174 -41.62 10.14 18.40
C LEU B 174 -42.74 11.08 17.97
N VAL B 175 -42.45 12.38 17.92
CA VAL B 175 -43.41 13.34 17.37
C VAL B 175 -43.39 13.28 15.85
N HIS B 176 -42.20 13.20 15.25
CA HIS B 176 -42.09 13.17 13.81
C HIS B 176 -42.60 11.87 13.20
N GLU B 177 -42.56 10.77 13.94
CA GLU B 177 -43.01 9.47 13.47
C GLU B 177 -44.26 9.04 14.24
N LYS B 178 -45.12 8.28 13.59
CA LYS B 178 -46.30 7.71 14.23
C LYS B 178 -45.85 6.52 15.09
N LEU B 179 -45.31 6.85 16.27
CA LEU B 179 -44.70 5.84 17.13
C LEU B 179 -44.89 6.23 18.58
N LYS B 180 -45.07 5.22 19.43
CA LYS B 180 -45.18 5.39 20.87
C LYS B 180 -44.11 4.56 21.56
N LEU B 181 -43.64 5.04 22.71
CA LEU B 181 -42.55 4.40 23.44
C LEU B 181 -42.89 4.34 24.93
N SER B 182 -42.63 3.19 25.54
CA SER B 182 -42.87 3.01 26.97
C SER B 182 -41.78 3.72 27.77
N PRO B 183 -42.13 4.22 28.97
CA PRO B 183 -41.13 4.91 29.81
C PRO B 183 -39.95 4.02 30.19
N ASN B 184 -40.24 2.81 30.68
CA ASN B 184 -39.17 1.89 31.01
C ASN B 184 -38.40 1.47 29.76
N ALA B 185 -39.10 1.32 28.63
CA ALA B 185 -38.43 1.05 27.37
C ALA B 185 -37.50 2.20 26.99
N GLU B 186 -37.94 3.44 27.22
CA GLU B 186 -37.09 4.60 26.95
C GLU B 186 -35.87 4.60 27.85
N LYS B 187 -36.04 4.25 29.12
CA LYS B 187 -34.90 4.19 30.03
C LYS B 187 -33.91 3.12 29.60
N ALA B 188 -34.41 1.93 29.24
CA ALA B 188 -33.53 0.87 28.75
C ALA B 188 -32.81 1.31 27.48
N LEU B 189 -33.50 2.04 26.61
CA LEU B 189 -32.87 2.56 25.39
C LEU B 189 -31.74 3.53 25.73
N ILE B 190 -31.98 4.42 26.68
CA ILE B 190 -30.93 5.37 27.08
C ILE B 190 -29.76 4.62 27.72
N GLU B 191 -30.04 3.50 28.37
CA GLU B 191 -28.97 2.76 29.04
C GLU B 191 -28.00 2.13 28.05
N LEU B 192 -28.49 1.62 26.92
CA LEU B 192 -27.65 0.95 25.94
C LEU B 192 -27.12 1.89 24.86
N SER B 193 -27.00 3.18 25.16
CA SER B 193 -26.57 4.17 24.18
C SER B 193 -25.19 4.76 24.44
N ASN B 194 -24.80 4.96 25.70
CA ASN B 194 -23.52 5.57 26.06
C ASN B 194 -23.35 6.95 25.41
N GLY B 195 -24.45 7.67 25.24
CA GLY B 195 -24.38 9.00 24.65
C GLY B 195 -24.15 9.01 23.16
N ASP B 196 -24.61 7.98 22.44
CA ASP B 196 -24.45 7.87 21.00
C ASP B 196 -25.82 7.97 20.34
N MET B 197 -26.08 9.12 19.70
CA MET B 197 -27.39 9.31 19.06
C MET B 197 -27.57 8.41 17.85
N ARG B 198 -26.46 8.06 17.17
CA ARG B 198 -26.55 7.15 16.03
C ARG B 198 -27.16 5.81 16.42
N ARG B 199 -26.66 5.23 17.51
CA ARG B 199 -27.19 3.95 17.98
C ARG B 199 -28.66 4.05 18.34
N VAL B 200 -29.05 5.14 19.02
CA VAL B 200 -30.44 5.31 19.42
C VAL B 200 -31.34 5.38 18.19
N LEU B 201 -30.96 6.20 17.21
CA LEU B 201 -31.78 6.33 16.01
C LEU B 201 -31.86 5.01 15.25
N ASN B 202 -30.73 4.32 15.12
CA ASN B 202 -30.72 3.05 14.40
C ASN B 202 -31.62 2.02 15.06
N VAL B 203 -31.48 1.84 16.38
CA VAL B 203 -32.29 0.84 17.06
C VAL B 203 -33.74 1.29 17.14
N LEU B 204 -34.03 2.59 17.14
CA LEU B 204 -35.42 3.05 17.12
C LEU B 204 -36.08 2.68 15.79
N GLN B 205 -35.38 2.93 14.68
CA GLN B 205 -35.87 2.51 13.37
C GLN B 205 -36.07 0.99 13.34
N SER B 206 -35.11 0.26 13.91
CA SER B 206 -35.17 -1.20 13.87
C SER B 206 -36.33 -1.74 14.69
N CYS B 207 -36.59 -1.17 15.87
CA CYS B 207 -37.72 -1.62 16.67
C CYS B 207 -39.06 -1.16 16.10
N LYS B 208 -39.08 -0.02 15.39
CA LYS B 208 -40.29 0.32 14.65
C LYS B 208 -40.55 -0.69 13.55
N ALA B 209 -39.48 -1.17 12.90
CA ALA B 209 -39.63 -2.23 11.92
C ALA B 209 -40.04 -3.55 12.56
N THR B 210 -39.66 -3.75 13.83
CA THR B 210 -39.95 -5.01 14.51
C THR B 210 -41.42 -5.10 14.92
N LEU B 211 -42.08 -3.94 15.05
CA LEU B 211 -43.44 -3.86 15.57
C LEU B 211 -44.42 -4.77 14.83
N ASP B 212 -44.22 -4.93 13.52
CA ASP B 212 -45.04 -5.79 12.66
C ASP B 212 -46.49 -5.30 12.56
N ASN B 213 -46.82 -4.20 13.19
CA ASN B 213 -48.18 -3.66 13.26
C ASN B 213 -48.26 -2.33 12.54
N PRO B 214 -49.47 -1.81 12.30
CA PRO B 214 -49.60 -0.46 11.73
C PRO B 214 -49.29 0.64 12.74
N ASP B 215 -48.62 0.28 13.84
CA ASP B 215 -48.14 1.23 14.85
C ASP B 215 -49.29 1.79 15.68
N GLU B 216 -50.28 0.94 15.97
CA GLU B 216 -51.30 1.28 16.95
C GLU B 216 -50.94 0.84 18.35
N ASP B 217 -49.85 0.10 18.51
CA ASP B 217 -49.37 -0.38 19.80
C ASP B 217 -48.13 0.40 20.21
N GLU B 218 -47.62 0.07 21.39
CA GLU B 218 -46.45 0.73 21.95
C GLU B 218 -45.21 -0.17 21.81
N ILE B 219 -44.06 0.45 22.04
CA ILE B 219 -42.77 -0.25 22.04
C ILE B 219 -42.35 -0.41 23.49
N SER B 220 -42.28 -1.67 23.95
CA SER B 220 -41.94 -1.99 25.32
C SER B 220 -40.48 -2.41 25.42
N ASP B 221 -40.07 -2.80 26.63
CA ASP B 221 -38.69 -3.25 26.83
C ASP B 221 -38.40 -4.53 26.08
N ASP B 222 -39.39 -5.41 25.96
CA ASP B 222 -39.18 -6.68 25.27
C ASP B 222 -38.79 -6.45 23.81
N VAL B 223 -39.45 -5.50 23.14
CA VAL B 223 -39.11 -5.22 21.75
C VAL B 223 -37.68 -4.74 21.62
N ILE B 224 -37.27 -3.80 22.47
CA ILE B 224 -35.92 -3.25 22.41
C ILE B 224 -34.88 -4.35 22.65
N TYR B 225 -35.12 -5.16 23.69
CA TYR B 225 -34.13 -6.18 24.06
C TYR B 225 -34.05 -7.27 23.00
N GLU B 226 -35.18 -7.68 22.44
CA GLU B 226 -35.18 -8.68 21.38
C GLU B 226 -34.62 -8.16 20.07
N CYS B 227 -34.71 -6.86 19.81
CA CYS B 227 -34.22 -6.30 18.56
C CYS B 227 -32.72 -6.01 18.61
N CYS B 228 -32.24 -5.47 19.74
CA CYS B 228 -30.82 -5.18 19.92
C CYS B 228 -30.04 -6.38 20.45
N GLY B 229 -30.73 -7.45 20.81
CA GLY B 229 -30.08 -8.65 21.32
C GLY B 229 -29.36 -8.44 22.64
N ALA B 230 -29.69 -7.35 23.34
CA ALA B 230 -29.06 -7.04 24.61
C ALA B 230 -29.74 -7.80 25.75
N PRO B 231 -28.97 -8.24 26.74
CA PRO B 231 -29.56 -8.96 27.87
C PRO B 231 -30.36 -8.03 28.77
N ARG B 232 -31.36 -8.62 29.43
CA ARG B 232 -32.19 -7.84 30.34
C ARG B 232 -31.57 -7.79 31.73
N PRO B 233 -31.82 -6.73 32.50
CA PRO B 233 -31.29 -6.67 33.87
C PRO B 233 -31.78 -7.81 34.73
N SER B 234 -32.98 -8.32 34.44
CA SER B 234 -33.53 -9.45 35.19
C SER B 234 -32.66 -10.69 35.00
N ASP B 235 -32.44 -11.10 33.75
CA ASP B 235 -31.60 -12.26 33.48
C ASP B 235 -30.17 -12.01 33.92
N LEU B 236 -29.69 -10.78 33.78
CA LEU B 236 -28.35 -10.43 34.24
C LEU B 236 -28.19 -10.71 35.73
N LYS B 237 -29.09 -10.15 36.55
CA LYS B 237 -29.02 -10.35 37.99
C LYS B 237 -29.30 -11.80 38.37
N ALA B 238 -30.13 -12.50 37.61
CA ALA B 238 -30.37 -13.91 37.91
C ALA B 238 -29.10 -14.74 37.69
N VAL B 239 -28.41 -14.50 36.58
CA VAL B 239 -27.16 -15.21 36.32
C VAL B 239 -26.12 -14.85 37.38
N LEU B 240 -26.03 -13.57 37.74
CA LEU B 240 -25.07 -13.17 38.76
C LEU B 240 -25.37 -13.82 40.11
N LYS B 241 -26.65 -13.89 40.48
CA LYS B 241 -27.03 -14.52 41.73
C LYS B 241 -26.73 -16.02 41.72
N SER B 242 -27.05 -16.69 40.61
CA SER B 242 -26.78 -18.12 40.51
C SER B 242 -25.29 -18.41 40.52
N ILE B 243 -24.48 -17.47 40.01
CA ILE B 243 -23.03 -17.65 40.05
C ILE B 243 -22.50 -17.44 41.46
N LEU B 244 -23.01 -16.41 42.15
CA LEU B 244 -22.47 -16.05 43.45
C LEU B 244 -22.90 -17.02 44.55
N GLU B 245 -24.13 -17.54 44.49
CA GLU B 245 -24.67 -18.32 45.60
C GLU B 245 -24.90 -19.79 45.25
N ASP B 246 -25.43 -20.09 44.08
CA ASP B 246 -25.85 -21.44 43.77
C ASP B 246 -24.63 -22.32 43.46
N ASP B 247 -24.88 -23.58 43.12
CA ASP B 247 -23.84 -24.57 42.92
C ASP B 247 -23.22 -24.43 41.53
N TRP B 248 -22.04 -25.05 41.37
CA TRP B 248 -21.31 -24.96 40.11
C TRP B 248 -22.12 -25.50 38.94
N GLY B 249 -22.61 -26.73 39.06
CA GLY B 249 -23.44 -27.29 37.99
C GLY B 249 -24.71 -26.51 37.75
N THR B 250 -25.36 -26.07 38.84
CA THR B 250 -26.56 -25.25 38.71
C THR B 250 -26.24 -23.90 38.07
N ALA B 251 -25.11 -23.30 38.42
CA ALA B 251 -24.71 -22.04 37.79
C ALA B 251 -24.44 -22.22 36.30
N HIS B 252 -23.78 -23.32 35.94
CA HIS B 252 -23.53 -23.61 34.54
C HIS B 252 -24.83 -23.80 33.78
N TYR B 253 -25.77 -24.56 34.35
CA TYR B 253 -27.06 -24.77 33.72
C TYR B 253 -27.83 -23.45 33.57
N THR B 254 -27.78 -22.61 34.60
CA THR B 254 -28.47 -21.33 34.53
C THR B 254 -27.89 -20.43 33.45
N LEU B 255 -26.56 -20.33 33.40
CA LEU B 255 -25.92 -19.54 32.36
C LEU B 255 -26.24 -20.06 30.97
N ASN B 256 -26.22 -21.39 30.81
CA ASN B 256 -26.52 -21.98 29.51
C ASN B 256 -27.95 -21.68 29.08
N LYS B 257 -28.92 -21.90 29.98
CA LYS B 257 -30.31 -21.67 29.63
C LYS B 257 -30.60 -20.20 29.38
N VAL B 258 -29.93 -19.30 30.10
CA VAL B 258 -30.14 -17.87 29.88
C VAL B 258 -29.55 -17.44 28.54
N ARG B 259 -28.34 -17.90 28.23
CA ARG B 259 -27.70 -17.49 26.99
C ARG B 259 -28.26 -18.22 25.77
N SER B 260 -29.02 -19.31 25.97
CA SER B 260 -29.61 -20.03 24.87
C SER B 260 -31.10 -19.79 24.69
N ALA B 261 -31.79 -19.27 25.71
CA ALA B 261 -33.22 -19.00 25.58
C ALA B 261 -33.48 -17.78 24.73
N LYS B 262 -32.67 -16.73 24.90
CA LYS B 262 -32.81 -15.50 24.13
C LYS B 262 -31.68 -15.30 23.13
N GLY B 263 -30.77 -16.28 23.00
CA GLY B 263 -29.66 -16.14 22.09
C GLY B 263 -28.68 -15.06 22.47
N LEU B 264 -28.53 -14.77 23.76
CA LEU B 264 -27.64 -13.71 24.20
C LEU B 264 -26.18 -14.09 23.95
N ALA B 265 -25.33 -13.07 23.92
CA ALA B 265 -23.90 -13.24 23.72
C ALA B 265 -23.16 -13.21 25.05
N LEU B 266 -22.03 -13.90 25.09
CA LEU B 266 -21.26 -13.96 26.33
C LEU B 266 -20.58 -12.63 26.64
N ILE B 267 -20.20 -11.88 25.60
CA ILE B 267 -19.54 -10.61 25.83
C ILE B 267 -20.50 -9.59 26.44
N ASP B 268 -21.76 -9.59 25.99
CA ASP B 268 -22.74 -8.67 26.56
C ASP B 268 -23.00 -9.01 28.02
N LEU B 269 -23.10 -10.30 28.34
CA LEU B 269 -23.27 -10.72 29.72
C LEU B 269 -22.06 -10.32 30.56
N ILE B 270 -20.85 -10.44 29.99
CA ILE B 270 -19.64 -10.05 30.70
C ILE B 270 -19.68 -8.56 31.04
N GLU B 271 -19.98 -7.73 30.04
CA GLU B 271 -20.04 -6.28 30.27
C GLU B 271 -21.13 -5.93 31.27
N GLY B 272 -22.27 -6.61 31.20
CA GLY B 272 -23.33 -6.34 32.15
C GLY B 272 -22.96 -6.71 33.58
N ILE B 273 -22.32 -7.86 33.76
CA ILE B 273 -21.88 -8.27 35.09
C ILE B 273 -20.81 -7.32 35.61
N VAL B 274 -19.93 -6.83 34.72
CA VAL B 274 -18.92 -5.86 35.13
C VAL B 274 -19.60 -4.57 35.59
N LYS B 275 -20.61 -4.11 34.85
CA LYS B 275 -21.30 -2.88 35.23
C LYS B 275 -22.05 -3.06 36.54
N ILE B 276 -22.63 -4.24 36.77
CA ILE B 276 -23.40 -4.46 38.01
C ILE B 276 -22.47 -4.55 39.20
N LEU B 277 -21.37 -5.30 39.06
CA LEU B 277 -20.44 -5.48 40.18
C LEU B 277 -19.65 -4.22 40.51
N GLU B 278 -19.72 -3.19 39.67
CA GLU B 278 -19.02 -1.94 39.96
C GLU B 278 -19.63 -1.22 41.16
N ASP B 279 -20.91 -1.45 41.44
CA ASP B 279 -21.57 -0.83 42.58
C ASP B 279 -21.41 -1.63 43.86
N TYR B 280 -20.93 -2.86 43.77
CA TYR B 280 -20.78 -3.71 44.95
C TYR B 280 -19.71 -3.16 45.88
N GLU B 281 -20.11 -2.79 47.10
CA GLU B 281 -19.15 -2.40 48.12
C GLU B 281 -18.46 -3.64 48.66
N LEU B 282 -17.17 -3.78 48.35
CA LEU B 282 -16.44 -5.01 48.61
C LEU B 282 -15.36 -4.79 49.65
N GLN B 283 -14.78 -5.91 50.09
CA GLN B 283 -13.66 -5.92 51.04
C GLN B 283 -12.35 -5.65 50.31
N ASN B 284 -11.22 -5.99 50.95
CA ASN B 284 -9.88 -5.75 50.45
C ASN B 284 -9.76 -5.90 48.94
N GLU B 285 -9.14 -4.93 48.29
CA GLU B 285 -9.18 -4.77 46.84
C GLU B 285 -8.59 -5.92 46.06
N GLU B 286 -8.05 -6.95 46.72
CA GLU B 286 -7.52 -8.10 45.99
C GLU B 286 -8.60 -8.79 45.18
N THR B 287 -9.81 -8.91 45.72
CA THR B 287 -10.91 -9.52 44.96
C THR B 287 -11.22 -8.70 43.71
N ARG B 288 -11.23 -7.37 43.84
CA ARG B 288 -11.49 -6.53 42.68
C ARG B 288 -10.37 -6.65 41.65
N VAL B 289 -9.12 -6.74 42.11
CA VAL B 289 -7.99 -6.90 41.19
C VAL B 289 -8.13 -8.19 40.41
N HIS B 290 -8.34 -9.31 41.12
CA HIS B 290 -8.49 -10.60 40.44
C HIS B 290 -9.67 -10.59 39.48
N LEU B 291 -10.81 -10.03 39.92
CA LEU B 291 -12.00 -10.00 39.09
C LEU B 291 -11.74 -9.21 37.80
N LEU B 292 -11.23 -7.99 37.93
CA LEU B 292 -10.98 -7.16 36.75
C LEU B 292 -9.98 -7.81 35.82
N THR B 293 -8.88 -8.35 36.36
CA THR B 293 -7.86 -8.96 35.53
C THR B 293 -8.42 -10.15 34.76
N LYS B 294 -9.08 -11.06 35.46
CA LYS B 294 -9.59 -12.26 34.80
C LYS B 294 -10.70 -11.92 33.79
N LEU B 295 -11.57 -10.97 34.13
CA LEU B 295 -12.64 -10.61 33.21
C LEU B 295 -12.09 -9.93 31.96
N ALA B 296 -11.08 -9.07 32.12
CA ALA B 296 -10.47 -8.45 30.94
C ALA B 296 -9.75 -9.47 30.09
N ASP B 297 -9.08 -10.45 30.72
CA ASP B 297 -8.43 -11.50 29.95
C ASP B 297 -9.46 -12.32 29.17
N ILE B 298 -10.58 -12.66 29.81
CA ILE B 298 -11.61 -13.43 29.12
C ILE B 298 -12.23 -12.62 28.00
N GLU B 299 -12.40 -11.31 28.20
CA GLU B 299 -12.95 -10.46 27.14
C GLU B 299 -11.99 -10.38 25.95
N TYR B 300 -10.69 -10.24 26.23
CA TYR B 300 -9.72 -10.19 25.15
C TYR B 300 -9.64 -11.52 24.41
N SER B 301 -9.84 -12.63 25.13
CA SER B 301 -9.88 -13.94 24.46
C SER B 301 -11.14 -14.11 23.62
N ILE B 302 -12.27 -13.60 24.11
CA ILE B 302 -13.51 -13.67 23.34
C ILE B 302 -13.41 -12.81 22.08
N SER B 303 -12.68 -11.70 22.17
CA SER B 303 -12.52 -10.80 21.03
C SER B 303 -11.77 -11.46 19.88
N LYS B 304 -11.24 -12.67 20.10
CA LYS B 304 -10.55 -13.42 19.07
C LYS B 304 -11.19 -14.76 18.76
N GLY B 305 -12.26 -15.13 19.46
CA GLY B 305 -12.95 -16.38 19.22
C GLY B 305 -12.67 -17.43 20.27
N GLY B 306 -13.02 -18.67 19.95
CA GLY B 306 -12.81 -19.79 20.82
C GLY B 306 -14.10 -20.51 21.17
N ASN B 307 -14.03 -21.29 22.25
CA ASN B 307 -15.17 -22.07 22.72
C ASN B 307 -15.99 -21.21 23.67
N ASP B 308 -17.27 -21.00 23.32
CA ASP B 308 -18.15 -20.18 24.17
C ASP B 308 -18.41 -20.84 25.51
N GLN B 309 -18.56 -22.17 25.53
CA GLN B 309 -18.81 -22.87 26.79
C GLN B 309 -17.59 -22.79 27.71
N ILE B 310 -16.40 -22.97 27.15
CA ILE B 310 -15.18 -22.87 27.94
C ILE B 310 -15.03 -21.47 28.51
N GLN B 311 -15.32 -20.44 27.72
CA GLN B 311 -15.22 -19.07 28.19
C GLN B 311 -16.29 -18.74 29.23
N GLY B 312 -17.49 -19.30 29.11
CA GLY B 312 -18.51 -19.10 30.13
C GLY B 312 -18.14 -19.74 31.45
N SER B 313 -17.64 -20.97 31.38
CA SER B 313 -17.13 -21.62 32.58
C SER B 313 -15.96 -20.86 33.18
N ALA B 314 -15.12 -20.25 32.33
CA ALA B 314 -14.02 -19.44 32.82
C ALA B 314 -14.54 -18.20 33.54
N VAL B 315 -15.57 -17.56 32.99
CA VAL B 315 -16.16 -16.40 33.67
C VAL B 315 -16.72 -16.80 35.03
N ILE B 316 -17.46 -17.92 35.06
CA ILE B 316 -18.02 -18.39 36.32
C ILE B 316 -16.93 -18.65 37.34
N GLY B 317 -15.90 -19.40 36.93
CA GLY B 317 -14.82 -19.73 37.85
C GLY B 317 -14.04 -18.51 38.30
N ALA B 318 -13.84 -17.54 37.41
CA ALA B 318 -13.13 -16.32 37.76
C ALA B 318 -13.90 -15.51 38.78
N ILE B 319 -15.21 -15.32 38.56
CA ILE B 319 -16.02 -14.58 39.51
C ILE B 319 -16.04 -15.30 40.85
N LYS B 320 -16.17 -16.63 40.82
CA LYS B 320 -16.24 -17.40 42.07
C LYS B 320 -14.93 -17.31 42.84
N ALA B 321 -13.79 -17.51 42.17
CA ALA B 321 -12.50 -17.45 42.85
C ALA B 321 -12.19 -16.04 43.33
N SER B 322 -12.66 -15.02 42.61
CA SER B 322 -12.47 -13.66 43.07
C SER B 322 -13.28 -13.38 44.33
N PHE B 323 -14.51 -13.88 44.38
CA PHE B 323 -15.34 -13.65 45.57
C PHE B 323 -14.97 -14.56 46.73
N GLU B 324 -14.26 -15.66 46.50
CA GLU B 324 -13.81 -16.52 47.59
C GLU B 324 -12.81 -15.83 48.51
N ASN B 325 -12.16 -14.76 48.06
CA ASN B 325 -11.26 -13.99 48.92
C ASN B 325 -12.00 -13.03 49.83
N GLU B 326 -13.31 -12.87 49.64
CA GLU B 326 -14.13 -12.01 50.48
C GLU B 326 -14.83 -12.81 51.57
N THR B 327 -14.09 -13.14 52.62
CA THR B 327 -14.62 -13.93 53.73
C THR B 327 -13.81 -13.72 55.00
N SER C 1 -30.69 -22.04 -19.32
CA SER C 1 -30.95 -20.85 -18.52
C SER C 1 -31.22 -21.21 -17.07
N LYS C 2 -32.50 -21.32 -16.71
CA LYS C 2 -32.86 -21.67 -15.34
C LYS C 2 -32.63 -23.14 -15.06
N LEU C 3 -32.86 -24.00 -16.07
CA LEU C 3 -32.64 -25.42 -15.90
C LEU C 3 -31.16 -25.75 -15.67
N ALA C 4 -30.26 -25.06 -16.37
CA ALA C 4 -28.84 -25.25 -16.12
C ALA C 4 -28.48 -24.88 -14.68
N ALA C 5 -29.07 -23.80 -14.17
CA ALA C 5 -28.86 -23.44 -12.77
C ALA C 5 -29.38 -24.50 -11.82
N GLU C 6 -30.57 -25.06 -12.12
CA GLU C 6 -31.12 -26.11 -11.28
C GLU C 6 -30.21 -27.34 -11.25
N GLN C 7 -29.70 -27.74 -12.43
CA GLN C 7 -28.81 -28.90 -12.47
C GLN C 7 -27.49 -28.63 -11.77
N SER C 8 -26.94 -27.41 -11.91
CA SER C 8 -25.69 -27.10 -11.24
C SER C 8 -25.88 -27.06 -9.73
N LEU C 9 -27.05 -26.61 -9.27
CA LEU C 9 -27.34 -26.66 -7.84
C LEU C 9 -27.50 -28.11 -7.37
N ALA C 10 -28.14 -28.96 -8.18
CA ALA C 10 -28.29 -30.36 -7.85
C ALA C 10 -26.98 -31.12 -7.85
N GLN C 11 -25.98 -30.69 -8.61
CA GLN C 11 -24.66 -31.31 -8.61
C GLN C 11 -23.69 -30.56 -7.71
N GLN C 12 -24.19 -29.73 -6.81
CA GLN C 12 -23.40 -28.92 -5.90
C GLN C 12 -23.45 -29.49 -4.49
N PRO C 13 -22.39 -29.33 -3.70
CA PRO C 13 -22.45 -29.76 -2.29
C PRO C 13 -23.59 -29.11 -1.55
N TRP C 14 -24.03 -29.77 -0.47
CA TRP C 14 -25.24 -29.35 0.23
C TRP C 14 -25.10 -27.97 0.87
N VAL C 15 -23.87 -27.51 1.11
CA VAL C 15 -23.68 -26.18 1.69
C VAL C 15 -24.15 -25.10 0.70
N GLU C 16 -23.76 -25.24 -0.57
CA GLU C 16 -24.16 -24.29 -1.59
C GLU C 16 -25.50 -24.67 -2.24
N LYS C 17 -25.86 -25.95 -2.20
CA LYS C 17 -27.11 -26.39 -2.79
C LYS C 17 -28.31 -25.84 -2.03
N TYR C 18 -28.22 -25.75 -0.71
CA TYR C 18 -29.32 -25.29 0.13
C TYR C 18 -29.03 -23.91 0.72
N ARG C 19 -28.32 -23.08 -0.02
CA ARG C 19 -28.08 -21.71 0.42
C ARG C 19 -29.40 -20.92 0.40
N PRO C 20 -29.72 -20.18 1.45
CA PRO C 20 -30.99 -19.44 1.47
C PRO C 20 -31.07 -18.42 0.35
N LYS C 21 -32.09 -18.57 -0.50
CA LYS C 21 -32.33 -17.65 -1.61
C LYS C 21 -33.30 -16.53 -1.26
N ASN C 22 -34.20 -16.77 -0.30
CA ASN C 22 -35.15 -15.77 0.15
C ASN C 22 -34.95 -15.51 1.64
N LEU C 23 -35.54 -14.42 2.12
CA LEU C 23 -35.45 -14.07 3.54
C LEU C 23 -36.25 -15.01 4.43
N ASP C 24 -37.13 -15.84 3.85
CA ASP C 24 -37.90 -16.79 4.64
C ASP C 24 -37.12 -18.07 4.93
N GLU C 25 -36.07 -18.35 4.16
CA GLU C 25 -35.30 -19.58 4.39
C GLU C 25 -34.44 -19.47 5.64
N VAL C 26 -34.18 -18.25 6.11
CA VAL C 26 -33.46 -18.07 7.36
C VAL C 26 -34.28 -18.64 8.50
N THR C 27 -33.73 -19.63 9.20
CA THR C 27 -34.51 -20.38 10.17
C THR C 27 -34.49 -19.72 11.55
N ALA C 28 -33.31 -19.33 12.03
CA ALA C 28 -33.15 -18.87 13.39
C ALA C 28 -32.93 -17.38 13.55
N GLN C 29 -32.26 -16.72 12.60
CA GLN C 29 -31.99 -15.28 12.70
C GLN C 29 -33.23 -14.52 12.26
N ASP C 30 -34.25 -14.54 13.14
CA ASP C 30 -35.53 -13.93 12.83
C ASP C 30 -35.58 -12.43 13.13
N HIS C 31 -34.88 -11.96 14.15
CA HIS C 31 -34.94 -10.55 14.53
C HIS C 31 -34.40 -9.66 13.41
N ALA C 32 -33.34 -10.12 12.74
CA ALA C 32 -32.76 -9.31 11.66
C ALA C 32 -33.61 -9.39 10.39
N VAL C 33 -34.05 -10.59 10.01
CA VAL C 33 -34.83 -10.73 8.78
C VAL C 33 -36.21 -10.10 8.92
N THR C 34 -36.73 -9.95 10.13
CA THR C 34 -37.99 -9.23 10.30
C THR C 34 -37.84 -7.76 9.89
N VAL C 35 -36.78 -7.11 10.39
CA VAL C 35 -36.50 -5.73 10.00
C VAL C 35 -36.21 -5.65 8.51
N LEU C 36 -35.47 -6.64 7.98
CA LEU C 36 -35.14 -6.62 6.56
C LEU C 36 -36.39 -6.79 5.70
N LYS C 37 -37.38 -7.53 6.17
CA LYS C 37 -38.62 -7.68 5.43
C LYS C 37 -39.49 -6.44 5.55
N LYS C 38 -39.48 -5.79 6.72
CA LYS C 38 -40.26 -4.57 6.88
C LYS C 38 -39.71 -3.45 6.01
N THR C 39 -38.39 -3.28 5.99
CA THR C 39 -37.79 -2.23 5.17
C THR C 39 -37.88 -2.55 3.68
N LEU C 40 -38.22 -3.78 3.32
CA LEU C 40 -38.41 -4.12 1.91
C LEU C 40 -39.60 -3.40 1.32
N LYS C 41 -40.66 -3.18 2.10
CA LYS C 41 -41.80 -2.40 1.66
C LYS C 41 -41.56 -0.90 1.72
N SER C 42 -40.73 -0.45 2.66
CA SER C 42 -40.33 0.95 2.74
C SER C 42 -39.09 1.18 1.89
N ALA C 43 -38.46 2.35 2.05
CA ALA C 43 -37.26 2.66 1.27
C ALA C 43 -36.21 3.34 2.15
N ASN C 44 -36.13 2.97 3.42
CA ASN C 44 -35.21 3.61 4.34
C ASN C 44 -34.21 2.60 4.90
N LEU C 45 -33.65 1.76 4.04
CA LEU C 45 -32.64 0.79 4.45
C LEU C 45 -31.41 1.52 5.00
N PRO C 46 -31.06 1.34 6.27
CA PRO C 46 -29.88 2.01 6.82
C PRO C 46 -28.62 1.20 6.56
N HIS C 47 -27.48 1.80 6.87
CA HIS C 47 -26.21 1.09 6.81
C HIS C 47 -26.20 0.01 7.88
N MET C 48 -25.82 -1.21 7.49
CA MET C 48 -25.92 -2.36 8.37
C MET C 48 -24.54 -2.96 8.62
N LEU C 49 -24.39 -3.62 9.76
CA LEU C 49 -23.15 -4.27 10.17
C LEU C 49 -23.51 -5.61 10.78
N PHE C 50 -23.36 -6.68 10.00
CA PHE C 50 -23.63 -8.03 10.45
C PHE C 50 -22.40 -8.58 11.17
N TYR C 51 -22.60 -9.12 12.37
CA TYR C 51 -21.50 -9.71 13.12
C TYR C 51 -22.02 -10.89 13.94
N GLY C 52 -21.16 -11.89 14.10
CA GLY C 52 -21.49 -13.09 14.83
C GLY C 52 -20.56 -14.24 14.52
N PRO C 53 -20.86 -15.41 15.06
CA PRO C 53 -20.03 -16.59 14.81
C PRO C 53 -20.06 -16.98 13.34
N PRO C 54 -19.05 -17.71 12.86
CA PRO C 54 -19.05 -18.12 11.46
C PRO C 54 -20.10 -19.19 11.19
N GLY C 55 -20.69 -19.12 10.00
CA GLY C 55 -21.71 -20.08 9.62
C GLY C 55 -23.10 -19.79 10.15
N THR C 56 -23.37 -18.55 10.56
CA THR C 56 -24.68 -18.18 11.06
C THR C 56 -25.62 -17.68 9.97
N GLY C 57 -25.10 -17.37 8.80
CA GLY C 57 -25.91 -16.97 7.67
C GLY C 57 -25.91 -15.49 7.33
N LYS C 58 -24.85 -14.76 7.66
CA LYS C 58 -24.78 -13.33 7.36
C LYS C 58 -24.73 -13.09 5.86
N THR C 59 -23.79 -13.74 5.18
CA THR C 59 -23.69 -13.59 3.72
C THR C 59 -24.95 -14.09 3.03
N SER C 60 -25.49 -15.22 3.48
CA SER C 60 -26.72 -15.72 2.91
C SER C 60 -27.88 -14.75 3.14
N THR C 61 -27.96 -14.16 4.33
CA THR C 61 -29.04 -13.22 4.61
C THR C 61 -28.94 -11.98 3.73
N ILE C 62 -27.73 -11.42 3.58
CA ILE C 62 -27.60 -10.23 2.77
C ILE C 62 -27.82 -10.54 1.29
N LEU C 63 -27.42 -11.73 0.84
CA LEU C 63 -27.67 -12.10 -0.55
C LEU C 63 -29.17 -12.26 -0.81
N ALA C 64 -29.88 -12.92 0.10
CA ALA C 64 -31.32 -13.08 -0.05
C ALA C 64 -32.02 -11.72 0.00
N LEU C 65 -31.56 -10.82 0.86
CA LEU C 65 -32.16 -9.49 0.92
C LEU C 65 -31.94 -8.72 -0.37
N THR C 66 -30.70 -8.71 -0.88
CA THR C 66 -30.42 -8.03 -2.14
C THR C 66 -31.22 -8.63 -3.29
N LYS C 67 -31.39 -9.95 -3.31
CA LYS C 67 -32.21 -10.58 -4.33
C LYS C 67 -33.65 -10.11 -4.22
N GLU C 68 -34.29 -10.29 -3.06
CA GLU C 68 -35.68 -9.90 -2.88
C GLU C 68 -35.87 -8.41 -3.18
N LEU C 69 -34.81 -7.61 -3.03
CA LEU C 69 -34.92 -6.18 -3.30
C LEU C 69 -34.85 -5.88 -4.80
N TYR C 70 -33.84 -6.41 -5.48
CA TYR C 70 -33.49 -5.92 -6.81
C TYR C 70 -33.89 -6.86 -7.95
N GLY C 71 -34.19 -8.13 -7.68
CA GLY C 71 -34.48 -9.07 -8.75
C GLY C 71 -33.22 -9.61 -9.38
N PRO C 72 -33.33 -10.74 -10.08
CA PRO C 72 -32.15 -11.35 -10.72
C PRO C 72 -31.57 -10.52 -11.86
N ASP C 73 -32.26 -9.48 -12.33
CA ASP C 73 -31.74 -8.60 -13.36
C ASP C 73 -30.90 -7.46 -12.79
N LEU C 74 -31.42 -6.73 -11.81
CA LEU C 74 -30.66 -5.68 -11.16
C LEU C 74 -29.72 -6.23 -10.09
N MET C 75 -29.70 -7.55 -9.88
CA MET C 75 -28.79 -8.14 -8.91
C MET C 75 -27.32 -7.91 -9.29
N LYS C 76 -27.02 -7.80 -10.58
CA LYS C 76 -25.65 -7.66 -11.04
C LYS C 76 -25.27 -6.23 -11.40
N SER C 77 -26.21 -5.28 -11.31
CA SER C 77 -25.95 -3.91 -11.71
C SER C 77 -26.00 -2.90 -10.56
N ARG C 78 -26.67 -3.21 -9.46
CA ARG C 78 -26.79 -2.29 -8.33
C ARG C 78 -26.11 -2.83 -7.07
N ILE C 79 -25.14 -3.73 -7.22
CA ILE C 79 -24.47 -4.36 -6.10
C ILE C 79 -22.96 -4.23 -6.29
N LEU C 80 -22.26 -3.82 -5.23
CA LEU C 80 -20.81 -3.80 -5.22
C LEU C 80 -20.33 -4.67 -4.07
N GLU C 81 -19.96 -5.91 -4.38
CA GLU C 81 -19.53 -6.87 -3.38
C GLU C 81 -17.99 -6.91 -3.35
N LEU C 82 -17.42 -6.59 -2.19
CA LEU C 82 -15.98 -6.63 -1.99
C LEU C 82 -15.67 -7.63 -0.88
N ASN C 83 -14.89 -8.65 -1.22
CA ASN C 83 -14.56 -9.72 -0.29
C ASN C 83 -13.15 -9.51 0.25
N ALA C 84 -12.66 -10.47 1.04
CA ALA C 84 -11.30 -10.42 1.54
C ALA C 84 -10.27 -10.89 0.53
N SER C 85 -10.72 -11.47 -0.60
CA SER C 85 -9.82 -11.91 -1.66
C SER C 85 -9.44 -10.77 -2.60
N ASP C 86 -9.84 -9.54 -2.30
CA ASP C 86 -9.52 -8.37 -3.10
C ASP C 86 -8.71 -7.39 -2.26
N GLU C 87 -8.08 -6.43 -2.94
CA GLU C 87 -7.32 -5.39 -2.29
C GLU C 87 -8.26 -4.34 -1.73
N ARG C 88 -8.12 -4.01 -0.45
CA ARG C 88 -9.00 -3.07 0.23
C ARG C 88 -8.18 -2.08 1.05
N GLY C 89 -7.13 -1.53 0.45
CA GLY C 89 -6.35 -0.51 1.10
C GLY C 89 -7.03 0.85 1.04
N ILE C 90 -6.25 1.87 1.41
CA ILE C 90 -6.78 3.24 1.34
C ILE C 90 -7.01 3.65 -0.10
N SER C 91 -6.11 3.24 -1.00
CA SER C 91 -6.23 3.61 -2.41
C SER C 91 -7.51 3.04 -3.02
N ILE C 92 -7.79 1.76 -2.76
CA ILE C 92 -8.98 1.13 -3.32
C ILE C 92 -10.24 1.78 -2.75
N VAL C 93 -10.29 1.94 -1.42
CA VAL C 93 -11.45 2.55 -0.78
C VAL C 93 -11.69 3.96 -1.29
N ARG C 94 -10.63 4.71 -1.56
CA ARG C 94 -10.78 6.09 -1.99
C ARG C 94 -11.19 6.17 -3.47
N GLU C 95 -10.63 5.32 -4.31
CA GLU C 95 -10.94 5.39 -5.74
C GLU C 95 -12.22 4.63 -6.08
N LYS C 96 -12.20 3.31 -5.92
CA LYS C 96 -13.24 2.47 -6.51
C LYS C 96 -14.55 2.58 -5.74
N VAL C 97 -14.49 2.41 -4.43
CA VAL C 97 -15.70 2.47 -3.61
C VAL C 97 -16.35 3.84 -3.72
N LYS C 98 -15.53 4.90 -3.67
CA LYS C 98 -16.08 6.25 -3.72
C LYS C 98 -16.62 6.58 -5.11
N ASN C 99 -16.00 6.05 -6.17
CA ASN C 99 -16.52 6.28 -7.52
C ASN C 99 -17.83 5.55 -7.72
N PHE C 100 -17.96 4.35 -7.16
CA PHE C 100 -19.21 3.61 -7.27
C PHE C 100 -20.30 4.27 -6.44
N ALA C 101 -19.94 4.83 -5.27
CA ALA C 101 -20.94 5.49 -4.44
C ALA C 101 -21.40 6.81 -5.05
N ARG C 102 -20.47 7.57 -5.62
CA ARG C 102 -20.82 8.84 -6.23
C ARG C 102 -21.65 8.66 -7.51
N LEU C 103 -21.52 7.52 -8.18
CA LEU C 103 -22.30 7.25 -9.37
C LEU C 103 -23.79 7.18 -9.03
N THR C 104 -24.62 7.40 -10.04
CA THR C 104 -26.07 7.34 -9.87
C THR C 104 -26.55 5.91 -10.01
N VAL C 105 -27.75 5.65 -9.49
CA VAL C 105 -28.33 4.31 -9.56
C VAL C 105 -28.74 4.01 -10.99
N SER C 106 -28.55 2.75 -11.40
CA SER C 106 -28.90 2.34 -12.75
C SER C 106 -30.42 2.32 -12.92
N LYS C 107 -30.87 2.62 -14.13
CA LYS C 107 -32.30 2.66 -14.41
C LYS C 107 -32.87 1.25 -14.39
N PRO C 108 -33.92 1.00 -13.62
CA PRO C 108 -34.59 -0.31 -13.68
C PRO C 108 -35.40 -0.45 -14.97
N SER C 109 -35.58 -1.70 -15.36
CA SER C 109 -36.33 -2.00 -16.59
C SER C 109 -37.83 -1.98 -16.28
N LYS C 110 -38.65 -2.24 -17.30
CA LYS C 110 -40.10 -2.25 -17.09
C LYS C 110 -40.54 -3.50 -16.34
N HIS C 111 -39.84 -4.62 -16.52
CA HIS C 111 -40.17 -5.84 -15.81
C HIS C 111 -39.70 -5.80 -14.36
N ASP C 112 -38.75 -4.93 -14.03
CA ASP C 112 -38.23 -4.88 -12.67
C ASP C 112 -39.23 -4.21 -11.72
N LEU C 113 -39.75 -3.05 -12.11
CA LEU C 113 -40.67 -2.30 -11.26
C LEU C 113 -42.01 -3.00 -11.06
N GLU C 114 -42.35 -3.97 -11.91
CA GLU C 114 -43.65 -4.63 -11.82
C GLU C 114 -43.66 -5.73 -10.76
N ASN C 115 -42.50 -6.30 -10.44
CA ASN C 115 -42.43 -7.40 -9.50
C ASN C 115 -41.59 -7.11 -8.26
N TYR C 116 -40.63 -6.18 -8.34
CA TYR C 116 -39.73 -5.90 -7.24
C TYR C 116 -39.85 -4.43 -6.83
N PRO C 117 -39.59 -4.12 -5.55
CA PRO C 117 -39.73 -2.73 -5.10
C PRO C 117 -38.78 -1.77 -5.80
N CYS C 118 -37.56 -2.21 -6.13
CA CYS C 118 -36.55 -1.41 -6.81
C CYS C 118 -36.32 -0.11 -6.07
N PRO C 119 -35.64 -0.14 -4.91
CA PRO C 119 -35.40 1.08 -4.16
C PRO C 119 -34.50 2.04 -4.92
N PRO C 120 -34.54 3.34 -4.61
CA PRO C 120 -33.73 4.31 -5.34
C PRO C 120 -32.26 4.32 -4.96
N TYR C 121 -31.76 3.32 -4.24
CA TYR C 121 -30.37 3.27 -3.82
C TYR C 121 -29.77 1.92 -4.19
N LYS C 122 -28.45 1.88 -4.25
CA LYS C 122 -27.69 0.66 -4.48
C LYS C 122 -27.03 0.20 -3.19
N ILE C 123 -26.44 -0.99 -3.22
CA ILE C 123 -25.88 -1.62 -2.04
C ILE C 123 -24.42 -1.97 -2.29
N ILE C 124 -23.55 -1.52 -1.39
CA ILE C 124 -22.14 -1.88 -1.40
C ILE C 124 -21.86 -2.69 -0.14
N ILE C 125 -21.56 -3.99 -0.33
CA ILE C 125 -21.29 -4.89 0.77
C ILE C 125 -19.80 -5.18 0.81
N LEU C 126 -19.26 -5.28 2.02
CA LEU C 126 -17.85 -5.58 2.26
C LEU C 126 -17.77 -6.79 3.17
N ASP C 127 -17.59 -7.97 2.57
CA ASP C 127 -17.53 -9.22 3.32
C ASP C 127 -16.16 -9.38 3.95
N GLU C 128 -16.14 -9.97 5.15
CA GLU C 128 -14.91 -10.19 5.91
C GLU C 128 -14.18 -8.86 6.16
N ALA C 129 -14.86 -7.96 6.88
CA ALA C 129 -14.29 -6.66 7.19
C ALA C 129 -13.23 -6.70 8.28
N ASP C 130 -12.93 -7.88 8.83
CA ASP C 130 -11.90 -7.98 9.86
C ASP C 130 -10.51 -7.70 9.29
N SER C 131 -10.31 -8.05 8.02
CA SER C 131 -9.02 -7.84 7.36
C SER C 131 -8.81 -6.41 6.89
N MET C 132 -9.83 -5.56 6.98
CA MET C 132 -9.69 -4.18 6.54
C MET C 132 -8.93 -3.37 7.60
N THR C 133 -7.90 -2.65 7.15
CA THR C 133 -7.12 -1.82 8.06
C THR C 133 -7.95 -0.64 8.56
N ALA C 134 -7.61 -0.17 9.75
CA ALA C 134 -8.42 0.87 10.41
C ALA C 134 -8.41 2.19 9.63
N ASP C 135 -7.33 2.50 8.92
CA ASP C 135 -7.30 3.75 8.15
C ASP C 135 -8.19 3.65 6.92
N ALA C 136 -8.15 2.52 6.22
CA ALA C 136 -9.08 2.29 5.11
C ALA C 136 -10.53 2.25 5.61
N GLN C 137 -10.73 1.86 6.86
CA GLN C 137 -12.07 1.87 7.44
C GLN C 137 -12.54 3.28 7.75
N SER C 138 -11.66 4.10 8.34
CA SER C 138 -12.00 5.49 8.61
C SER C 138 -12.19 6.28 7.32
N ALA C 139 -11.54 5.85 6.23
CA ALA C 139 -11.76 6.51 4.95
C ALA C 139 -13.19 6.30 4.46
N LEU C 140 -13.83 5.21 4.88
CA LEU C 140 -15.21 4.93 4.46
C LEU C 140 -16.23 5.78 5.20
N ARG C 141 -15.81 6.49 6.25
CA ARG C 141 -16.75 7.19 7.12
C ARG C 141 -17.57 8.21 6.35
N ARG C 142 -16.92 9.25 5.82
CA ARG C 142 -17.65 10.28 5.11
C ARG C 142 -18.18 9.77 3.77
N THR C 143 -17.52 8.76 3.18
CA THR C 143 -18.01 8.16 1.95
C THR C 143 -19.41 7.58 2.15
N MET C 144 -19.62 6.87 3.26
CA MET C 144 -20.95 6.34 3.58
C MET C 144 -21.85 7.36 4.25
N GLU C 145 -21.30 8.43 4.80
CA GLU C 145 -22.11 9.44 5.48
C GLU C 145 -22.74 10.44 4.53
N THR C 146 -22.05 10.83 3.45
CA THR C 146 -22.55 11.85 2.54
C THR C 146 -23.32 11.28 1.36
N TYR C 147 -22.94 10.10 0.86
CA TYR C 147 -23.60 9.47 -0.28
C TYR C 147 -24.67 8.47 0.15
N SER C 148 -25.22 8.62 1.35
CA SER C 148 -26.22 7.67 1.84
C SER C 148 -27.50 7.75 1.03
N GLY C 149 -27.72 8.85 0.30
CA GLY C 149 -28.93 8.99 -0.48
C GLY C 149 -28.98 8.06 -1.69
N VAL C 150 -27.81 7.67 -2.20
CA VAL C 150 -27.74 6.86 -3.41
C VAL C 150 -27.18 5.47 -3.17
N THR C 151 -26.42 5.24 -2.11
CA THR C 151 -25.88 3.93 -1.80
C THR C 151 -26.02 3.62 -0.32
N ARG C 152 -26.07 2.32 -0.02
CA ARG C 152 -26.16 1.83 1.35
C ARG C 152 -25.04 0.83 1.58
N PHE C 153 -24.40 0.93 2.76
CA PHE C 153 -23.23 0.12 3.07
C PHE C 153 -23.61 -1.01 4.01
N CYS C 154 -23.14 -2.22 3.67
CA CYS C 154 -23.37 -3.42 4.49
C CYS C 154 -22.02 -4.06 4.80
N LEU C 155 -21.59 -3.92 6.04
CA LEU C 155 -20.36 -4.55 6.51
C LEU C 155 -20.69 -5.92 7.09
N ILE C 156 -19.81 -6.88 6.88
CA ILE C 156 -19.97 -8.24 7.39
C ILE C 156 -18.67 -8.66 8.06
N CYS C 157 -18.75 -9.13 9.30
CA CYS C 157 -17.55 -9.53 10.02
C CYS C 157 -17.92 -10.61 11.04
N ASN C 158 -16.89 -11.23 11.60
CA ASN C 158 -17.02 -12.20 12.68
C ASN C 158 -16.72 -11.60 14.05
N TYR C 159 -15.67 -10.80 14.13
CA TYR C 159 -15.30 -10.10 15.36
C TYR C 159 -15.66 -8.62 15.18
N VAL C 160 -16.66 -8.17 15.94
CA VAL C 160 -17.08 -6.77 15.84
C VAL C 160 -16.03 -5.83 16.41
N THR C 161 -15.08 -6.33 17.18
CA THR C 161 -14.04 -5.48 17.74
C THR C 161 -13.01 -5.05 16.70
N ARG C 162 -12.87 -5.80 15.60
CA ARG C 162 -11.89 -5.45 14.58
C ARG C 162 -12.31 -4.22 13.79
N ILE C 163 -13.57 -3.81 13.87
CA ILE C 163 -14.06 -2.63 13.16
C ILE C 163 -14.00 -1.45 14.11
N ILE C 164 -13.56 -0.30 13.61
CA ILE C 164 -13.39 0.88 14.44
C ILE C 164 -14.74 1.32 15.02
N ASP C 165 -14.68 2.08 16.12
CA ASP C 165 -15.89 2.54 16.79
C ASP C 165 -16.75 3.47 15.94
N PRO C 166 -16.20 4.44 15.19
CA PRO C 166 -17.07 5.28 14.36
C PRO C 166 -17.87 4.50 13.32
N LEU C 167 -17.24 3.52 12.67
CA LEU C 167 -17.97 2.70 11.69
C LEU C 167 -19.04 1.86 12.37
N ALA C 168 -18.73 1.29 13.53
CA ALA C 168 -19.74 0.53 14.27
C ALA C 168 -20.88 1.42 14.76
N SER C 169 -20.63 2.71 14.96
CA SER C 169 -21.69 3.62 15.35
C SER C 169 -22.53 4.06 14.15
N ARG C 170 -21.90 4.20 12.99
CA ARG C 170 -22.64 4.65 11.80
C ARG C 170 -23.59 3.58 11.29
N CYS C 171 -23.25 2.30 11.46
CA CYS C 171 -24.06 1.20 10.96
C CYS C 171 -24.91 0.61 12.07
N SER C 172 -26.08 0.09 11.69
CA SER C 172 -26.92 -0.64 12.62
C SER C 172 -26.36 -2.03 12.86
N LYS C 173 -26.10 -2.35 14.11
CA LYS C 173 -25.44 -3.60 14.50
C LYS C 173 -26.47 -4.72 14.52
N PHE C 174 -26.24 -5.75 13.71
CA PHE C 174 -27.07 -6.95 13.69
C PHE C 174 -26.23 -8.13 14.15
N ARG C 175 -26.54 -8.65 15.33
CA ARG C 175 -25.81 -9.79 15.88
C ARG C 175 -26.52 -11.08 15.52
N PHE C 176 -25.82 -11.94 14.79
CA PHE C 176 -26.34 -13.25 14.41
C PHE C 176 -26.03 -14.25 15.52
N LYS C 177 -27.07 -14.95 15.98
CA LYS C 177 -26.96 -15.86 17.10
C LYS C 177 -26.44 -17.22 16.64
N ALA C 178 -25.79 -17.93 17.57
CA ALA C 178 -25.30 -19.26 17.28
C ALA C 178 -26.47 -20.20 17.03
N LEU C 179 -26.30 -21.10 16.05
CA LEU C 179 -27.36 -22.00 15.61
C LEU C 179 -27.18 -23.33 16.34
N ASP C 180 -27.78 -23.44 17.52
CA ASP C 180 -27.72 -24.66 18.30
C ASP C 180 -28.81 -25.63 17.82
N ALA C 181 -29.06 -26.69 18.59
CA ALA C 181 -30.05 -27.68 18.19
C ALA C 181 -31.45 -27.09 18.18
N SER C 182 -31.76 -26.22 19.14
CA SER C 182 -33.12 -25.74 19.32
C SER C 182 -33.61 -24.98 18.09
N ASN C 183 -32.87 -23.96 17.68
CA ASN C 183 -33.31 -23.05 16.62
C ASN C 183 -32.87 -23.49 15.23
N ALA C 184 -32.22 -24.65 15.09
CA ALA C 184 -31.79 -25.16 13.79
C ALA C 184 -32.22 -26.59 13.52
N ILE C 185 -32.92 -27.22 14.47
CA ILE C 185 -33.37 -28.59 14.25
C ILE C 185 -34.37 -28.65 13.11
N ASP C 186 -35.19 -27.61 12.95
CA ASP C 186 -36.15 -27.59 11.85
C ASP C 186 -35.45 -27.55 10.50
N ARG C 187 -34.44 -26.69 10.37
CA ARG C 187 -33.69 -26.61 9.11
C ARG C 187 -32.93 -27.89 8.85
N LEU C 188 -32.32 -28.48 9.89
CA LEU C 188 -31.59 -29.73 9.70
C LEU C 188 -32.52 -30.86 9.27
N ARG C 189 -33.70 -30.95 9.89
CA ARG C 189 -34.67 -31.96 9.50
C ARG C 189 -35.18 -31.74 8.08
N PHE C 190 -35.38 -30.47 7.69
CA PHE C 190 -35.78 -30.19 6.31
C PHE C 190 -34.70 -30.64 5.33
N ILE C 191 -33.44 -30.34 5.62
CA ILE C 191 -32.35 -30.77 4.74
C ILE C 191 -32.28 -32.29 4.69
N SER C 192 -32.51 -32.96 5.82
CA SER C 192 -32.47 -34.41 5.84
C SER C 192 -33.61 -35.03 5.04
N GLU C 193 -34.81 -34.46 5.13
CA GLU C 193 -35.95 -35.01 4.40
C GLU C 193 -35.82 -34.75 2.91
N GLN C 194 -35.30 -33.57 2.53
CA GLN C 194 -35.13 -33.26 1.12
C GLN C 194 -34.09 -34.16 0.44
N GLU C 195 -33.18 -34.75 1.22
CA GLU C 195 -32.17 -35.64 0.68
C GLU C 195 -32.38 -37.09 1.07
N ASN C 196 -33.51 -37.42 1.70
CA ASN C 196 -33.82 -38.78 2.12
C ASN C 196 -32.71 -39.36 3.01
N VAL C 197 -32.30 -38.57 4.00
CA VAL C 197 -31.25 -38.97 4.93
C VAL C 197 -31.93 -39.75 6.06
N LYS C 198 -31.86 -41.09 5.97
CA LYS C 198 -32.46 -41.95 6.99
C LYS C 198 -31.52 -42.06 8.17
N CYS C 199 -31.88 -41.40 9.27
CA CYS C 199 -31.09 -41.40 10.48
C CYS C 199 -31.94 -41.85 11.67
N ASP C 200 -31.30 -41.93 12.83
CA ASP C 200 -31.97 -42.33 14.06
C ASP C 200 -32.66 -41.13 14.70
N ASP C 201 -33.14 -41.32 15.94
CA ASP C 201 -33.89 -40.28 16.64
C ASP C 201 -33.00 -39.11 17.04
N GLY C 202 -31.89 -39.37 17.73
CA GLY C 202 -31.06 -38.30 18.26
C GLY C 202 -29.80 -38.03 17.47
N VAL C 203 -29.89 -38.08 16.14
CA VAL C 203 -28.71 -37.82 15.32
C VAL C 203 -28.60 -36.34 14.98
N LEU C 204 -29.64 -35.77 14.37
CA LEU C 204 -29.59 -34.38 13.95
C LEU C 204 -29.30 -33.44 15.11
N GLU C 205 -30.05 -33.59 16.21
CA GLU C 205 -29.79 -32.79 17.40
C GLU C 205 -28.36 -32.97 17.90
N ARG C 206 -27.82 -34.18 17.74
CA ARG C 206 -26.42 -34.41 18.11
C ARG C 206 -25.48 -33.69 17.16
N ILE C 207 -25.79 -33.69 15.86
CA ILE C 207 -24.92 -33.07 14.87
C ILE C 207 -24.70 -31.60 15.21
N LEU C 208 -25.79 -30.86 15.42
CA LEU C 208 -25.68 -29.46 15.82
C LEU C 208 -24.95 -29.33 17.15
N ASP C 209 -25.13 -30.31 18.05
CA ASP C 209 -24.39 -30.31 19.30
C ASP C 209 -22.89 -30.37 19.06
N ILE C 210 -22.48 -31.08 18.01
CA ILE C 210 -21.06 -31.10 17.64
C ILE C 210 -20.70 -29.82 16.91
N SER C 211 -21.68 -29.20 16.23
CA SER C 211 -21.42 -28.00 15.45
C SER C 211 -21.13 -26.79 16.34
N ALA C 212 -21.72 -26.73 17.54
CA ALA C 212 -21.53 -25.63 18.48
C ALA C 212 -21.89 -24.29 17.85
N GLY C 213 -23.11 -24.23 17.31
CA GLY C 213 -23.60 -23.02 16.69
C GLY C 213 -23.03 -22.76 15.31
N ASP C 214 -23.14 -23.74 14.42
CA ASP C 214 -22.59 -23.61 13.08
C ASP C 214 -23.38 -24.53 12.15
N LEU C 215 -24.31 -23.95 11.39
CA LEU C 215 -25.14 -24.76 10.50
C LEU C 215 -24.38 -25.28 9.30
N ARG C 216 -23.34 -24.57 8.86
CA ARG C 216 -22.56 -25.03 7.71
C ARG C 216 -21.82 -26.32 8.04
N ARG C 217 -21.15 -26.37 9.20
CA ARG C 217 -20.47 -27.58 9.62
C ARG C 217 -21.46 -28.72 9.86
N GLY C 218 -22.64 -28.42 10.40
CA GLY C 218 -23.64 -29.44 10.59
C GLY C 218 -24.14 -30.01 9.28
N ILE C 219 -24.37 -29.16 8.28
CA ILE C 219 -24.81 -29.64 6.97
C ILE C 219 -23.71 -30.46 6.32
N THR C 220 -22.44 -30.05 6.48
CA THR C 220 -21.34 -30.83 5.94
C THR C 220 -21.25 -32.20 6.59
N LEU C 221 -21.41 -32.26 7.92
CA LEU C 221 -21.39 -33.54 8.61
C LEU C 221 -22.57 -34.41 8.19
N LEU C 222 -23.73 -33.81 7.99
CA LEU C 222 -24.89 -34.58 7.53
C LEU C 222 -24.65 -35.14 6.13
N GLN C 223 -24.04 -34.34 5.24
CA GLN C 223 -23.73 -34.81 3.90
C GLN C 223 -22.72 -35.96 3.94
N SER C 224 -21.71 -35.83 4.79
CA SER C 224 -20.72 -36.90 4.93
C SER C 224 -21.35 -38.18 5.47
N ALA C 225 -22.24 -38.05 6.47
CA ALA C 225 -22.90 -39.23 7.01
C ALA C 225 -23.81 -39.88 5.97
N SER C 226 -24.52 -39.06 5.18
CA SER C 226 -25.36 -39.60 4.12
C SER C 226 -24.54 -40.32 3.06
N LYS C 227 -23.38 -39.76 2.69
CA LYS C 227 -22.53 -40.43 1.73
C LYS C 227 -22.00 -41.75 2.27
N GLY C 228 -21.54 -41.75 3.52
CA GLY C 228 -21.09 -42.97 4.16
C GLY C 228 -22.15 -44.03 4.36
N ALA C 229 -23.40 -43.63 4.52
CA ALA C 229 -24.50 -44.58 4.62
C ALA C 229 -25.01 -45.06 3.26
N GLN C 230 -24.88 -44.23 2.22
CA GLN C 230 -25.25 -44.66 0.87
C GLN C 230 -24.20 -45.55 0.24
N TYR C 231 -22.92 -45.37 0.59
CA TYR C 231 -21.89 -46.27 0.07
C TYR C 231 -22.07 -47.69 0.61
N LEU C 232 -22.44 -47.81 1.89
CA LEU C 232 -22.65 -49.13 2.47
C LEU C 232 -23.84 -49.83 1.83
N GLY C 233 -24.93 -49.09 1.62
CA GLY C 233 -26.11 -49.68 1.01
C GLY C 233 -26.85 -50.68 1.87
N ASP C 234 -26.61 -50.67 3.18
CA ASP C 234 -27.29 -51.62 4.07
C ASP C 234 -28.75 -51.27 4.29
N GLY C 235 -29.16 -50.06 3.98
CA GLY C 235 -30.54 -49.64 4.19
C GLY C 235 -30.88 -49.30 5.63
N LYS C 236 -29.90 -49.28 6.52
CA LYS C 236 -30.13 -48.94 7.91
C LYS C 236 -30.11 -47.42 8.10
N ASN C 237 -30.25 -47.00 9.35
CA ASN C 237 -30.27 -45.58 9.69
C ASN C 237 -28.93 -45.15 10.26
N ILE C 238 -28.58 -43.88 10.03
CA ILE C 238 -27.34 -43.33 10.55
C ILE C 238 -27.42 -43.24 12.08
N THR C 239 -26.33 -43.62 12.74
CA THR C 239 -26.26 -43.62 14.18
C THR C 239 -25.42 -42.43 14.67
N SER C 240 -25.68 -42.04 15.92
CA SER C 240 -24.93 -40.93 16.51
C SER C 240 -23.45 -41.27 16.65
N THR C 241 -23.12 -42.54 16.89
CA THR C 241 -21.73 -42.95 16.97
C THR C 241 -21.01 -42.79 15.63
N GLN C 242 -21.66 -43.20 14.54
CA GLN C 242 -21.07 -43.03 13.22
C GLN C 242 -20.87 -41.55 12.89
N VAL C 243 -21.74 -40.69 13.40
CA VAL C 243 -21.62 -39.26 13.14
C VAL C 243 -20.46 -38.67 13.94
N GLU C 244 -20.39 -38.99 15.24
CA GLU C 244 -19.31 -38.45 16.06
C GLU C 244 -17.96 -39.09 15.75
N GLU C 245 -17.95 -40.20 15.01
CA GLU C 245 -16.68 -40.79 14.60
C GLU C 245 -16.01 -39.94 13.53
N LEU C 246 -16.77 -39.51 12.52
CA LEU C 246 -16.24 -38.71 11.43
C LEU C 246 -16.20 -37.21 11.75
N ALA C 247 -16.75 -36.81 12.89
CA ALA C 247 -16.75 -35.40 13.28
C ALA C 247 -15.52 -34.99 14.07
N GLY C 248 -14.59 -35.92 14.31
CA GLY C 248 -13.40 -35.63 15.07
C GLY C 248 -13.56 -35.68 16.57
N VAL C 249 -14.63 -36.30 17.07
CA VAL C 249 -14.88 -36.38 18.49
C VAL C 249 -14.17 -37.61 19.06
N VAL C 250 -13.44 -37.41 20.14
CA VAL C 250 -12.74 -38.52 20.80
C VAL C 250 -13.78 -39.44 21.44
N PRO C 251 -13.66 -40.76 21.30
CA PRO C 251 -14.60 -41.67 21.96
C PRO C 251 -14.60 -41.49 23.46
N HIS C 252 -15.71 -41.93 24.08
CA HIS C 252 -15.87 -41.75 25.52
C HIS C 252 -14.84 -42.54 26.31
N ASP C 253 -14.52 -43.75 25.84
CA ASP C 253 -13.59 -44.60 26.58
C ASP C 253 -12.18 -44.01 26.55
N ILE C 254 -11.75 -43.46 25.41
CA ILE C 254 -10.44 -42.83 25.33
C ILE C 254 -10.36 -41.62 26.25
N LEU C 255 -11.47 -40.88 26.41
CA LEU C 255 -11.47 -39.75 27.33
C LEU C 255 -11.44 -40.21 28.78
N ILE C 256 -12.15 -41.30 29.09
CA ILE C 256 -12.11 -41.85 30.45
C ILE C 256 -10.71 -42.33 30.78
N GLU C 257 -9.99 -42.88 29.80
CA GLU C 257 -8.59 -43.23 30.04
C GLU C 257 -7.75 -42.01 30.39
N ILE C 258 -8.00 -40.88 29.71
CA ILE C 258 -7.28 -39.66 30.03
C ILE C 258 -7.62 -39.19 31.44
N VAL C 259 -8.90 -39.29 31.83
CA VAL C 259 -9.29 -38.91 33.19
C VAL C 259 -8.60 -39.80 34.22
N GLU C 260 -8.49 -41.09 33.94
CA GLU C 260 -7.79 -41.98 34.86
C GLU C 260 -6.31 -41.65 34.94
N LYS C 261 -5.69 -41.35 33.81
CA LYS C 261 -4.26 -40.99 33.82
C LYS C 261 -4.01 -39.67 34.53
N VAL C 262 -4.96 -38.74 34.47
CA VAL C 262 -4.82 -37.46 35.17
C VAL C 262 -5.04 -37.63 36.67
N LYS C 263 -6.09 -38.35 37.06
CA LYS C 263 -6.38 -38.60 38.46
C LYS C 263 -5.26 -39.38 39.14
N SER C 264 -4.99 -40.59 38.64
CA SER C 264 -3.92 -41.43 39.17
C SER C 264 -2.80 -41.54 38.14
N GLY C 265 -1.60 -41.14 38.54
CA GLY C 265 -0.46 -41.20 37.66
C GLY C 265 0.53 -40.06 37.87
N ASP C 266 1.79 -40.29 37.53
CA ASP C 266 2.85 -39.31 37.70
C ASP C 266 3.14 -38.63 36.37
N PHE C 267 4.20 -37.82 36.34
CA PHE C 267 4.56 -37.09 35.12
C PHE C 267 4.92 -38.04 33.99
N ASP C 268 5.65 -39.11 34.30
CA ASP C 268 6.16 -40.00 33.25
C ASP C 268 5.04 -40.76 32.57
N GLU C 269 4.12 -41.33 33.35
CA GLU C 269 3.00 -42.08 32.76
C GLU C 269 2.11 -41.16 31.94
N ILE C 270 1.83 -39.96 32.45
CA ILE C 270 1.00 -39.00 31.72
C ILE C 270 1.66 -38.60 30.42
N LYS C 271 2.97 -38.34 30.47
CA LYS C 271 3.71 -37.95 29.26
C LYS C 271 3.69 -39.08 28.23
N LYS C 272 3.89 -40.32 28.69
CA LYS C 272 3.86 -41.45 27.76
C LYS C 272 2.49 -41.63 27.14
N TYR C 273 1.43 -41.51 27.94
CA TYR C 273 0.09 -41.66 27.39
C TYR C 273 -0.25 -40.52 26.44
N VAL C 274 0.25 -39.32 26.71
CA VAL C 274 0.02 -38.20 25.80
C VAL C 274 0.75 -38.42 24.48
N ASN C 275 1.99 -38.92 24.56
CA ASN C 275 2.73 -39.22 23.34
C ASN C 275 2.05 -40.31 22.53
N THR C 276 1.45 -41.29 23.20
CA THR C 276 0.70 -42.34 22.50
C THR C 276 -0.60 -41.79 21.90
N PHE C 277 -1.28 -40.90 22.63
CA PHE C 277 -2.55 -40.37 22.17
C PHE C 277 -2.36 -39.42 20.98
N MET C 278 -1.27 -38.68 20.96
CA MET C 278 -1.01 -37.78 19.84
C MET C 278 -0.68 -38.52 18.55
N LYS C 279 -0.39 -39.82 18.62
CA LYS C 279 -0.19 -40.61 17.41
C LYS C 279 -1.49 -40.73 16.63
N SER C 280 -2.58 -41.05 17.33
CA SER C 280 -3.91 -41.02 16.72
C SER C 280 -4.33 -39.57 16.54
N GLY C 281 -4.58 -39.16 15.31
CA GLY C 281 -4.88 -37.77 15.02
C GLY C 281 -6.18 -37.28 15.61
N TRP C 282 -6.10 -36.44 16.65
CA TRP C 282 -7.24 -35.75 17.21
C TRP C 282 -6.92 -34.27 17.37
N SER C 283 -7.92 -33.44 17.10
CA SER C 283 -7.76 -32.00 17.27
C SER C 283 -7.73 -31.66 18.77
N ALA C 284 -6.69 -30.92 19.17
CA ALA C 284 -6.55 -30.56 20.58
C ALA C 284 -7.69 -29.70 21.08
N ALA C 285 -8.30 -28.88 20.22
CA ALA C 285 -9.43 -28.07 20.64
C ALA C 285 -10.61 -28.94 21.05
N SER C 286 -10.88 -30.00 20.28
CA SER C 286 -11.97 -30.90 20.62
C SER C 286 -11.69 -31.65 21.92
N VAL C 287 -10.43 -32.06 22.13
CA VAL C 287 -10.08 -32.75 23.38
C VAL C 287 -10.26 -31.82 24.57
N VAL C 288 -9.82 -30.56 24.42
CA VAL C 288 -9.98 -29.59 25.51
C VAL C 288 -11.45 -29.33 25.78
N ASN C 289 -12.26 -29.24 24.73
CA ASN C 289 -13.69 -29.00 24.91
C ASN C 289 -14.36 -30.18 25.61
N GLN C 290 -14.00 -31.40 25.23
CA GLN C 290 -14.58 -32.58 25.87
C GLN C 290 -14.15 -32.69 27.33
N LEU C 291 -12.87 -32.40 27.61
CA LEU C 291 -12.41 -32.40 28.99
C LEU C 291 -13.13 -31.34 29.82
N HIS C 292 -13.35 -30.17 29.24
CA HIS C 292 -14.09 -29.11 29.94
C HIS C 292 -15.51 -29.55 30.24
N GLU C 293 -16.20 -30.11 29.25
CA GLU C 293 -17.55 -30.59 29.47
C GLU C 293 -17.59 -31.64 30.57
N TYR C 294 -16.67 -32.60 30.53
CA TYR C 294 -16.65 -33.67 31.52
C TYR C 294 -16.39 -33.13 32.92
N TYR C 295 -15.40 -32.23 33.06
CA TYR C 295 -15.01 -31.76 34.38
C TYR C 295 -16.06 -30.82 34.97
N ILE C 296 -16.65 -29.95 34.15
CA ILE C 296 -17.63 -29.01 34.67
C ILE C 296 -18.97 -29.70 34.92
N THR C 297 -19.33 -30.69 34.10
CA THR C 297 -20.61 -31.38 34.23
C THR C 297 -20.61 -32.41 35.36
N ASN C 298 -19.49 -33.07 35.62
CA ASN C 298 -19.43 -34.11 36.63
C ASN C 298 -19.60 -33.49 38.02
N ASP C 299 -20.57 -33.98 38.78
CA ASP C 299 -20.83 -33.50 40.13
C ASP C 299 -20.09 -34.34 41.17
N ASN C 300 -18.77 -34.47 40.99
CA ASN C 300 -17.93 -35.22 41.90
C ASN C 300 -16.63 -34.51 42.25
N PHE C 301 -16.47 -33.24 41.89
CA PHE C 301 -15.26 -32.49 42.14
C PHE C 301 -15.59 -31.25 42.98
N ASP C 302 -14.62 -30.80 43.76
CA ASP C 302 -14.81 -29.64 44.61
C ASP C 302 -14.89 -28.36 43.78
N THR C 303 -15.57 -27.36 44.33
CA THR C 303 -15.70 -26.08 43.65
C THR C 303 -14.34 -25.40 43.49
N ASN C 304 -13.48 -25.54 44.51
CA ASN C 304 -12.13 -25.02 44.40
C ASN C 304 -11.36 -25.68 43.28
N PHE C 305 -11.59 -26.98 43.06
CA PHE C 305 -11.00 -27.67 41.92
C PHE C 305 -11.63 -27.20 40.62
N LYS C 306 -12.92 -26.84 40.67
CA LYS C 306 -13.62 -26.46 39.44
C LYS C 306 -13.19 -25.09 38.94
N ASN C 307 -12.97 -24.14 39.85
CA ASN C 307 -12.42 -22.84 39.43
C ASN C 307 -11.08 -23.02 38.73
N GLN C 308 -10.21 -23.85 39.31
CA GLN C 308 -8.88 -24.04 38.74
C GLN C 308 -8.94 -24.77 37.41
N ILE C 309 -9.79 -25.78 37.29
CA ILE C 309 -9.91 -26.50 36.02
C ILE C 309 -10.47 -25.59 34.95
N SER C 310 -11.44 -24.73 35.31
CA SER C 310 -11.99 -23.80 34.32
C SER C 310 -10.94 -22.80 33.86
N TRP C 311 -10.18 -22.22 34.79
CA TRP C 311 -9.14 -21.27 34.39
C TRP C 311 -8.05 -21.94 33.56
N LEU C 312 -7.67 -23.17 33.90
CA LEU C 312 -6.64 -23.86 33.15
C LEU C 312 -7.12 -24.19 31.73
N LEU C 313 -8.36 -24.64 31.60
CA LEU C 313 -8.91 -24.93 30.28
C LEU C 313 -9.03 -23.65 29.45
N PHE C 314 -9.40 -22.54 30.10
CA PHE C 314 -9.47 -21.26 29.39
C PHE C 314 -8.10 -20.85 28.88
N THR C 315 -7.07 -20.96 29.73
CA THR C 315 -5.72 -20.60 29.31
C THR C 315 -5.24 -21.51 28.18
N THR C 316 -5.54 -22.81 28.28
CA THR C 316 -5.13 -23.74 27.24
C THR C 316 -5.81 -23.43 25.91
N ASP C 317 -7.10 -23.10 25.94
CA ASP C 317 -7.80 -22.75 24.70
C ASP C 317 -7.27 -21.44 24.12
N SER C 318 -6.98 -20.46 24.98
CA SER C 318 -6.45 -19.20 24.50
C SER C 318 -5.06 -19.39 23.87
N ARG C 319 -4.27 -20.31 24.42
CA ARG C 319 -2.96 -20.58 23.84
C ARG C 319 -3.09 -21.36 22.53
N LEU C 320 -4.02 -22.31 22.47
CA LEU C 320 -4.23 -23.08 21.25
C LEU C 320 -4.82 -22.24 20.13
N ASN C 321 -5.53 -21.16 20.45
CA ASN C 321 -6.11 -20.29 19.44
C ASN C 321 -5.08 -19.41 18.73
N ASN C 322 -3.79 -19.62 18.97
CA ASN C 322 -2.74 -18.81 18.37
C ASN C 322 -1.82 -19.59 17.45
N GLY C 323 -2.18 -20.82 17.11
CA GLY C 323 -1.35 -21.62 16.22
C GLY C 323 -0.22 -22.36 16.89
N THR C 324 -0.33 -22.64 18.19
CA THR C 324 0.74 -23.31 18.90
C THR C 324 0.74 -24.82 18.62
N ASN C 325 1.75 -25.50 19.12
CA ASN C 325 1.86 -26.95 18.98
C ASN C 325 0.84 -27.62 19.88
N GLU C 326 0.02 -28.50 19.29
CA GLU C 326 -1.05 -29.13 20.06
C GLU C 326 -0.50 -30.08 21.12
N HIS C 327 0.59 -30.78 20.80
CA HIS C 327 1.15 -31.76 21.73
C HIS C 327 1.64 -31.08 23.01
N ILE C 328 2.43 -30.02 22.87
CA ILE C 328 3.00 -29.36 24.04
C ILE C 328 1.89 -28.76 24.90
N GLN C 329 0.92 -28.10 24.26
CA GLN C 329 -0.16 -27.47 25.01
C GLN C 329 -1.02 -28.51 25.73
N LEU C 330 -1.34 -29.62 25.05
CA LEU C 330 -2.14 -30.67 25.69
C LEU C 330 -1.39 -31.29 26.86
N LEU C 331 -0.09 -31.57 26.68
CA LEU C 331 0.68 -32.14 27.78
C LEU C 331 0.76 -31.18 28.96
N ASN C 332 0.98 -29.89 28.68
CA ASN C 332 1.05 -28.91 29.76
C ASN C 332 -0.29 -28.81 30.49
N LEU C 333 -1.39 -28.82 29.75
CA LEU C 333 -2.71 -28.75 30.37
C LEU C 333 -2.95 -29.96 31.26
N LEU C 334 -2.67 -31.17 30.76
CA LEU C 334 -2.91 -32.37 31.54
C LEU C 334 -2.02 -32.41 32.78
N VAL C 335 -0.77 -31.94 32.66
CA VAL C 335 0.14 -31.93 33.80
C VAL C 335 -0.34 -30.93 34.84
N LYS C 336 -0.78 -29.74 34.39
CA LYS C 336 -1.25 -28.74 35.34
C LYS C 336 -2.51 -29.18 36.06
N ILE C 337 -3.42 -29.85 35.34
CA ILE C 337 -4.64 -30.34 35.99
C ILE C 337 -4.39 -31.61 36.80
N SER C 338 -3.26 -32.27 36.59
CA SER C 338 -2.94 -33.44 37.39
C SER C 338 -2.37 -33.06 38.75
N GLN C 339 -1.76 -31.89 38.86
CA GLN C 339 -1.19 -31.42 40.12
C GLN C 339 -2.28 -30.98 41.08
N LEU C 340 -3.48 -30.77 40.58
CA LEU C 340 -4.60 -30.33 41.41
C LEU C 340 -5.06 -31.45 42.35
N TRP D 4 13.27 -47.81 -0.88
CA TRP D 4 13.05 -46.37 -0.87
C TRP D 4 11.57 -46.05 -0.66
N VAL D 5 11.29 -44.87 -0.10
CA VAL D 5 9.91 -44.47 0.15
C VAL D 5 9.14 -44.33 -1.16
N ASP D 6 9.80 -43.79 -2.18
CA ASP D 6 9.08 -43.47 -3.42
C ASP D 6 8.91 -44.69 -4.32
N LYS D 7 9.83 -45.66 -4.25
CA LYS D 7 9.73 -46.83 -5.11
C LYS D 7 8.53 -47.70 -4.77
N TYR D 8 8.15 -47.73 -3.49
CA TYR D 8 7.02 -48.53 -3.02
C TYR D 8 6.01 -47.61 -2.35
N ARG D 9 5.09 -47.06 -3.14
CA ARG D 9 4.05 -46.17 -2.66
C ARG D 9 2.73 -46.50 -3.33
N PRO D 10 1.64 -46.58 -2.58
CA PRO D 10 0.34 -46.88 -3.19
C PRO D 10 -0.10 -45.79 -4.14
N LYS D 11 -0.76 -46.20 -5.22
CA LYS D 11 -1.26 -45.28 -6.23
C LYS D 11 -2.77 -45.24 -6.33
N SER D 12 -3.49 -46.08 -5.61
CA SER D 12 -4.95 -46.11 -5.63
C SER D 12 -5.46 -46.32 -4.21
N LEU D 13 -6.78 -46.37 -4.07
CA LEU D 13 -7.38 -46.62 -2.76
C LEU D 13 -7.31 -48.09 -2.39
N ASN D 14 -7.35 -48.98 -3.39
CA ASN D 14 -7.23 -50.41 -3.12
C ASN D 14 -5.80 -50.83 -2.82
N ALA D 15 -4.83 -49.93 -2.97
CA ALA D 15 -3.42 -50.23 -2.70
C ALA D 15 -2.99 -49.78 -1.31
N LEU D 16 -3.89 -49.19 -0.53
CA LEU D 16 -3.57 -48.79 0.83
C LEU D 16 -3.51 -50.02 1.74
N SER D 17 -2.66 -49.94 2.76
CA SER D 17 -2.35 -51.10 3.58
C SER D 17 -2.46 -50.81 5.07
N HIS D 18 -3.15 -49.72 5.43
CA HIS D 18 -3.37 -49.39 6.83
C HIS D 18 -4.53 -48.42 6.91
N ASN D 19 -5.15 -48.37 8.10
CA ASN D 19 -6.34 -47.54 8.34
C ASN D 19 -7.46 -47.92 7.35
N GLU D 20 -7.93 -49.17 7.48
CA GLU D 20 -8.96 -49.68 6.58
C GLU D 20 -10.23 -48.85 6.68
N GLU D 21 -10.56 -48.35 7.87
CA GLU D 21 -11.74 -47.51 8.02
C GLU D 21 -11.59 -46.20 7.26
N LEU D 22 -10.36 -45.65 7.25
CA LEU D 22 -10.12 -44.44 6.48
C LEU D 22 -10.19 -44.70 4.99
N THR D 23 -9.70 -45.86 4.54
CA THR D 23 -9.82 -46.21 3.13
C THR D 23 -11.28 -46.38 2.73
N ASN D 24 -12.09 -47.01 3.59
CA ASN D 24 -13.51 -47.15 3.29
C ASN D 24 -14.22 -45.79 3.29
N PHE D 25 -13.83 -44.89 4.20
CA PHE D 25 -14.42 -43.56 4.19
C PHE D 25 -14.05 -42.80 2.93
N LEU D 26 -12.81 -42.96 2.46
CA LEU D 26 -12.39 -42.31 1.22
C LEU D 26 -13.14 -42.88 0.02
N LYS D 27 -13.35 -44.20 0.00
CA LYS D 27 -14.13 -44.80 -1.08
C LYS D 27 -15.57 -44.29 -1.06
N SER D 28 -16.14 -44.17 0.15
CA SER D 28 -17.50 -43.62 0.28
C SER D 28 -17.56 -42.18 -0.24
N LEU D 29 -16.58 -41.36 0.13
CA LEU D 29 -16.52 -39.98 -0.32
C LEU D 29 -16.25 -39.84 -1.81
N SER D 30 -15.61 -40.84 -2.43
CA SER D 30 -15.32 -40.80 -3.85
C SER D 30 -16.34 -41.56 -4.68
N ASP D 31 -17.33 -42.19 -4.05
CA ASP D 31 -18.40 -42.86 -4.79
C ASP D 31 -19.13 -41.86 -5.69
N GLN D 32 -19.57 -40.74 -5.11
CA GLN D 32 -20.18 -39.67 -5.88
C GLN D 32 -19.23 -38.47 -5.89
N PRO D 33 -18.46 -38.28 -6.96
CA PRO D 33 -17.38 -37.28 -6.94
C PRO D 33 -17.78 -35.86 -7.27
N ARG D 34 -18.93 -35.63 -7.92
CA ARG D 34 -19.29 -34.28 -8.33
C ARG D 34 -19.88 -33.46 -7.18
N ASP D 35 -20.65 -34.09 -6.29
CA ASP D 35 -21.20 -33.41 -5.13
C ASP D 35 -20.26 -33.57 -3.92
N LEU D 36 -19.01 -33.20 -4.15
CA LEU D 36 -17.95 -33.35 -3.16
C LEU D 36 -17.57 -31.98 -2.60
N PRO D 37 -17.64 -31.78 -1.29
CA PRO D 37 -17.21 -30.52 -0.70
C PRO D 37 -15.70 -30.48 -0.54
N HIS D 38 -15.21 -29.34 -0.07
CA HIS D 38 -13.79 -29.17 0.17
C HIS D 38 -13.35 -30.06 1.34
N LEU D 39 -12.11 -30.51 1.28
CA LEU D 39 -11.57 -31.45 2.25
C LEU D 39 -10.30 -30.90 2.90
N LEU D 40 -10.10 -31.25 4.17
CA LEU D 40 -8.91 -30.88 4.92
C LEU D 40 -8.40 -32.10 5.64
N LEU D 41 -7.24 -32.60 5.18
CA LEU D 41 -6.60 -33.77 5.78
C LEU D 41 -5.66 -33.31 6.88
N TYR D 42 -5.95 -33.72 8.11
CA TYR D 42 -5.12 -33.34 9.25
C TYR D 42 -4.71 -34.58 10.03
N GLY D 43 -3.53 -34.50 10.65
CA GLY D 43 -2.98 -35.61 11.39
C GLY D 43 -1.48 -35.47 11.54
N PRO D 44 -0.83 -36.47 12.14
CA PRO D 44 0.63 -36.40 12.34
C PRO D 44 1.36 -36.37 11.02
N ASN D 45 2.56 -35.76 11.06
CA ASN D 45 3.41 -35.64 9.89
C ASN D 45 4.09 -36.97 9.60
N GLY D 46 3.95 -37.46 8.38
CA GLY D 46 4.50 -38.74 7.98
C GLY D 46 3.53 -39.89 8.03
N THR D 47 2.23 -39.63 8.17
CA THR D 47 1.23 -40.69 8.24
C THR D 47 0.86 -41.24 6.87
N GLY D 48 0.83 -40.40 5.84
CA GLY D 48 0.45 -40.85 4.51
C GLY D 48 -0.80 -40.19 4.00
N LYS D 49 -1.04 -38.95 4.42
CA LYS D 49 -2.21 -38.20 3.96
C LYS D 49 -2.01 -37.65 2.56
N LYS D 50 -0.79 -37.25 2.21
CA LYS D 50 -0.53 -36.78 0.86
C LYS D 50 -0.61 -37.90 -0.18
N THR D 51 -0.33 -39.14 0.23
CA THR D 51 -0.54 -40.27 -0.68
C THR D 51 -2.02 -40.60 -0.80
N ARG D 52 -2.77 -40.51 0.31
CA ARG D 52 -4.20 -40.79 0.27
C ARG D 52 -4.98 -39.76 -0.51
N CYS D 53 -4.57 -38.49 -0.49
CA CYS D 53 -5.26 -37.48 -1.30
C CYS D 53 -5.06 -37.77 -2.79
N MET D 54 -3.84 -38.14 -3.18
CA MET D 54 -3.59 -38.48 -4.57
C MET D 54 -4.32 -39.76 -4.97
N ALA D 55 -4.42 -40.72 -4.04
CA ALA D 55 -5.19 -41.94 -4.32
C ALA D 55 -6.67 -41.64 -4.48
N LEU D 56 -7.20 -40.70 -3.69
CA LEU D 56 -8.59 -40.28 -3.85
C LEU D 56 -8.81 -39.55 -5.17
N LEU D 57 -7.85 -38.72 -5.59
CA LEU D 57 -7.94 -38.10 -6.90
C LEU D 57 -7.89 -39.15 -8.00
N GLU D 58 -7.12 -40.23 -7.79
CA GLU D 58 -7.06 -41.31 -8.75
C GLU D 58 -8.39 -42.04 -8.85
N SER D 59 -9.23 -41.94 -7.83
CA SER D 59 -10.57 -42.51 -7.90
C SER D 59 -11.57 -41.53 -8.48
N ILE D 60 -11.36 -40.23 -8.24
CA ILE D 60 -12.25 -39.21 -8.81
C ILE D 60 -11.98 -39.03 -10.30
N PHE D 61 -10.72 -39.19 -10.73
CA PHE D 61 -10.36 -39.01 -12.12
C PHE D 61 -9.66 -40.26 -12.65
N GLY D 62 -9.10 -40.18 -13.86
CA GLY D 62 -8.38 -41.29 -14.41
C GLY D 62 -7.01 -41.46 -13.78
N PRO D 63 -6.29 -42.49 -14.24
CA PRO D 63 -4.94 -42.74 -13.70
C PRO D 63 -3.92 -41.70 -14.09
N GLY D 64 -4.24 -40.79 -15.00
CA GLY D 64 -3.33 -39.74 -15.43
C GLY D 64 -3.09 -38.65 -14.41
N VAL D 65 -3.68 -38.75 -13.22
CA VAL D 65 -3.49 -37.74 -12.19
C VAL D 65 -2.06 -37.69 -11.68
N TYR D 66 -1.34 -38.82 -11.72
CA TYR D 66 0.05 -38.87 -11.27
C TYR D 66 1.03 -38.34 -12.31
N ARG D 67 0.67 -38.38 -13.59
CA ARG D 67 1.49 -37.78 -14.63
C ARG D 67 1.33 -36.27 -14.55
N LEU D 68 2.23 -35.63 -13.79
CA LEU D 68 2.14 -34.20 -13.52
C LEU D 68 3.41 -33.50 -13.99
N LYS D 69 3.35 -32.18 -14.02
CA LYS D 69 4.46 -31.38 -14.51
C LYS D 69 4.64 -30.15 -13.62
N ILE D 70 5.87 -29.63 -13.58
CA ILE D 70 6.20 -28.46 -12.79
C ILE D 70 6.37 -27.27 -13.73
N ASP D 71 5.57 -26.23 -13.51
CA ASP D 71 5.66 -24.99 -14.27
C ASP D 71 6.01 -23.85 -13.31
N VAL D 72 6.15 -22.64 -13.86
CA VAL D 72 6.51 -21.46 -13.09
C VAL D 72 5.51 -20.34 -13.41
N ARG D 73 5.18 -19.55 -12.39
CA ARG D 73 4.31 -18.40 -12.55
C ARG D 73 4.87 -17.23 -11.76
N GLN D 74 4.84 -16.05 -12.38
CA GLN D 74 5.39 -14.85 -11.80
C GLN D 74 4.28 -13.93 -11.31
N PHE D 75 4.53 -13.22 -10.22
CA PHE D 75 3.55 -12.29 -9.66
C PHE D 75 4.25 -10.99 -9.31
N VAL D 76 3.47 -9.91 -9.32
CA VAL D 76 3.96 -8.57 -8.99
C VAL D 76 3.20 -8.07 -7.76
N THR D 77 3.96 -7.77 -6.72
CA THR D 77 3.38 -7.17 -5.52
C THR D 77 3.30 -5.69 -5.80
N ALA D 78 3.33 -4.84 -4.76
CA ALA D 78 3.37 -3.39 -5.01
C ALA D 78 4.66 -3.11 -5.79
N SER D 79 5.77 -3.70 -5.33
CA SER D 79 7.04 -3.55 -6.05
C SER D 79 6.98 -4.38 -7.33
N ASN D 80 7.80 -4.06 -8.33
CA ASN D 80 7.85 -4.90 -9.55
C ASN D 80 8.48 -6.24 -9.17
N ARG D 81 8.95 -6.36 -7.93
CA ARG D 81 9.48 -7.66 -7.46
C ARG D 81 8.57 -8.76 -8.02
N LYS D 82 9.14 -9.70 -8.77
CA LYS D 82 8.31 -10.75 -9.41
C LYS D 82 8.25 -12.01 -8.56
N LEU D 83 7.60 -11.96 -7.39
CA LEU D 83 7.40 -13.21 -6.66
C LEU D 83 7.43 -14.37 -7.65
N GLU D 84 8.36 -15.30 -7.45
CA GLU D 84 8.52 -16.47 -8.29
C GLU D 84 7.99 -17.68 -7.55
N LEU D 85 7.00 -18.35 -8.14
CA LEU D 85 6.37 -19.51 -7.52
C LEU D 85 6.22 -20.62 -8.56
N ASN D 86 6.70 -21.81 -8.21
CA ASN D 86 6.52 -22.98 -9.05
C ASN D 86 5.23 -23.71 -8.68
N VAL D 87 4.57 -24.23 -9.72
CA VAL D 87 3.26 -24.87 -9.59
C VAL D 87 3.35 -26.30 -10.10
N VAL D 88 2.78 -27.22 -9.32
CA VAL D 88 2.63 -28.61 -9.72
C VAL D 88 1.25 -28.77 -10.33
N SER D 89 1.21 -29.10 -11.62
CA SER D 89 -0.04 -29.12 -12.36
C SER D 89 -0.24 -30.49 -12.99
N SER D 90 -1.51 -30.84 -13.18
CA SER D 90 -1.92 -32.11 -13.77
C SER D 90 -3.14 -31.86 -14.64
N PRO D 91 -3.39 -32.68 -15.66
CA PRO D 91 -4.58 -32.48 -16.50
C PRO D 91 -5.90 -32.61 -15.76
N TYR D 92 -5.88 -32.91 -14.46
CA TYR D 92 -7.10 -33.00 -13.66
C TYR D 92 -7.04 -32.22 -12.36
N HIS D 93 -5.87 -31.78 -11.91
CA HIS D 93 -5.75 -31.06 -10.65
C HIS D 93 -4.46 -30.26 -10.67
N LEU D 94 -4.30 -29.42 -9.64
CA LEU D 94 -3.09 -28.61 -9.48
C LEU D 94 -2.77 -28.48 -8.00
N GLU D 95 -1.49 -28.33 -7.70
CA GLU D 95 -0.99 -28.27 -6.33
C GLU D 95 -0.22 -26.98 -6.11
N ILE D 96 -0.56 -26.25 -5.05
CA ILE D 96 0.14 -25.04 -4.66
C ILE D 96 0.64 -25.19 -3.23
N THR D 97 1.82 -24.66 -2.98
CA THR D 97 2.44 -24.69 -1.65
C THR D 97 2.79 -23.27 -1.25
N PRO D 98 1.90 -22.59 -0.52
CA PRO D 98 2.18 -21.19 -0.15
C PRO D 98 3.25 -21.06 0.92
N SER D 99 3.84 -22.18 1.33
CA SER D 99 4.91 -22.17 2.32
C SER D 99 6.28 -21.89 1.72
N ASP D 100 6.33 -21.46 0.46
CA ASP D 100 7.60 -21.20 -0.22
C ASP D 100 7.95 -19.73 -0.28
N MET D 101 7.25 -18.87 0.46
CA MET D 101 7.50 -17.44 0.44
C MET D 101 7.18 -16.87 1.81
N GLY D 102 7.27 -15.54 1.92
CA GLY D 102 7.02 -14.85 3.16
C GLY D 102 5.56 -14.45 3.35
N ASN D 103 5.32 -13.17 3.59
CA ASN D 103 3.97 -12.66 3.82
C ASN D 103 3.19 -12.43 2.54
N ASN D 104 3.67 -12.92 1.39
CA ASN D 104 3.01 -12.74 0.11
C ASN D 104 2.16 -13.94 -0.28
N ASP D 105 1.64 -14.68 0.71
CA ASP D 105 0.78 -15.81 0.41
C ASP D 105 -0.58 -15.37 -0.11
N ARG D 106 -1.09 -14.25 0.39
CA ARG D 106 -2.43 -13.79 0.01
C ARG D 106 -2.50 -13.47 -1.47
N ILE D 107 -1.48 -12.79 -2.00
CA ILE D 107 -1.48 -12.40 -3.41
C ILE D 107 -1.53 -13.63 -4.30
N VAL D 108 -0.58 -14.56 -4.10
CA VAL D 108 -0.55 -15.78 -4.91
C VAL D 108 -1.87 -16.53 -4.79
N ILE D 109 -2.34 -16.73 -3.56
CA ILE D 109 -3.59 -17.47 -3.34
C ILE D 109 -4.72 -16.85 -4.15
N GLN D 110 -5.01 -15.56 -3.90
CA GLN D 110 -6.16 -14.94 -4.53
C GLN D 110 -6.04 -14.92 -6.06
N GLU D 111 -4.90 -14.45 -6.58
CA GLU D 111 -4.75 -14.31 -8.03
C GLU D 111 -4.79 -15.67 -8.72
N LEU D 112 -3.98 -16.63 -8.26
CA LEU D 112 -3.95 -17.92 -8.93
C LEU D 112 -5.29 -18.63 -8.85
N LEU D 113 -5.94 -18.60 -7.67
CA LEU D 113 -7.22 -19.31 -7.54
C LEU D 113 -8.29 -18.64 -8.38
N LYS D 114 -8.27 -17.30 -8.48
CA LYS D 114 -9.24 -16.62 -9.33
C LYS D 114 -9.01 -16.93 -10.81
N GLU D 115 -7.75 -17.03 -11.23
CA GLU D 115 -7.46 -17.39 -12.62
C GLU D 115 -7.93 -18.82 -12.92
N VAL D 116 -7.69 -19.75 -11.99
CA VAL D 116 -8.09 -21.13 -12.24
C VAL D 116 -9.61 -21.27 -12.19
N ALA D 117 -10.27 -20.47 -11.35
CA ALA D 117 -11.72 -20.54 -11.24
C ALA D 117 -12.44 -19.84 -12.39
N GLN D 118 -11.82 -18.83 -13.00
CA GLN D 118 -12.47 -18.13 -14.10
C GLN D 118 -12.32 -18.91 -15.41
N MET D 119 -11.26 -19.71 -15.52
CA MET D 119 -11.03 -20.50 -16.73
C MET D 119 -12.04 -21.64 -16.81
N GLU D 120 -12.55 -22.07 -15.66
CA GLU D 120 -13.47 -23.20 -15.63
C GLU D 120 -14.91 -22.72 -15.42
N HIS D 133 -13.59 -34.71 -14.01
CA HIS D 133 -15.00 -34.59 -14.37
C HIS D 133 -15.31 -33.19 -14.91
N ARG D 134 -15.93 -32.36 -14.07
CA ARG D 134 -16.29 -31.00 -14.45
C ARG D 134 -15.50 -29.93 -13.74
N TYR D 135 -14.90 -30.23 -12.59
CA TYR D 135 -14.13 -29.27 -11.82
C TYR D 135 -12.66 -29.70 -11.79
N LYS D 136 -11.81 -28.76 -11.39
CA LYS D 136 -10.37 -28.98 -11.28
C LYS D 136 -9.98 -28.91 -9.80
N CYS D 137 -9.37 -29.97 -9.30
CA CYS D 137 -9.03 -30.03 -7.88
C CYS D 137 -7.79 -29.19 -7.58
N VAL D 138 -7.75 -28.67 -6.35
CA VAL D 138 -6.66 -27.84 -5.87
C VAL D 138 -6.14 -28.43 -4.58
N ILE D 139 -4.83 -28.66 -4.51
CA ILE D 139 -4.19 -29.23 -3.33
C ILE D 139 -3.30 -28.15 -2.70
N ILE D 140 -3.71 -27.65 -1.55
CA ILE D 140 -2.94 -26.66 -0.81
C ILE D 140 -2.06 -27.41 0.18
N ASN D 141 -0.75 -27.45 -0.08
CA ASN D 141 0.19 -28.16 0.75
C ASN D 141 0.66 -27.28 1.90
N GLU D 142 0.73 -27.88 3.10
CA GLU D 142 1.17 -27.18 4.31
C GLU D 142 0.33 -25.91 4.56
N ALA D 143 -0.96 -26.13 4.82
CA ALA D 143 -1.87 -25.01 5.07
C ALA D 143 -1.58 -24.30 6.38
N ASN D 144 -0.73 -24.86 7.23
CA ASN D 144 -0.39 -24.20 8.50
C ASN D 144 0.45 -22.94 8.29
N SER D 145 1.25 -22.90 7.23
CA SER D 145 2.07 -21.73 6.93
C SER D 145 1.26 -20.59 6.31
N LEU D 146 0.02 -20.85 5.91
CA LEU D 146 -0.84 -19.82 5.36
C LEU D 146 -1.11 -18.74 6.40
N THR D 147 -0.73 -17.51 6.09
CA THR D 147 -0.99 -16.38 6.98
C THR D 147 -2.49 -16.17 7.14
N LYS D 148 -2.85 -15.47 8.23
CA LYS D 148 -4.26 -15.25 8.52
C LYS D 148 -4.93 -14.42 7.43
N ASP D 149 -4.18 -13.50 6.81
CA ASP D 149 -4.75 -12.70 5.73
C ASP D 149 -5.01 -13.55 4.49
N ALA D 150 -4.09 -14.46 4.16
CA ALA D 150 -4.31 -15.37 3.04
C ALA D 150 -5.50 -16.29 3.30
N GLN D 151 -5.64 -16.77 4.54
CA GLN D 151 -6.78 -17.60 4.88
C GLN D 151 -8.09 -16.82 4.78
N ALA D 152 -8.06 -15.55 5.21
CA ALA D 152 -9.26 -14.71 5.08
C ALA D 152 -9.60 -14.47 3.61
N ALA D 153 -8.59 -14.29 2.77
CA ALA D 153 -8.83 -14.12 1.34
C ALA D 153 -9.41 -15.39 0.72
N LEU D 154 -8.91 -16.56 1.15
CA LEU D 154 -9.42 -17.83 0.64
C LEU D 154 -10.80 -18.15 1.19
N ARG D 155 -11.19 -17.53 2.32
CA ARG D 155 -12.48 -17.81 2.92
C ARG D 155 -13.63 -17.62 1.94
N ARG D 156 -13.69 -16.47 1.27
CA ARG D 156 -14.76 -16.21 0.32
C ARG D 156 -14.53 -16.85 -1.05
N THR D 157 -13.26 -17.09 -1.42
CA THR D 157 -12.99 -17.78 -2.68
C THR D 157 -13.44 -19.23 -2.62
N MET D 158 -13.43 -19.84 -1.42
CA MET D 158 -13.91 -21.21 -1.28
C MET D 158 -15.39 -21.31 -1.55
N GLU D 159 -16.16 -20.26 -1.23
CA GLU D 159 -17.60 -20.31 -1.35
C GLU D 159 -18.12 -19.73 -2.66
N LYS D 160 -17.47 -18.70 -3.20
CA LYS D 160 -17.96 -18.07 -4.43
C LYS D 160 -17.83 -19.01 -5.62
N TYR D 161 -16.73 -19.74 -5.71
CA TYR D 161 -16.48 -20.69 -6.80
C TYR D 161 -16.44 -22.09 -6.20
N SER D 162 -17.62 -22.72 -6.09
CA SER D 162 -17.75 -24.06 -5.55
C SER D 162 -18.11 -25.09 -6.60
N LYS D 163 -18.40 -24.67 -7.83
CA LYS D 163 -18.73 -25.57 -8.92
C LYS D 163 -17.57 -25.80 -9.88
N ASN D 164 -16.46 -25.11 -9.68
CA ASN D 164 -15.29 -25.24 -10.55
C ASN D 164 -13.99 -25.54 -9.80
N ILE D 165 -13.90 -25.18 -8.52
CA ILE D 165 -12.68 -25.34 -7.74
C ILE D 165 -13.04 -26.02 -6.43
N ARG D 166 -12.42 -27.16 -6.16
CA ARG D 166 -12.55 -27.86 -4.89
C ARG D 166 -11.17 -27.98 -4.24
N LEU D 167 -11.08 -27.59 -2.98
CA LEU D 167 -9.81 -27.52 -2.27
C LEU D 167 -9.60 -28.79 -1.46
N ILE D 168 -8.38 -29.33 -1.51
CA ILE D 168 -7.95 -30.43 -0.68
C ILE D 168 -6.70 -29.97 0.07
N MET D 169 -6.89 -29.46 1.27
CA MET D 169 -5.82 -28.85 2.05
C MET D 169 -5.19 -29.89 2.96
N VAL D 170 -3.87 -30.10 2.79
CA VAL D 170 -3.11 -31.05 3.60
C VAL D 170 -2.35 -30.27 4.66
N CYS D 171 -2.57 -30.65 5.93
CA CYS D 171 -1.90 -29.99 7.04
C CYS D 171 -1.61 -31.01 8.12
N ASP D 172 -0.78 -30.62 9.08
CA ASP D 172 -0.40 -31.48 10.19
C ASP D 172 -1.11 -31.14 11.49
N SER D 173 -1.74 -29.97 11.59
CA SER D 173 -2.43 -29.56 12.81
C SER D 173 -3.37 -28.42 12.48
N MET D 174 -4.65 -28.56 12.84
CA MET D 174 -5.63 -27.53 12.57
C MET D 174 -5.56 -26.35 13.54
N SER D 175 -4.56 -26.28 14.39
CA SER D 175 -4.45 -25.22 15.39
C SER D 175 -4.30 -23.84 14.74
N PRO D 176 -3.41 -23.63 13.78
CA PRO D 176 -3.32 -22.30 13.14
C PRO D 176 -4.38 -22.02 12.09
N ILE D 177 -5.19 -23.02 11.71
CA ILE D 177 -6.24 -22.82 10.72
C ILE D 177 -7.41 -22.09 11.39
N ILE D 178 -7.90 -21.04 10.73
CA ILE D 178 -9.00 -20.27 11.30
C ILE D 178 -10.29 -21.09 11.27
N ALA D 179 -11.23 -20.69 12.12
CA ALA D 179 -12.52 -21.36 12.27
C ALA D 179 -13.38 -21.29 11.00
N PRO D 180 -13.45 -20.15 10.29
CA PRO D 180 -14.21 -20.13 9.04
C PRO D 180 -13.73 -21.15 8.01
N ILE D 181 -12.41 -21.27 7.83
CA ILE D 181 -11.89 -22.26 6.89
C ILE D 181 -12.21 -23.66 7.37
N LYS D 182 -12.08 -23.91 8.68
CA LYS D 182 -12.44 -25.21 9.24
C LYS D 182 -13.87 -25.57 8.93
N SER D 183 -14.79 -24.59 9.06
CA SER D 183 -16.20 -24.85 8.79
C SER D 183 -16.46 -25.02 7.31
N ARG D 184 -15.68 -24.34 6.45
CA ARG D 184 -15.95 -24.35 5.02
C ARG D 184 -15.51 -25.63 4.33
N CYS D 185 -14.89 -26.57 5.04
CA CYS D 185 -14.46 -27.83 4.44
C CYS D 185 -14.66 -28.96 5.43
N LEU D 186 -14.88 -30.16 4.87
CA LEU D 186 -14.91 -31.37 5.69
C LEU D 186 -13.54 -31.60 6.31
N LEU D 187 -13.52 -32.20 7.50
CA LEU D 187 -12.28 -32.46 8.22
C LEU D 187 -12.08 -33.97 8.28
N ILE D 188 -10.92 -34.44 7.80
CA ILE D 188 -10.60 -35.86 7.78
C ILE D 188 -9.32 -36.07 8.57
N ARG D 189 -9.41 -36.86 9.63
CA ARG D 189 -8.25 -37.15 10.47
C ARG D 189 -7.55 -38.41 9.96
N CYS D 190 -6.22 -38.36 9.95
CA CYS D 190 -5.40 -39.49 9.52
C CYS D 190 -4.54 -39.95 10.69
N PRO D 191 -4.99 -40.91 11.50
CA PRO D 191 -4.19 -41.37 12.63
C PRO D 191 -2.96 -42.14 12.15
N ALA D 192 -1.86 -41.97 12.89
CA ALA D 192 -0.62 -42.64 12.54
C ALA D 192 -0.81 -44.16 12.60
N PRO D 193 -0.23 -44.89 11.66
CA PRO D 193 -0.40 -46.34 11.64
C PRO D 193 0.25 -47.01 12.85
N SER D 194 -0.35 -48.10 13.28
CA SER D 194 0.17 -48.85 14.41
C SER D 194 1.53 -49.45 14.09
N ASP D 195 2.28 -49.80 15.13
CA ASP D 195 3.60 -50.38 14.96
C ASP D 195 3.52 -51.70 14.19
N SER D 196 2.41 -52.44 14.35
CA SER D 196 2.27 -53.70 13.63
C SER D 196 2.14 -53.48 12.12
N GLU D 197 1.35 -52.49 11.70
CA GLU D 197 1.20 -52.20 10.28
C GLU D 197 2.52 -51.70 9.68
N ILE D 198 3.24 -50.86 10.43
CA ILE D 198 4.55 -50.40 10.00
C ILE D 198 5.50 -51.58 9.83
N SER D 199 5.44 -52.53 10.77
CA SER D 199 6.30 -53.72 10.69
C SER D 199 5.94 -54.56 9.47
N THR D 200 4.64 -54.72 9.20
CA THR D 200 4.24 -55.50 8.03
C THR D 200 4.67 -54.82 6.74
N ILE D 201 4.61 -53.49 6.69
CA ILE D 201 5.06 -52.77 5.50
C ILE D 201 6.56 -52.91 5.33
N LEU D 202 7.32 -52.76 6.41
CA LEU D 202 8.76 -52.95 6.34
C LEU D 202 9.13 -54.37 5.93
N SER D 203 8.32 -55.35 6.33
CA SER D 203 8.57 -56.73 5.90
C SER D 203 8.46 -56.87 4.40
N ASP D 204 7.37 -56.37 3.81
CA ASP D 204 7.23 -56.43 2.36
C ASP D 204 8.35 -55.66 1.67
N VAL D 205 8.77 -54.54 2.25
CA VAL D 205 9.84 -53.76 1.64
C VAL D 205 11.16 -54.53 1.65
N VAL D 206 11.49 -55.18 2.77
CA VAL D 206 12.76 -55.87 2.86
C VAL D 206 12.74 -57.16 2.04
N THR D 207 11.57 -57.78 1.87
CA THR D 207 11.50 -58.94 0.98
C THR D 207 11.54 -58.53 -0.48
N ASN D 208 11.07 -57.32 -0.81
CA ASN D 208 11.18 -56.84 -2.18
C ASN D 208 12.54 -56.23 -2.48
N GLU D 209 13.13 -55.51 -1.51
CA GLU D 209 14.47 -54.97 -1.69
C GLU D 209 15.57 -55.97 -1.37
N ARG D 210 15.21 -57.20 -1.00
CA ARG D 210 16.16 -58.29 -0.74
C ARG D 210 17.13 -57.93 0.38
N ILE D 211 16.56 -57.62 1.54
CA ILE D 211 17.35 -57.38 2.74
C ILE D 211 17.39 -58.67 3.55
N GLN D 212 18.44 -58.85 4.36
CA GLN D 212 18.62 -60.05 5.16
C GLN D 212 18.36 -59.71 6.62
N LEU D 213 17.31 -60.31 7.19
CA LEU D 213 16.93 -60.09 8.58
C LEU D 213 17.23 -61.36 9.37
N GLU D 214 18.11 -61.25 10.37
CA GLU D 214 18.37 -62.39 11.24
C GLU D 214 17.17 -62.65 12.14
N THR D 215 16.53 -61.60 12.64
CA THR D 215 15.33 -61.72 13.46
C THR D 215 14.37 -60.60 13.08
N LYS D 216 13.08 -60.93 12.98
CA LYS D 216 12.09 -59.99 12.49
C LYS D 216 11.83 -58.83 13.45
N ASP D 217 12.02 -59.05 14.76
CA ASP D 217 11.67 -58.06 15.77
C ASP D 217 12.34 -56.71 15.55
N ILE D 218 13.50 -56.68 14.89
CA ILE D 218 14.18 -55.41 14.60
C ILE D 218 13.23 -54.45 13.89
N LEU D 219 12.43 -54.97 12.95
CA LEU D 219 11.45 -54.13 12.27
C LEU D 219 10.54 -53.44 13.26
N LYS D 220 10.01 -54.20 14.23
CA LYS D 220 9.21 -53.60 15.29
C LYS D 220 9.95 -52.45 15.97
N ARG D 221 11.23 -52.67 16.29
CA ARG D 221 12.00 -51.61 16.94
C ARG D 221 12.06 -50.36 16.06
N ILE D 222 12.16 -50.55 14.75
CA ILE D 222 12.14 -49.41 13.84
C ILE D 222 10.88 -48.60 14.05
N ALA D 223 9.73 -49.27 14.13
CA ALA D 223 8.48 -48.58 14.44
C ALA D 223 8.58 -47.87 15.78
N GLN D 224 9.13 -48.55 16.79
CA GLN D 224 9.29 -47.94 18.10
C GLN D 224 10.28 -46.77 18.08
N ALA D 225 11.06 -46.63 17.02
CA ALA D 225 11.94 -45.48 16.88
C ALA D 225 11.38 -44.40 15.97
N SER D 226 10.23 -44.65 15.34
CA SER D 226 9.66 -43.71 14.39
C SER D 226 8.47 -42.94 14.92
N ASN D 227 7.81 -43.45 15.97
CA ASN D 227 6.65 -42.79 16.57
C ASN D 227 5.51 -42.62 15.56
N GLY D 228 5.21 -43.70 14.85
CA GLY D 228 4.14 -43.72 13.87
C GLY D 228 4.50 -43.18 12.50
N ASN D 229 5.67 -42.54 12.36
CA ASN D 229 6.07 -42.00 11.08
C ASN D 229 6.51 -43.11 10.14
N LEU D 230 5.81 -43.24 9.01
CA LEU D 230 6.21 -44.21 7.99
C LEU D 230 7.31 -43.66 7.10
N ARG D 231 7.22 -42.36 6.76
CA ARG D 231 8.26 -41.73 5.95
C ARG D 231 9.61 -41.80 6.64
N VAL D 232 9.62 -41.56 7.96
CA VAL D 232 10.87 -41.66 8.70
C VAL D 232 11.27 -43.12 8.88
N SER D 233 10.30 -44.01 9.04
CA SER D 233 10.60 -45.43 9.27
C SER D 233 11.31 -46.05 8.08
N LEU D 234 10.75 -45.86 6.88
CA LEU D 234 11.35 -46.46 5.69
C LEU D 234 12.72 -45.84 5.41
N LEU D 235 12.84 -44.53 5.58
CA LEU D 235 14.12 -43.87 5.33
C LEU D 235 15.19 -44.35 6.30
N MET D 236 14.84 -44.52 7.58
CA MET D 236 15.79 -45.01 8.56
C MET D 236 16.15 -46.47 8.29
N LEU D 237 15.17 -47.28 7.88
CA LEU D 237 15.45 -48.68 7.52
C LEU D 237 16.44 -48.74 6.37
N GLU D 238 16.23 -47.91 5.35
CA GLU D 238 17.15 -47.91 4.20
C GLU D 238 18.52 -47.34 4.57
N SER D 239 18.55 -46.36 5.48
CA SER D 239 19.83 -45.80 5.89
C SER D 239 20.66 -46.79 6.70
N MET D 240 20.01 -47.56 7.58
CA MET D 240 20.70 -48.59 8.34
C MET D 240 20.96 -49.85 7.52
N ALA D 241 20.24 -50.04 6.42
CA ALA D 241 20.55 -51.14 5.51
C ALA D 241 21.82 -50.89 4.71
N LEU D 242 22.19 -49.63 4.50
CA LEU D 242 23.43 -49.31 3.81
C LEU D 242 24.65 -49.41 4.73
N ASN D 243 24.45 -49.23 6.04
CA ASN D 243 25.54 -49.38 6.99
C ASN D 243 25.85 -50.83 7.31
N ASN D 244 24.82 -51.69 7.32
CA ASN D 244 24.98 -53.11 7.55
C ASN D 244 25.21 -53.89 6.26
N GLU D 245 25.36 -53.19 5.14
CA GLU D 245 25.63 -53.79 3.82
C GLU D 245 24.52 -54.79 3.44
N LEU D 246 23.30 -54.27 3.41
CA LEU D 246 22.12 -55.01 2.94
C LEU D 246 21.83 -56.27 3.75
N ALA D 247 22.31 -56.32 5.00
CA ALA D 247 22.11 -57.48 5.88
C ALA D 247 21.99 -56.98 7.31
N LEU D 248 20.74 -56.81 7.76
CA LEU D 248 20.51 -56.32 9.11
C LEU D 248 20.67 -57.46 10.12
N LYS D 249 21.45 -57.22 11.16
CA LYS D 249 21.69 -58.22 12.19
C LYS D 249 20.71 -58.03 13.35
N SER D 250 20.95 -58.76 14.43
CA SER D 250 20.08 -58.70 15.61
C SER D 250 20.28 -57.45 16.44
N SER D 251 21.43 -56.79 16.34
CA SER D 251 21.73 -55.61 17.14
C SER D 251 22.23 -54.49 16.25
N SER D 252 21.55 -54.25 15.13
CA SER D 252 21.94 -53.17 14.24
C SER D 252 21.62 -51.82 14.90
N PRO D 253 22.57 -50.89 14.90
CA PRO D 253 22.33 -49.59 15.54
C PRO D 253 21.25 -48.81 14.81
N ILE D 254 20.59 -47.95 15.57
CA ILE D 254 19.52 -47.10 15.05
C ILE D 254 20.13 -45.82 14.52
N ILE D 255 19.85 -45.52 13.25
CA ILE D 255 20.39 -44.33 12.59
C ILE D 255 19.51 -43.14 12.94
N LYS D 256 20.05 -42.20 13.71
CA LYS D 256 19.34 -40.99 14.08
C LYS D 256 19.84 -39.80 13.28
N PRO D 257 18.95 -38.87 12.91
CA PRO D 257 19.38 -37.69 12.18
C PRO D 257 20.38 -36.85 12.98
N ASP D 258 21.11 -35.99 12.27
CA ASP D 258 22.15 -35.19 12.90
C ASP D 258 21.56 -34.17 13.85
N TRP D 259 20.47 -33.51 13.46
CA TRP D 259 19.89 -32.48 14.31
C TRP D 259 19.34 -33.05 15.61
N ILE D 260 18.85 -34.29 15.58
CA ILE D 260 18.39 -34.93 16.82
C ILE D 260 19.56 -35.17 17.76
N ILE D 261 20.71 -35.56 17.21
CA ILE D 261 21.90 -35.75 18.05
C ILE D 261 22.38 -34.42 18.61
N VAL D 262 22.31 -33.36 17.81
CA VAL D 262 22.68 -32.04 18.28
C VAL D 262 21.76 -31.59 19.42
N ILE D 263 20.47 -31.84 19.28
CA ILE D 263 19.52 -31.47 20.32
C ILE D 263 19.77 -32.28 21.58
N HIS D 264 20.08 -33.57 21.43
CA HIS D 264 20.37 -34.41 22.61
C HIS D 264 21.61 -33.92 23.33
N LYS D 265 22.66 -33.57 22.58
CA LYS D 265 23.86 -33.01 23.20
C LYS D 265 23.56 -31.68 23.87
N LEU D 266 22.66 -30.89 23.27
CA LEU D 266 22.25 -29.62 23.88
C LEU D 266 21.55 -29.85 25.22
N THR D 267 20.68 -30.86 25.29
CA THR D 267 20.01 -31.16 26.55
C THR D 267 21.00 -31.69 27.59
N ARG D 268 21.97 -32.49 27.15
CA ARG D 268 23.01 -32.94 28.07
C ARG D 268 23.78 -31.76 28.63
N LYS D 269 24.16 -30.81 27.77
CA LYS D 269 24.82 -29.59 28.23
C LYS D 269 23.93 -28.79 29.18
N ILE D 270 22.62 -28.75 28.91
CA ILE D 270 21.70 -28.02 29.77
C ILE D 270 21.66 -28.63 31.16
N VAL D 271 21.43 -29.94 31.24
CA VAL D 271 21.32 -30.58 32.55
C VAL D 271 22.67 -30.68 33.25
N LYS D 272 23.77 -30.56 32.51
CA LYS D 272 25.09 -30.65 33.14
C LYS D 272 25.52 -29.30 33.72
N GLU D 273 25.42 -28.24 32.93
CA GLU D 273 25.85 -26.91 33.36
C GLU D 273 24.70 -25.92 33.16
N ARG D 274 24.47 -25.09 34.17
CA ARG D 274 23.45 -24.05 34.12
C ARG D 274 24.12 -22.73 34.47
N SER D 275 24.56 -22.01 33.44
CA SER D 275 25.25 -20.73 33.65
C SER D 275 25.14 -19.91 32.37
N VAL D 276 25.63 -18.68 32.45
CA VAL D 276 25.59 -17.77 31.30
C VAL D 276 26.65 -18.17 30.28
N ASN D 277 27.81 -18.63 30.75
CA ASN D 277 28.85 -19.09 29.85
C ASN D 277 28.37 -20.26 29.01
N SER D 278 27.59 -21.16 29.62
CA SER D 278 26.96 -22.24 28.85
C SER D 278 25.80 -21.71 28.02
N LEU D 279 25.16 -20.63 28.46
CA LEU D 279 24.09 -20.04 27.66
C LEU D 279 24.61 -19.47 26.35
N ILE D 280 25.85 -18.98 26.36
CA ILE D 280 26.45 -18.47 25.12
C ILE D 280 26.62 -19.59 24.10
N GLU D 281 27.17 -20.73 24.52
CA GLU D 281 27.35 -21.84 23.59
C GLU D 281 26.01 -22.47 23.22
N CYS D 282 25.03 -22.39 24.11
CA CYS D 282 23.68 -22.81 23.75
C CYS D 282 23.10 -21.93 22.66
N ARG D 283 23.28 -20.62 22.75
CA ARG D 283 22.85 -19.72 21.69
C ARG D 283 23.58 -20.00 20.39
N ALA D 284 24.88 -20.32 20.49
CA ALA D 284 25.64 -20.67 19.30
C ALA D 284 25.09 -21.94 18.63
N VAL D 285 24.77 -22.95 19.44
CA VAL D 285 24.19 -24.18 18.91
C VAL D 285 22.84 -23.90 18.27
N LEU D 286 22.04 -23.06 18.91
CA LEU D 286 20.74 -22.69 18.34
C LEU D 286 20.91 -21.98 17.00
N TYR D 287 21.89 -21.08 16.91
CA TYR D 287 22.16 -20.40 15.65
C TYR D 287 22.59 -21.38 14.57
N ASP D 288 23.49 -22.31 14.91
CA ASP D 288 23.94 -23.30 13.94
C ASP D 288 22.81 -24.21 13.49
N LEU D 289 21.85 -24.48 14.39
CA LEU D 289 20.71 -25.32 14.01
C LEU D 289 19.73 -24.54 13.13
N LEU D 290 19.49 -23.27 13.44
CA LEU D 290 18.53 -22.48 12.68
C LEU D 290 19.08 -22.14 11.30
N ALA D 291 20.39 -21.98 11.18
CA ALA D 291 20.98 -21.59 9.90
C ALA D 291 20.95 -22.71 8.87
N HIS D 292 20.64 -23.94 9.27
CA HIS D 292 20.66 -25.10 8.37
C HIS D 292 19.25 -25.62 8.09
N CYS D 293 18.29 -24.71 7.93
CA CYS D 293 16.94 -25.03 7.47
C CYS D 293 16.22 -25.97 8.43
N ILE D 294 16.26 -25.63 9.72
CA ILE D 294 15.58 -26.39 10.75
C ILE D 294 14.60 -25.44 11.45
N PRO D 295 13.29 -25.71 11.40
CA PRO D 295 12.33 -24.81 12.04
C PRO D 295 12.53 -24.76 13.55
N ALA D 296 12.13 -23.63 14.13
CA ALA D 296 12.36 -23.42 15.55
C ALA D 296 11.29 -24.09 16.40
N ASN D 297 10.08 -24.25 15.86
CA ASN D 297 9.04 -24.95 16.61
C ASN D 297 9.39 -26.41 16.81
N ILE D 298 9.90 -27.08 15.77
CA ILE D 298 10.33 -28.46 15.91
C ILE D 298 11.53 -28.55 16.85
N ILE D 299 12.43 -27.58 16.78
CA ILE D 299 13.58 -27.55 17.69
C ILE D 299 13.11 -27.48 19.12
N LEU D 300 12.17 -26.57 19.41
CA LEU D 300 11.65 -26.43 20.77
C LEU D 300 10.93 -27.69 21.22
N LYS D 301 10.12 -28.28 20.33
CA LYS D 301 9.40 -29.49 20.68
C LYS D 301 10.36 -30.63 21.04
N GLU D 302 11.34 -30.88 20.18
CA GLU D 302 12.29 -31.95 20.44
C GLU D 302 13.13 -31.67 21.69
N LEU D 303 13.59 -30.42 21.86
CA LEU D 303 14.35 -30.04 23.03
C LEU D 303 13.58 -30.27 24.32
N THR D 304 12.31 -29.83 24.37
CA THR D 304 11.50 -30.03 25.57
C THR D 304 11.24 -31.51 25.82
N PHE D 305 10.88 -32.27 24.76
CA PHE D 305 10.54 -33.67 24.95
C PHE D 305 11.74 -34.48 25.41
N SER D 306 12.94 -34.14 24.90
CA SER D 306 14.13 -34.86 25.32
C SER D 306 14.69 -34.35 26.64
N LEU D 307 14.32 -33.13 27.04
CA LEU D 307 14.65 -32.66 28.38
C LEU D 307 13.77 -33.31 29.44
N LEU D 308 12.50 -33.57 29.11
CA LEU D 308 11.62 -34.28 30.04
C LEU D 308 12.10 -35.71 30.25
N ASP D 309 12.82 -36.27 29.27
CA ASP D 309 13.31 -37.64 29.40
C ASP D 309 14.50 -37.75 30.33
N VAL D 310 15.07 -36.62 30.75
CA VAL D 310 16.23 -36.63 31.66
C VAL D 310 15.77 -37.16 33.01
N GLU D 311 16.30 -38.32 33.42
CA GLU D 311 15.91 -38.94 34.68
C GLU D 311 16.48 -38.22 35.89
N THR D 312 17.43 -37.29 35.71
CA THR D 312 17.99 -36.59 36.86
C THR D 312 17.00 -35.60 37.46
N LEU D 313 16.08 -35.08 36.65
CA LEU D 313 15.10 -34.11 37.11
C LEU D 313 13.92 -34.81 37.77
N ASN D 314 13.14 -34.02 38.52
CA ASN D 314 11.96 -34.51 39.21
C ASN D 314 10.70 -33.91 38.58
N THR D 315 9.55 -34.26 39.16
CA THR D 315 8.28 -33.79 38.64
C THR D 315 8.16 -32.27 38.73
N THR D 316 8.71 -31.69 39.81
CA THR D 316 8.67 -30.24 39.97
C THR D 316 9.44 -29.53 38.85
N ASN D 317 10.55 -30.11 38.41
CA ASN D 317 11.31 -29.52 37.32
C ASN D 317 10.61 -29.73 35.98
N LYS D 318 10.05 -30.92 35.77
CA LYS D 318 9.43 -31.23 34.48
C LYS D 318 8.15 -30.41 34.26
N SER D 319 7.39 -30.16 35.33
CA SER D 319 6.19 -29.34 35.20
C SER D 319 6.54 -27.92 34.81
N SER D 320 7.54 -27.33 35.48
CA SER D 320 7.99 -25.99 35.11
C SER D 320 8.54 -25.97 33.70
N ILE D 321 9.25 -27.03 33.30
CA ILE D 321 9.80 -27.09 31.95
C ILE D 321 8.69 -27.10 30.91
N ILE D 322 7.66 -27.91 31.13
CA ILE D 322 6.58 -27.98 30.15
C ILE D 322 5.77 -26.67 30.13
N GLU D 323 5.62 -26.03 31.29
CA GLU D 323 4.93 -24.74 31.32
C GLU D 323 5.71 -23.67 30.55
N TYR D 324 7.02 -23.59 30.80
CA TYR D 324 7.84 -22.64 30.06
C TYR D 324 7.87 -22.94 28.57
N SER D 325 7.85 -24.22 28.19
CA SER D 325 7.86 -24.57 26.78
C SER D 325 6.55 -24.15 26.12
N SER D 326 5.42 -24.33 26.80
CA SER D 326 4.15 -23.86 26.24
C SER D 326 4.14 -22.35 26.11
N VAL D 327 4.62 -21.65 27.14
CA VAL D 327 4.64 -20.18 27.10
C VAL D 327 5.50 -19.69 25.93
N PHE D 328 6.72 -20.22 25.81
CA PHE D 328 7.61 -19.79 24.74
C PHE D 328 7.18 -20.31 23.37
N ASP D 329 6.40 -21.38 23.31
CA ASP D 329 5.81 -21.79 22.04
C ASP D 329 4.77 -20.77 21.59
N GLU D 330 3.95 -20.29 22.53
CA GLU D 330 3.05 -19.19 22.21
C GLU D 330 3.82 -17.95 21.77
N ARG D 331 4.91 -17.64 22.47
CA ARG D 331 5.74 -16.50 22.10
C ARG D 331 6.28 -16.64 20.67
N LEU D 332 6.79 -17.83 20.34
CA LEU D 332 7.35 -18.06 19.01
C LEU D 332 6.27 -18.02 17.94
N SER D 333 5.07 -18.53 18.24
CA SER D 333 3.96 -18.42 17.30
C SER D 333 3.47 -16.99 17.14
N LEU D 334 3.74 -16.13 18.12
CA LEU D 334 3.39 -14.72 18.01
C LEU D 334 4.55 -13.84 17.58
N GLY D 335 5.77 -14.38 17.49
CA GLY D 335 6.93 -13.63 17.10
C GLY D 335 7.51 -14.09 15.77
N ASN D 336 8.59 -13.41 15.35
CA ASN D 336 9.24 -13.74 14.10
C ASN D 336 10.72 -14.04 14.32
N LYS D 337 11.35 -13.38 15.29
CA LYS D 337 12.73 -13.67 15.65
C LYS D 337 12.72 -14.89 16.58
N ALA D 338 12.91 -16.06 15.97
CA ALA D 338 12.72 -17.31 16.69
C ALA D 338 13.76 -17.53 17.77
N ILE D 339 15.01 -17.14 17.50
CA ILE D 339 16.07 -17.33 18.49
C ILE D 339 15.80 -16.46 19.72
N PHE D 340 15.13 -15.32 19.54
CA PHE D 340 14.80 -14.46 20.67
C PHE D 340 13.90 -15.18 21.68
N HIS D 341 13.11 -16.15 21.23
CA HIS D 341 12.26 -16.94 22.12
C HIS D 341 12.97 -18.23 22.56
N LEU D 342 13.76 -18.83 21.66
CA LEU D 342 14.46 -20.05 22.01
C LEU D 342 15.47 -19.82 23.12
N GLU D 343 16.26 -18.74 23.02
CA GLU D 343 17.23 -18.42 24.08
C GLU D 343 16.52 -18.10 25.38
N GLY D 344 15.38 -17.42 25.31
CA GLY D 344 14.62 -17.14 26.52
C GLY D 344 14.12 -18.40 27.20
N PHE D 345 13.61 -19.35 26.41
CA PHE D 345 13.16 -20.62 26.97
C PHE D 345 14.32 -21.38 27.58
N ILE D 346 15.48 -21.37 26.92
CA ILE D 346 16.65 -22.06 27.44
C ILE D 346 17.09 -21.43 28.76
N ALA D 347 17.07 -20.09 28.83
CA ALA D 347 17.46 -19.42 30.07
C ALA D 347 16.48 -19.70 31.18
N LYS D 348 15.18 -19.76 30.86
CA LYS D 348 14.18 -20.08 31.88
C LYS D 348 14.34 -21.52 32.38
N VAL D 349 14.69 -22.45 31.49
CA VAL D 349 14.93 -23.83 31.90
C VAL D 349 16.17 -23.91 32.78
N MET D 350 17.22 -23.16 32.42
CA MET D 350 18.43 -23.11 33.24
C MET D 350 18.12 -22.56 34.63
N CYS D 351 17.28 -21.53 34.69
CA CYS D 351 16.89 -20.97 35.98
C CYS D 351 16.03 -21.94 36.78
N CYS D 352 15.23 -22.76 36.10
CA CYS D 352 14.39 -23.73 36.80
C CYS D 352 15.24 -24.82 37.45
N LEU D 353 16.16 -25.40 36.70
CA LEU D 353 17.02 -26.47 37.21
C LEU D 353 18.04 -25.92 38.20
N ASN E 1 42.78 14.40 17.94
CA ASN E 1 41.64 14.37 18.91
C ASN E 1 40.58 15.40 18.49
N THR E 2 39.64 14.99 17.63
CA THR E 2 38.52 15.90 17.23
C THR E 2 37.21 15.28 17.70
N TRP E 3 36.47 15.98 18.57
CA TRP E 3 35.20 15.44 19.13
C TRP E 3 34.35 16.58 19.70
N ALA E 4 34.94 17.76 19.87
CA ALA E 4 34.21 18.91 20.46
C ALA E 4 33.01 19.26 19.59
N SER E 5 33.23 19.41 18.28
CA SER E 5 32.12 19.75 17.35
C SER E 5 31.08 18.62 17.35
N SER E 6 31.51 17.37 17.55
CA SER E 6 30.57 16.22 17.61
C SER E 6 29.69 16.36 18.85
N ASN E 7 30.29 16.63 20.00
CA ASN E 7 29.50 16.85 21.25
C ASN E 7 28.55 18.02 20.98
N LYS E 8 28.99 18.97 20.16
CA LYS E 8 28.18 20.17 19.84
C LYS E 8 26.95 19.86 18.98
N ASP E 9 27.07 18.98 17.97
CA ASP E 9 25.88 18.81 17.08
C ASP E 9 25.49 17.35 16.79
N SER E 10 26.29 16.36 17.20
CA SER E 10 25.99 14.95 16.80
C SER E 10 25.45 14.15 17.99
N PRO E 11 24.58 13.14 17.77
CA PRO E 11 23.98 12.36 18.86
C PRO E 11 24.94 11.28 19.41
N ILE E 12 24.39 10.21 19.98
CA ILE E 12 25.24 9.14 20.59
C ILE E 12 25.19 7.89 19.72
N SER E 13 26.31 7.56 19.05
CA SER E 13 26.36 6.32 18.24
C SER E 13 25.57 5.22 18.96
N TRP E 14 24.71 4.49 18.24
CA TRP E 14 23.89 3.53 18.98
C TRP E 14 24.76 2.58 19.81
N PHE E 15 25.97 2.23 19.32
CA PHE E 15 26.96 1.44 20.08
C PHE E 15 27.36 2.07 21.41
N LYS E 16 27.54 3.40 21.43
CA LYS E 16 27.89 4.12 22.65
C LYS E 16 26.74 4.08 23.64
N ILE E 17 25.50 4.21 23.16
CA ILE E 17 24.30 4.04 23.99
C ILE E 17 24.22 2.61 24.54
N VAL E 18 24.49 1.57 23.74
CA VAL E 18 24.49 0.19 24.27
C VAL E 18 25.52 0.02 25.39
N ASN E 19 26.74 0.50 25.21
CA ASN E 19 27.76 0.42 26.27
C ASN E 19 27.37 1.26 27.51
N GLN E 20 26.71 2.40 27.31
CA GLN E 20 26.18 3.21 28.41
C GLN E 20 25.01 2.52 29.14
N LEU E 21 24.17 1.77 28.44
CA LEU E 21 23.07 0.99 29.04
C LEU E 21 23.59 -0.09 30.01
N PHE E 22 24.79 -0.63 29.81
CA PHE E 22 25.38 -1.61 30.75
C PHE E 22 26.25 -1.00 31.86
N ARG E 23 26.46 0.32 31.84
CA ARG E 23 27.28 1.05 32.83
C ARG E 23 26.40 1.74 33.85
N LYS E 24 26.78 1.62 35.12
CA LYS E 24 26.22 2.44 36.20
C LYS E 24 27.31 3.30 36.80
N ASP E 25 27.07 4.61 36.84
CA ASP E 25 27.96 5.53 37.54
C ASP E 25 27.59 5.54 39.03
N PRO E 26 28.54 5.24 39.95
CA PRO E 26 28.25 5.20 41.38
C PRO E 26 28.04 6.59 42.00
N HIS E 27 28.40 7.67 41.29
CA HIS E 27 28.38 9.04 41.81
C HIS E 27 27.15 9.86 41.43
N ARG E 28 26.24 9.30 40.61
CA ARG E 28 25.03 9.98 40.13
C ARG E 28 23.78 9.23 40.57
N ASP E 29 22.67 9.94 40.73
CA ASP E 29 21.39 9.31 41.04
C ASP E 29 20.95 8.39 39.88
N ILE E 30 20.52 7.18 40.24
CA ILE E 30 20.10 6.16 39.25
C ILE E 30 18.93 6.67 38.41
N LYS E 31 18.04 7.48 38.99
CA LYS E 31 16.90 8.08 38.30
C LYS E 31 17.34 9.10 37.25
N GLU E 32 18.30 9.96 37.57
CA GLU E 32 18.84 10.94 36.62
C GLU E 32 19.53 10.25 35.46
N GLN E 33 20.35 9.21 35.75
CA GLN E 33 20.97 8.38 34.72
C GLN E 33 19.91 7.71 33.82
N PHE E 34 18.82 7.20 34.41
CA PHE E 34 17.73 6.58 33.66
C PHE E 34 17.04 7.56 32.71
N TYR E 35 16.70 8.78 33.16
CA TYR E 35 16.09 9.79 32.31
C TYR E 35 17.04 10.31 31.22
N GLU E 36 18.33 10.45 31.51
CA GLU E 36 19.34 10.82 30.52
C GLU E 36 19.44 9.74 29.42
N LEU E 37 19.49 8.46 29.81
CA LEU E 37 19.52 7.34 28.86
C LEU E 37 18.23 7.23 28.06
N LEU E 38 17.06 7.43 28.67
CA LEU E 38 15.77 7.44 27.96
C LEU E 38 15.77 8.50 26.86
N ASN E 39 16.16 9.74 27.18
CA ASN E 39 16.25 10.82 26.20
C ASN E 39 17.22 10.49 25.06
N GLN E 40 18.37 9.87 25.35
CA GLN E 40 19.33 9.46 24.33
C GLN E 40 18.79 8.36 23.41
N VAL E 41 18.05 7.38 23.97
CA VAL E 41 17.42 6.30 23.19
C VAL E 41 16.30 6.86 22.30
N GLU E 42 15.47 7.77 22.83
CA GLU E 42 14.38 8.41 22.08
C GLU E 42 14.91 9.30 20.94
N LEU E 43 15.92 10.13 21.20
CA LEU E 43 16.53 11.01 20.20
C LEU E 43 17.16 10.24 19.03
N ASN E 44 17.65 9.02 19.27
CA ASN E 44 18.28 8.22 18.24
C ASN E 44 17.28 7.60 17.24
N GLY E 45 16.01 7.43 17.63
CA GLY E 45 14.94 6.85 16.80
C GLY E 45 15.15 5.38 16.34
N ASN E 46 16.32 4.79 16.60
CA ASN E 46 16.72 3.44 16.19
C ASN E 46 16.73 2.46 17.37
N SER E 47 15.60 2.35 18.09
CA SER E 47 15.46 1.49 19.27
C SER E 47 15.75 0.02 18.98
N ASP E 48 15.34 -0.47 17.81
CA ASP E 48 15.59 -1.83 17.33
C ASP E 48 17.10 -2.15 17.30
N ARG E 49 17.92 -1.35 16.63
CA ARG E 49 19.38 -1.57 16.57
C ARG E 49 20.04 -1.53 17.95
N ILE E 50 19.59 -0.63 18.82
CA ILE E 50 20.09 -0.54 20.21
C ILE E 50 19.78 -1.85 20.94
N LEU E 51 18.55 -2.36 20.81
CA LEU E 51 18.12 -3.60 21.44
C LEU E 51 18.90 -4.81 20.91
N GLN E 52 19.09 -4.91 19.61
CA GLN E 52 19.91 -5.96 18.97
C GLN E 52 21.35 -5.91 19.48
N GLY E 53 21.88 -4.71 19.67
CA GLY E 53 23.16 -4.49 20.33
C GLY E 53 23.17 -5.00 21.76
N CYS E 54 22.16 -4.67 22.56
CA CYS E 54 21.99 -5.16 23.93
C CYS E 54 21.91 -6.69 23.97
N PHE E 55 21.17 -7.30 23.03
CA PHE E 55 21.01 -8.75 22.90
C PHE E 55 22.34 -9.46 22.59
N ASN E 56 23.18 -8.88 21.74
CA ASN E 56 24.49 -9.46 21.43
C ASN E 56 25.50 -9.29 22.58
N ILE E 57 25.37 -8.20 23.37
CA ILE E 57 26.34 -7.83 24.42
C ILE E 57 26.04 -8.53 25.75
N PHE E 58 24.77 -8.68 26.14
CA PHE E 58 24.43 -9.16 27.50
C PHE E 58 25.09 -10.47 27.94
N PRO E 59 25.38 -11.48 27.09
CA PRO E 59 26.04 -12.70 27.53
C PRO E 59 27.50 -12.50 27.92
N TYR E 60 28.15 -11.46 27.39
CA TYR E 60 29.57 -11.16 27.62
C TYR E 60 29.78 -10.14 28.76
N VAL E 61 28.71 -9.48 29.19
CA VAL E 61 28.72 -8.50 30.26
C VAL E 61 28.84 -9.17 31.62
N LYS E 62 29.56 -8.55 32.54
CA LYS E 62 29.62 -9.01 33.93
C LYS E 62 28.37 -8.53 34.66
N TYR E 63 27.60 -9.46 35.21
CA TYR E 63 26.43 -9.06 36.03
C TYR E 63 26.35 -9.99 37.24
N SER E 64 26.35 -9.44 38.45
CA SER E 64 26.19 -10.31 39.64
C SER E 64 25.17 -11.39 39.30
N ASP E 65 25.59 -12.66 39.27
CA ASP E 65 24.67 -13.73 38.82
C ASP E 65 24.23 -14.60 40.00
N ASN E 66 22.93 -14.81 40.16
CA ASN E 66 22.41 -15.71 41.23
C ASN E 66 22.08 -17.07 40.60
N GLY E 67 21.25 -17.07 39.56
CA GLY E 67 20.92 -18.31 38.84
C GLY E 67 20.67 -18.02 37.38
N ILE E 68 21.17 -16.88 36.90
CA ILE E 68 20.95 -16.46 35.48
C ILE E 68 19.43 -16.33 35.25
N ARG E 69 18.68 -15.80 36.22
CA ARG E 69 17.24 -15.54 36.01
C ARG E 69 17.15 -14.24 35.22
N LYS E 70 17.77 -13.15 35.71
CA LYS E 70 17.88 -11.91 34.93
C LYS E 70 17.73 -12.16 33.43
N PRO E 71 18.42 -13.14 32.81
CA PRO E 71 18.21 -13.46 31.39
C PRO E 71 16.78 -13.95 31.11
N ALA E 72 16.16 -14.73 31.99
CA ALA E 72 14.77 -15.18 31.82
C ALA E 72 13.76 -14.02 31.82
N ASN E 73 13.92 -13.05 32.73
CA ASN E 73 13.06 -11.87 32.72
C ASN E 73 13.21 -11.07 31.42
N ILE E 74 14.43 -11.01 30.87
CA ILE E 74 14.71 -10.23 29.67
C ILE E 74 14.23 -10.93 28.41
N SER E 75 14.17 -12.26 28.37
CA SER E 75 13.53 -12.96 27.25
C SER E 75 12.06 -12.57 27.09
N ASP E 76 11.33 -12.34 28.19
CA ASP E 76 9.94 -11.88 28.12
C ASP E 76 9.83 -10.45 27.56
N TRP E 77 10.74 -9.57 27.98
CA TRP E 77 10.74 -8.21 27.36
C TRP E 77 11.05 -8.37 25.87
N LEU E 78 12.16 -9.03 25.53
CA LEU E 78 12.55 -9.18 24.13
C LEU E 78 11.39 -9.73 23.30
N PHE E 79 10.64 -10.70 23.81
CA PHE E 79 9.44 -11.21 23.16
C PHE E 79 8.37 -10.11 23.04
N PHE E 80 8.18 -9.29 24.06
CA PHE E 80 7.31 -8.12 24.00
C PHE E 80 7.75 -7.15 22.90
N HIS E 81 9.05 -6.87 22.77
CA HIS E 81 9.57 -6.04 21.69
C HIS E 81 9.28 -6.64 20.31
N ASP E 82 9.46 -7.94 20.11
CA ASP E 82 9.21 -8.59 18.83
C ASP E 82 7.73 -8.50 18.42
N LEU E 83 6.79 -8.68 19.37
CA LEU E 83 5.36 -8.48 19.12
C LEU E 83 5.06 -7.03 18.75
N MET E 84 5.65 -6.07 19.47
CA MET E 84 5.50 -4.65 19.20
C MET E 84 6.03 -4.29 17.82
N TYR E 85 7.21 -4.78 17.45
CA TYR E 85 7.83 -4.55 16.14
C TYR E 85 7.00 -5.17 14.99
N GLN E 86 6.43 -6.36 15.17
CA GLN E 86 5.50 -6.95 14.20
C GLN E 86 4.24 -6.09 14.04
N SER E 87 3.69 -5.58 15.15
CA SER E 87 2.49 -4.73 15.13
C SER E 87 2.72 -3.37 14.47
N MET E 88 3.96 -2.85 14.45
CA MET E 88 4.30 -1.59 13.78
C MET E 88 4.04 -1.62 12.27
N TYR E 89 4.13 -2.78 11.62
CA TYR E 89 3.81 -2.91 10.19
C TYR E 89 2.30 -3.08 9.93
N ALA E 90 1.53 -3.48 10.95
CA ALA E 90 0.09 -3.68 10.86
C ALA E 90 -0.72 -2.45 11.29
N HIS E 91 -0.23 -1.69 12.27
CA HIS E 91 -0.93 -0.56 12.89
C HIS E 91 -0.13 0.74 12.77
N ASN E 92 -0.85 1.87 12.68
CA ASN E 92 -0.28 3.21 12.72
C ASN E 92 0.62 3.34 13.97
N GLY E 93 1.86 3.83 13.80
CA GLY E 93 2.98 3.74 14.74
C GLY E 93 2.87 4.40 16.12
N GLU E 94 1.68 4.48 16.73
CA GLU E 94 1.44 4.97 18.09
C GLU E 94 2.24 4.17 19.15
N LEU E 95 2.43 2.88 18.88
CA LEU E 95 3.18 1.94 19.72
C LEU E 95 4.70 2.22 19.77
N LEU E 96 5.22 3.06 18.86
CA LEU E 96 6.66 3.38 18.78
C LEU E 96 7.21 3.98 20.09
N ARG E 97 6.37 4.70 20.86
CA ARG E 97 6.77 5.32 22.13
C ARG E 97 7.22 4.31 23.18
N TYR E 98 6.65 3.11 23.17
CA TYR E 98 7.02 2.05 24.12
C TYR E 98 8.30 1.32 23.72
N SER E 99 8.78 1.48 22.47
CA SER E 99 9.99 0.80 21.99
C SER E 99 11.26 1.22 22.74
N ALA E 100 11.32 2.47 23.22
CA ALA E 100 12.46 3.00 23.98
C ALA E 100 12.56 2.42 25.41
N LEU E 101 11.48 1.86 25.95
CA LEU E 101 11.45 1.29 27.30
C LEU E 101 12.20 -0.04 27.39
N VAL E 102 12.16 -0.87 26.34
CA VAL E 102 12.77 -2.21 26.37
C VAL E 102 14.29 -2.15 26.53
N PRO E 103 15.04 -1.30 25.80
CA PRO E 103 16.47 -1.09 26.06
C PRO E 103 16.78 -0.65 27.49
N LEU E 104 15.91 0.12 28.14
CA LEU E 104 16.13 0.60 29.51
C LEU E 104 15.99 -0.50 30.57
N VAL E 105 15.25 -1.58 30.26
CA VAL E 105 15.20 -2.76 31.12
C VAL E 105 16.60 -3.39 31.26
N PHE E 106 17.44 -3.34 30.21
CA PHE E 106 18.83 -3.80 30.28
C PHE E 106 19.64 -2.97 31.29
N PHE E 107 19.46 -1.65 31.33
CA PHE E 107 20.11 -0.80 32.31
C PHE E 107 19.71 -1.14 33.74
N GLN E 108 18.42 -1.39 33.98
CA GLN E 108 17.94 -1.77 35.30
C GLN E 108 18.50 -3.13 35.75
N THR E 109 18.47 -4.14 34.87
CA THR E 109 18.78 -5.55 35.19
C THR E 109 20.28 -5.88 35.16
N PHE E 110 20.99 -5.42 34.14
CA PHE E 110 22.39 -5.75 33.85
C PHE E 110 23.37 -4.60 34.05
N GLY E 111 22.90 -3.37 34.26
CA GLY E 111 23.81 -2.27 34.55
C GLY E 111 24.61 -2.53 35.82
N ASP E 112 25.94 -2.50 35.72
CA ASP E 112 26.88 -2.73 36.82
C ASP E 112 28.09 -1.78 36.71
N ILE E 113 28.71 -1.46 37.83
CA ILE E 113 29.90 -0.61 37.96
C ILE E 113 31.14 -1.34 37.38
N ALA E 114 31.09 -2.67 37.31
CA ALA E 114 32.17 -3.51 36.77
C ALA E 114 32.39 -3.32 35.26
N ASN E 115 31.40 -2.82 34.52
CA ASN E 115 31.41 -2.77 33.06
C ASN E 115 32.11 -1.52 32.51
N LYS E 116 33.38 -1.29 32.88
CA LYS E 116 34.12 -0.09 32.49
C LYS E 116 34.68 -0.11 31.07
N ASP E 117 34.87 -1.29 30.49
CA ASP E 117 35.44 -1.46 29.16
C ASP E 117 34.34 -1.50 28.11
N ASP E 118 34.57 -0.84 26.96
CA ASP E 118 33.63 -0.88 25.84
C ASP E 118 33.76 -2.23 25.11
N ILE E 119 32.65 -2.96 25.01
CA ILE E 119 32.62 -4.21 24.26
C ILE E 119 32.30 -3.87 22.80
N ARG E 120 33.20 -4.21 21.87
CA ARG E 120 32.83 -3.95 20.44
C ARG E 120 31.75 -4.95 20.02
N MET E 121 31.01 -4.65 18.93
CA MET E 121 29.89 -5.54 18.52
C MET E 121 29.88 -5.74 17.00
N LYS E 122 28.97 -6.60 16.50
CA LYS E 122 28.87 -6.89 15.05
C LYS E 122 27.41 -7.13 14.69
N ASN E 123 27.12 -7.61 13.47
CA ASN E 123 25.73 -7.83 13.02
C ASN E 123 25.55 -9.28 12.55
N SER E 124 25.55 -10.24 13.49
CA SER E 124 25.38 -11.66 13.14
C SER E 124 24.03 -11.89 12.45
N GLU E 125 23.04 -11.05 12.77
CA GLU E 125 21.70 -11.25 12.22
C GLU E 125 21.58 -11.02 10.72
N TYR E 126 22.22 -9.97 10.19
CA TYR E 126 22.19 -9.75 8.75
C TYR E 126 22.87 -10.92 8.02
N GLU E 127 24.01 -11.39 8.53
CA GLU E 127 24.69 -12.55 7.98
C GLU E 127 23.84 -13.82 8.08
N GLN E 128 23.19 -14.05 9.23
CA GLN E 128 22.26 -15.16 9.41
C GLN E 128 21.03 -15.05 8.51
N ARG E 129 20.51 -13.85 8.26
CA ARG E 129 19.36 -13.61 7.38
C ARG E 129 19.72 -13.87 5.92
N GLU E 130 20.88 -13.38 5.48
CA GLU E 130 21.39 -13.65 4.14
C GLU E 130 21.69 -15.15 3.95
N LEU E 131 22.28 -15.80 4.95
CA LEU E 131 22.52 -17.25 4.92
C LEU E 131 21.20 -18.05 4.90
N LYS E 132 20.22 -17.67 5.72
CA LYS E 132 18.88 -18.27 5.75
C LYS E 132 18.17 -18.09 4.41
N ARG E 133 18.32 -16.93 3.78
CA ARG E 133 17.79 -16.66 2.44
C ARG E 133 18.46 -17.56 1.41
N ALA E 134 19.79 -17.61 1.37
CA ALA E 134 20.53 -18.48 0.47
C ALA E 134 20.15 -19.97 0.64
N ASN E 135 20.07 -20.45 1.87
CA ASN E 135 19.65 -21.83 2.17
C ASN E 135 18.19 -22.08 1.76
N SER E 136 17.29 -21.13 2.02
CA SER E 136 15.90 -21.23 1.58
C SER E 136 15.80 -21.27 0.05
N ASP E 137 16.64 -20.52 -0.66
CA ASP E 137 16.64 -20.49 -2.12
C ASP E 137 17.15 -21.83 -2.69
N ILE E 138 18.23 -22.39 -2.11
CA ILE E 138 18.72 -23.74 -2.44
C ILE E 138 17.62 -24.78 -2.23
N VAL E 139 16.96 -24.76 -1.06
CA VAL E 139 15.87 -25.69 -0.74
C VAL E 139 14.69 -25.53 -1.69
N SER E 140 14.33 -24.28 -2.03
CA SER E 140 13.25 -24.02 -2.98
C SER E 140 13.56 -24.55 -4.38
N LEU E 141 14.82 -24.49 -4.79
CA LEU E 141 15.30 -25.03 -6.05
C LEU E 141 15.26 -26.57 -6.04
N ILE E 142 15.71 -27.22 -4.96
CA ILE E 142 15.60 -28.69 -4.81
C ILE E 142 14.12 -29.12 -4.85
N MET E 143 13.24 -28.40 -4.13
CA MET E 143 11.80 -28.71 -4.12
C MET E 143 11.18 -28.59 -5.53
N ARG E 144 11.60 -27.59 -6.32
CA ARG E 144 11.20 -27.46 -7.72
C ARG E 144 11.73 -28.61 -8.58
N HIS E 145 12.98 -29.02 -8.39
CA HIS E 145 13.56 -30.16 -9.10
C HIS E 145 12.81 -31.48 -8.82
N ILE E 146 12.46 -31.72 -7.55
CA ILE E 146 11.64 -32.88 -7.14
C ILE E 146 10.25 -32.82 -7.81
N SER E 147 9.63 -31.64 -7.84
CA SER E 147 8.32 -31.45 -8.49
C SER E 147 8.34 -31.78 -9.99
N VAL E 148 9.45 -31.52 -10.68
CA VAL E 148 9.59 -31.77 -12.12
C VAL E 148 9.88 -33.24 -12.43
N GLN E 149 10.67 -33.90 -11.58
CA GLN E 149 11.01 -35.32 -11.79
C GLN E 149 10.04 -36.20 -11.01
N SER E 150 10.21 -36.28 -9.69
CA SER E 150 9.35 -37.16 -8.85
C SER E 150 7.91 -36.64 -8.87
N PRO E 151 6.98 -37.31 -9.59
CA PRO E 151 5.61 -36.82 -9.69
C PRO E 151 4.93 -36.93 -8.33
N LEU E 152 5.21 -38.02 -7.60
CA LEU E 152 4.51 -38.25 -6.30
C LEU E 152 5.36 -37.75 -5.12
N MET E 153 6.70 -37.78 -5.24
CA MET E 153 7.49 -37.41 -4.06
C MET E 153 7.13 -36.00 -3.61
N ALA E 154 6.92 -35.09 -4.56
CA ALA E 154 6.62 -33.69 -4.27
C ALA E 154 5.36 -33.51 -3.41
N SER E 155 4.36 -34.39 -3.51
CA SER E 155 3.15 -34.33 -2.69
C SER E 155 3.38 -34.64 -1.21
N PHE E 156 4.40 -35.44 -0.89
CA PHE E 156 4.71 -35.85 0.50
C PHE E 156 5.82 -35.02 1.14
N THR E 157 6.54 -34.20 0.38
CA THR E 157 7.67 -33.43 0.88
C THR E 157 7.26 -32.03 1.28
N ASP E 158 7.18 -31.76 2.58
CA ASP E 158 7.20 -30.39 3.11
C ASP E 158 8.64 -29.84 3.16
N ARG E 159 8.78 -28.51 3.12
CA ARG E 159 10.09 -27.82 3.22
C ARG E 159 10.85 -28.23 4.47
N LYS E 160 10.16 -28.36 5.62
CA LYS E 160 10.80 -28.74 6.88
C LYS E 160 11.26 -30.21 6.86
N SER E 161 10.40 -31.13 6.43
CA SER E 161 10.75 -32.55 6.29
C SER E 161 11.92 -32.76 5.33
N LEU E 162 11.98 -31.99 4.24
CA LEU E 162 13.10 -32.04 3.30
C LEU E 162 14.43 -31.64 3.97
N ILE E 163 14.45 -30.55 4.74
CA ILE E 163 15.66 -30.05 5.41
C ILE E 163 16.12 -30.98 6.53
N PHE E 164 15.21 -31.45 7.38
CA PHE E 164 15.57 -32.17 8.60
C PHE E 164 15.66 -33.70 8.43
N GLU E 165 14.89 -34.28 7.52
CA GLU E 165 14.83 -35.74 7.36
C GLU E 165 15.54 -36.15 6.06
N ILE E 166 15.09 -35.65 4.90
CA ILE E 166 15.52 -36.21 3.60
C ILE E 166 16.96 -35.85 3.25
N LEU E 167 17.31 -34.55 3.30
CA LEU E 167 18.63 -34.09 2.87
C LEU E 167 19.79 -34.64 3.72
N PRO E 168 19.69 -34.72 5.07
CA PRO E 168 20.75 -35.31 5.88
C PRO E 168 20.99 -36.79 5.57
N TYR E 169 19.93 -37.57 5.34
CA TYR E 169 20.09 -38.97 4.93
C TYR E 169 20.70 -39.08 3.54
N LEU E 170 20.23 -38.27 2.58
CA LEU E 170 20.78 -38.25 1.22
C LEU E 170 22.28 -37.94 1.23
N ASP E 171 22.70 -36.96 2.03
CA ASP E 171 24.11 -36.62 2.16
C ASP E 171 24.93 -37.72 2.84
N SER E 172 24.39 -38.35 3.89
CA SER E 172 25.04 -39.50 4.54
C SER E 172 25.24 -40.67 3.58
N MET E 173 24.30 -40.90 2.66
CA MET E 173 24.40 -41.93 1.63
C MET E 173 25.50 -41.62 0.61
N ILE E 174 25.63 -40.37 0.17
CA ILE E 174 26.66 -39.92 -0.79
C ILE E 174 28.06 -39.90 -0.16
N SER E 175 28.15 -39.53 1.13
CA SER E 175 29.41 -39.42 1.88
C SER E 175 29.92 -40.75 2.47
N SER E 176 29.17 -41.84 2.33
CA SER E 176 29.54 -43.15 2.88
C SER E 176 30.84 -43.71 2.28
N ASP E 177 31.70 -44.30 3.12
CA ASP E 177 33.02 -44.78 2.68
C ASP E 177 32.91 -46.07 1.83
N PHE E 178 32.79 -45.96 0.49
CA PHE E 178 32.75 -47.13 -0.41
C PHE E 178 34.03 -47.96 -0.40
N ASN E 179 35.14 -47.42 0.11
CA ASN E 179 36.42 -48.13 0.20
C ASN E 179 36.39 -49.31 1.18
N LYS E 180 35.44 -49.34 2.12
CA LYS E 180 35.30 -50.46 3.07
C LYS E 180 34.60 -51.68 2.45
N ILE E 181 33.93 -51.51 1.31
CA ILE E 181 33.15 -52.57 0.66
C ILE E 181 34.06 -53.39 -0.25
N ARG E 182 34.40 -54.61 0.18
CA ARG E 182 35.23 -55.55 -0.62
C ARG E 182 34.46 -56.18 -1.80
N ASN E 183 33.14 -56.33 -1.67
CA ASN E 183 32.30 -56.95 -2.68
C ASN E 183 32.02 -55.97 -3.84
N LEU E 184 32.68 -56.18 -4.98
CA LEU E 184 32.54 -55.30 -6.16
C LEU E 184 31.11 -55.22 -6.69
N LYS E 185 30.37 -56.34 -6.73
CA LYS E 185 28.97 -56.38 -7.19
C LYS E 185 28.06 -55.50 -6.33
N LEU E 186 28.21 -55.60 -5.01
CA LEU E 186 27.43 -54.80 -4.06
C LEU E 186 27.80 -53.32 -4.15
N LYS E 187 29.10 -53.00 -4.31
CA LYS E 187 29.54 -51.64 -4.59
C LYS E 187 28.93 -51.09 -5.87
N GLN E 188 28.86 -51.87 -6.94
CA GLN E 188 28.24 -51.45 -8.21
C GLN E 188 26.73 -51.22 -8.06
N ALA E 189 26.01 -52.12 -7.37
CA ALA E 189 24.57 -51.97 -7.13
C ALA E 189 24.25 -50.70 -6.32
N ILE E 190 24.98 -50.45 -5.22
CA ILE E 190 24.82 -49.21 -4.43
C ILE E 190 25.10 -47.98 -5.28
N MET E 191 26.13 -48.02 -6.12
CA MET E 191 26.46 -46.89 -7.00
C MET E 191 25.37 -46.64 -8.04
N GLU E 192 24.70 -47.68 -8.54
CA GLU E 192 23.58 -47.55 -9.47
C GLU E 192 22.34 -46.95 -8.80
N GLU E 193 22.03 -47.36 -7.56
CA GLU E 193 20.96 -46.76 -6.75
C GLU E 193 21.26 -45.29 -6.42
N LEU E 194 22.51 -44.96 -6.04
CA LEU E 194 22.91 -43.58 -5.79
C LEU E 194 22.82 -42.71 -7.03
N VAL E 195 23.17 -43.23 -8.21
CA VAL E 195 23.00 -42.51 -9.48
C VAL E 195 21.51 -42.26 -9.76
N GLN E 196 20.63 -43.22 -9.44
CA GLN E 196 19.19 -43.03 -9.55
C GLN E 196 18.67 -41.97 -8.57
N LEU E 197 19.16 -41.95 -7.33
CA LEU E 197 18.82 -40.91 -6.33
C LEU E 197 19.33 -39.52 -6.76
N LEU E 198 20.58 -39.41 -7.23
CA LEU E 198 21.11 -38.15 -7.77
C LEU E 198 20.23 -37.64 -8.93
N LYS E 199 19.74 -38.55 -9.78
CA LYS E 199 18.83 -38.20 -10.88
C LYS E 199 17.45 -37.77 -10.39
N SER E 200 16.88 -38.43 -9.37
CA SER E 200 15.55 -38.07 -8.84
C SER E 200 15.55 -36.69 -8.19
N PHE E 201 16.63 -36.33 -7.49
CA PHE E 201 16.79 -35.00 -6.88
C PHE E 201 17.41 -33.94 -7.83
N GLN E 202 17.72 -34.30 -9.09
CA GLN E 202 18.44 -33.48 -10.08
C GLN E 202 19.76 -32.86 -9.57
N LEU E 203 20.52 -33.65 -8.83
CA LEU E 203 21.81 -33.24 -8.30
C LEU E 203 22.89 -33.48 -9.35
N ASN E 204 23.48 -32.39 -9.85
CA ASN E 204 24.53 -32.45 -10.85
C ASN E 204 25.90 -32.48 -10.18
N LEU E 205 26.78 -33.36 -10.64
CA LEU E 205 28.19 -33.34 -10.24
C LEU E 205 28.95 -32.39 -11.18
N ILE E 206 29.43 -31.28 -10.63
CA ILE E 206 30.24 -30.31 -11.35
C ILE E 206 31.69 -30.47 -10.93
N GLN E 207 32.58 -30.59 -11.91
CA GLN E 207 34.02 -30.50 -11.66
C GLN E 207 34.38 -29.02 -11.52
N ASN E 208 34.55 -28.58 -10.28
CA ASN E 208 35.10 -27.26 -10.03
C ASN E 208 36.59 -27.32 -10.38
N ARG E 209 36.93 -26.69 -11.50
CA ARG E 209 38.34 -26.64 -11.95
C ARG E 209 38.94 -25.31 -11.52
N SER E 210 38.35 -24.67 -10.50
CA SER E 210 38.90 -23.40 -9.97
C SER E 210 40.04 -23.70 -8.99
N GLU E 211 41.07 -24.42 -9.43
CA GLU E 211 42.21 -24.78 -8.56
C GLU E 211 43.51 -24.24 -9.19
N GLY E 212 44.18 -23.30 -8.50
CA GLY E 212 45.41 -22.70 -9.05
C GLY E 212 46.54 -23.70 -9.14
N PHE E 213 46.80 -24.23 -10.34
CA PHE E 213 47.93 -25.16 -10.53
C PHE E 213 47.98 -26.46 -9.71
N ASP E 214 47.15 -26.63 -8.69
CA ASP E 214 47.06 -27.86 -7.91
C ASP E 214 46.12 -28.86 -8.58
N VAL E 215 46.68 -30.03 -8.87
CA VAL E 215 46.25 -31.05 -9.84
C VAL E 215 44.97 -31.82 -9.43
N ARG E 216 44.14 -31.29 -8.52
CA ARG E 216 42.89 -31.94 -8.10
C ARG E 216 41.72 -30.96 -8.07
N GLY E 217 41.12 -30.73 -9.23
CA GLY E 217 39.82 -30.07 -9.32
C GLY E 217 38.77 -30.87 -8.52
N GLY E 218 38.39 -30.36 -7.34
CA GLY E 218 37.40 -30.98 -6.48
C GLY E 218 36.04 -31.06 -7.18
N LEU E 219 35.39 -32.21 -7.08
CA LEU E 219 34.02 -32.39 -7.54
C LEU E 219 33.06 -31.84 -6.48
N THR E 220 32.10 -31.04 -6.91
CA THR E 220 31.06 -30.46 -6.05
C THR E 220 29.68 -30.82 -6.57
N ILE E 221 28.73 -30.99 -5.65
CA ILE E 221 27.32 -31.23 -5.98
C ILE E 221 26.64 -29.87 -6.20
N ASP E 222 25.89 -29.73 -7.30
CA ASP E 222 25.06 -28.56 -7.60
C ASP E 222 23.59 -28.99 -7.70
N PRO E 223 22.69 -28.42 -6.87
CA PRO E 223 22.93 -27.45 -5.80
C PRO E 223 23.75 -28.02 -4.62
N PRO E 224 24.52 -27.19 -3.88
CA PRO E 224 25.34 -27.63 -2.77
C PRO E 224 24.48 -27.94 -1.54
N ILE E 225 24.07 -29.20 -1.42
CA ILE E 225 23.32 -29.72 -0.26
C ILE E 225 24.15 -29.56 1.03
N ASP E 226 25.46 -29.65 0.88
CA ASP E 226 26.45 -29.58 1.95
C ASP E 226 26.31 -28.33 2.82
N GLU E 227 26.00 -27.18 2.21
CA GLU E 227 25.83 -25.91 2.91
C GLU E 227 24.56 -25.86 3.78
N VAL E 228 23.56 -26.69 3.45
CA VAL E 228 22.28 -26.77 4.17
C VAL E 228 22.35 -27.80 5.30
N VAL E 229 23.01 -28.94 5.05
CA VAL E 229 23.01 -30.10 5.96
C VAL E 229 24.15 -30.05 6.98
N LEU E 230 25.35 -29.64 6.56
CA LEU E 230 26.53 -29.73 7.42
C LEU E 230 26.65 -28.53 8.35
N LEU E 231 26.07 -28.66 9.54
CA LEU E 231 26.13 -27.62 10.59
C LEU E 231 27.46 -27.64 11.36
N ASN E 232 28.11 -28.81 11.48
CA ASN E 232 29.27 -29.00 12.34
C ASN E 232 30.60 -28.84 11.57
N PRO E 233 31.47 -27.87 11.92
CA PRO E 233 32.71 -27.60 11.18
C PRO E 233 33.70 -28.77 11.19
N LYS E 234 33.71 -29.58 12.25
CA LYS E 234 34.56 -30.79 12.32
C LYS E 234 34.13 -31.84 11.31
N HIS E 235 32.82 -32.06 11.18
CA HIS E 235 32.26 -33.02 10.23
C HIS E 235 32.45 -32.55 8.77
N ILE E 236 32.47 -31.24 8.50
CA ILE E 236 32.70 -30.71 7.16
C ILE E 236 34.03 -31.23 6.57
N ASN E 237 35.12 -31.15 7.34
CA ASN E 237 36.44 -31.57 6.84
C ASN E 237 36.50 -33.09 6.58
N GLU E 238 35.97 -33.89 7.51
CA GLU E 238 35.93 -35.35 7.35
C GLU E 238 35.11 -35.77 6.13
N VAL E 239 33.95 -35.15 5.95
CA VAL E 239 33.03 -35.45 4.86
C VAL E 239 33.62 -35.02 3.52
N GLN E 240 34.27 -33.85 3.43
CA GLN E 240 34.89 -33.37 2.19
C GLN E 240 35.94 -34.33 1.64
N HIS E 241 36.81 -34.89 2.50
CA HIS E 241 37.83 -35.85 2.08
C HIS E 241 37.24 -37.16 1.58
N LYS E 242 36.20 -37.67 2.25
CA LYS E 242 35.51 -38.90 1.86
C LYS E 242 34.73 -38.73 0.55
N ARG E 243 33.99 -37.62 0.44
CA ARG E 243 33.20 -37.28 -0.74
C ARG E 243 34.06 -37.16 -1.99
N ALA E 244 35.25 -36.56 -1.92
CA ALA E 244 36.08 -36.36 -3.12
C ALA E 244 36.36 -37.67 -3.90
N ASN E 245 36.62 -38.78 -3.19
CA ASN E 245 36.85 -40.10 -3.80
C ASN E 245 35.55 -40.78 -4.29
N ASN E 246 34.45 -40.55 -3.58
CA ASN E 246 33.14 -41.08 -3.93
C ASN E 246 32.58 -40.39 -5.17
N LEU E 247 32.66 -39.06 -5.21
CA LEU E 247 32.16 -38.24 -6.31
C LEU E 247 32.88 -38.53 -7.61
N SER E 248 34.18 -38.82 -7.58
CA SER E 248 34.93 -39.23 -8.79
C SER E 248 34.44 -40.58 -9.32
N SER E 249 34.19 -41.53 -8.41
CA SER E 249 33.62 -42.83 -8.77
C SER E 249 32.18 -42.70 -9.30
N LEU E 250 31.37 -41.83 -8.70
CA LEU E 250 29.99 -41.55 -9.12
C LEU E 250 29.96 -40.84 -10.48
N LEU E 251 30.85 -39.87 -10.70
CA LEU E 251 30.98 -39.19 -12.00
C LEU E 251 31.36 -40.18 -13.09
N ALA E 252 32.35 -41.04 -12.85
CA ALA E 252 32.73 -42.08 -13.81
C ALA E 252 31.53 -43.00 -14.15
N LYS E 253 30.72 -43.36 -13.16
CA LYS E 253 29.51 -44.17 -13.36
C LYS E 253 28.41 -43.42 -14.12
N ILE E 254 28.22 -42.12 -13.86
CA ILE E 254 27.29 -41.26 -14.59
C ILE E 254 27.73 -41.13 -16.06
N GLU E 255 29.03 -40.96 -16.32
CA GLU E 255 29.59 -40.92 -17.66
C GLU E 255 29.47 -42.25 -18.38
N GLU E 256 29.71 -43.38 -17.71
CA GLU E 256 29.46 -44.73 -18.24
C GLU E 256 27.99 -44.89 -18.65
N ASN E 257 27.05 -44.50 -17.78
CA ASN E 257 25.61 -44.56 -18.08
C ASN E 257 25.22 -43.62 -19.23
N ARG E 258 25.84 -42.44 -19.34
CA ARG E 258 25.64 -41.53 -20.47
C ARG E 258 26.21 -42.11 -21.77
N MET F 1 24.80 -19.46 -45.54
CA MET F 1 25.16 -18.19 -44.88
C MET F 1 23.98 -17.27 -45.08
N LEU F 2 23.96 -16.18 -44.31
CA LEU F 2 22.94 -15.17 -44.42
C LEU F 2 23.50 -13.98 -45.22
N GLU F 3 22.77 -13.57 -46.25
CA GLU F 3 23.17 -12.42 -47.04
C GLU F 3 21.91 -11.84 -47.67
N ALA F 4 21.31 -10.90 -46.97
CA ALA F 4 20.08 -10.30 -47.42
C ALA F 4 20.17 -8.78 -47.42
N LYS F 5 20.03 -8.21 -48.59
CA LYS F 5 20.08 -6.78 -48.73
C LYS F 5 18.73 -6.16 -49.03
N PHE F 6 18.29 -5.32 -48.11
CA PHE F 6 17.05 -4.58 -48.27
C PHE F 6 17.39 -3.26 -49.00
N GLU F 7 16.55 -2.94 -49.98
CA GLU F 7 16.64 -1.71 -50.76
C GLU F 7 16.61 -0.51 -49.80
N GLU F 8 15.61 -0.52 -48.91
CA GLU F 8 15.43 0.54 -47.92
C GLU F 8 15.47 -0.07 -46.53
N ALA F 9 16.34 0.43 -45.68
CA ALA F 9 16.43 -0.08 -44.33
C ALA F 9 15.08 0.09 -43.65
N SER F 10 14.26 0.99 -44.16
CA SER F 10 12.97 1.26 -43.55
C SER F 10 12.06 0.04 -43.46
N LEU F 11 12.06 -0.81 -44.48
CA LEU F 11 11.15 -1.96 -44.44
C LEU F 11 11.46 -2.85 -43.25
N PHE F 12 12.74 -3.11 -43.01
CA PHE F 12 13.12 -3.98 -41.92
C PHE F 12 12.82 -3.38 -40.57
N LYS F 13 12.98 -2.06 -40.49
CA LYS F 13 12.73 -1.33 -39.27
C LYS F 13 11.24 -1.37 -38.87
N ARG F 14 10.36 -1.31 -39.85
CA ARG F 14 8.94 -1.35 -39.58
C ARG F 14 8.53 -2.77 -39.20
N ILE F 15 9.14 -3.76 -39.85
CA ILE F 15 8.86 -5.16 -39.56
C ILE F 15 9.22 -5.42 -38.10
N ILE F 16 10.44 -5.03 -37.70
CA ILE F 16 10.88 -5.22 -36.31
C ILE F 16 10.01 -4.39 -35.34
N ASP F 17 9.49 -3.26 -35.80
CA ASP F 17 8.61 -2.46 -34.96
C ASP F 17 7.42 -3.29 -34.55
N GLY F 18 7.07 -4.26 -35.40
CA GLY F 18 5.92 -5.13 -35.14
C GLY F 18 6.14 -6.16 -34.04
N PHE F 19 7.37 -6.61 -33.88
CA PHE F 19 7.70 -7.59 -32.87
C PHE F 19 7.93 -6.83 -31.59
N LYS F 20 8.39 -5.60 -31.76
CA LYS F 20 8.73 -4.73 -30.66
C LYS F 20 7.71 -4.67 -29.54
N ASP F 21 8.27 -4.64 -28.33
CA ASP F 21 7.51 -4.56 -27.10
C ASP F 21 6.77 -5.84 -26.72
N CYS F 22 5.93 -6.36 -27.62
CA CYS F 22 5.19 -7.58 -27.29
C CYS F 22 5.96 -8.87 -27.16
N VAL F 23 7.20 -8.92 -27.65
CA VAL F 23 8.04 -10.13 -27.50
C VAL F 23 9.46 -9.70 -27.19
N GLN F 24 10.20 -10.58 -26.53
CA GLN F 24 11.59 -10.34 -26.16
C GLN F 24 12.60 -11.07 -27.02
N LEU F 25 12.32 -12.33 -27.36
CA LEU F 25 13.24 -13.13 -28.16
C LEU F 25 12.63 -13.49 -29.50
N VAL F 26 13.44 -13.39 -30.55
CA VAL F 26 12.97 -13.72 -31.89
C VAL F 26 13.91 -14.73 -32.52
N ASN F 27 13.34 -15.70 -33.22
CA ASN F 27 14.14 -16.71 -33.85
C ASN F 27 13.98 -16.56 -35.35
N PHE F 28 15.07 -16.17 -36.01
CA PHE F 28 15.11 -15.97 -37.45
C PHE F 28 15.71 -17.20 -38.08
N GLN F 29 15.33 -17.43 -39.34
CA GLN F 29 15.91 -18.49 -40.12
C GLN F 29 15.88 -18.08 -41.57
N CYS F 30 17.05 -17.99 -42.19
CA CYS F 30 17.12 -17.66 -43.60
C CYS F 30 17.31 -18.99 -44.33
N LYS F 31 16.80 -19.05 -45.56
CA LYS F 31 16.88 -20.24 -46.39
C LYS F 31 16.72 -19.89 -47.84
N GLU F 32 16.71 -20.92 -48.69
CA GLU F 32 16.64 -20.72 -50.12
C GLU F 32 15.44 -19.90 -50.66
N ASP F 33 14.30 -19.98 -49.97
CA ASP F 33 13.13 -19.25 -50.42
C ASP F 33 12.84 -18.00 -49.59
N GLY F 34 13.80 -17.59 -48.77
CA GLY F 34 13.58 -16.37 -48.01
C GLY F 34 13.91 -16.46 -46.56
N ILE F 35 13.34 -15.52 -45.81
CA ILE F 35 13.57 -15.44 -44.38
C ILE F 35 12.29 -15.58 -43.61
N ILE F 36 12.31 -16.36 -42.54
CA ILE F 36 11.14 -16.44 -41.69
C ILE F 36 11.62 -16.08 -40.28
N ALA F 37 10.69 -15.71 -39.42
CA ALA F 37 11.02 -15.37 -38.03
C ALA F 37 9.81 -15.62 -37.16
N GLN F 38 10.02 -16.14 -35.95
CA GLN F 38 8.92 -16.38 -35.02
C GLN F 38 9.29 -15.92 -33.64
N ALA F 39 8.32 -15.37 -32.92
CA ALA F 39 8.56 -14.91 -31.56
C ALA F 39 7.26 -15.15 -30.79
N VAL F 40 7.40 -15.67 -29.57
CA VAL F 40 6.24 -15.96 -28.73
C VAL F 40 6.42 -15.18 -27.43
N ASP F 41 5.37 -14.51 -26.95
CA ASP F 41 5.49 -13.77 -25.70
C ASP F 41 5.59 -14.72 -24.48
N ASP F 42 5.94 -14.22 -23.28
CA ASP F 42 6.11 -15.12 -22.12
C ASP F 42 4.89 -15.88 -21.70
N SER F 43 3.72 -15.26 -21.80
CA SER F 43 2.51 -15.93 -21.40
C SER F 43 2.02 -16.89 -22.46
N ARG F 44 2.68 -16.88 -23.61
CA ARG F 44 2.31 -17.76 -24.72
C ARG F 44 0.89 -17.56 -25.26
N VAL F 45 0.44 -16.31 -25.37
CA VAL F 45 -0.89 -16.05 -25.94
C VAL F 45 -0.74 -15.40 -27.31
N LEU F 46 0.48 -14.94 -27.61
CA LEU F 46 0.76 -14.27 -28.86
C LEU F 46 1.98 -14.83 -29.54
N LEU F 47 1.82 -15.08 -30.85
CA LEU F 47 2.89 -15.56 -31.68
C LEU F 47 3.01 -14.55 -32.79
N VAL F 48 4.22 -14.06 -33.04
CA VAL F 48 4.47 -13.13 -34.15
C VAL F 48 5.28 -13.94 -35.18
N SER F 49 4.75 -14.03 -36.39
CA SER F 49 5.36 -14.83 -37.43
C SER F 49 5.56 -14.03 -38.71
N LEU F 50 6.82 -14.00 -39.16
CA LEU F 50 7.19 -13.29 -40.37
C LEU F 50 7.67 -14.16 -41.53
N GLU F 51 7.39 -13.70 -42.75
CA GLU F 51 7.86 -14.39 -43.94
C GLU F 51 8.21 -13.32 -44.96
N ILE F 52 9.44 -13.33 -45.46
CA ILE F 52 9.90 -12.36 -46.46
C ILE F 52 10.48 -13.21 -47.60
N GLY F 53 9.86 -13.16 -48.77
CA GLY F 53 10.35 -13.95 -49.88
C GLY F 53 11.56 -13.32 -50.48
N VAL F 54 12.23 -14.09 -51.33
CA VAL F 54 13.45 -13.65 -52.01
C VAL F 54 13.29 -12.34 -52.79
N GLU F 55 12.13 -12.18 -53.40
CA GLU F 55 11.83 -10.99 -54.19
C GLU F 55 11.69 -9.70 -53.43
N ALA F 56 11.52 -9.75 -52.12
CA ALA F 56 11.42 -8.52 -51.31
C ALA F 56 12.78 -7.84 -51.15
N PHE F 57 13.85 -8.56 -51.49
CA PHE F 57 15.21 -8.07 -51.36
C PHE F 57 15.80 -7.56 -52.64
N GLN F 58 16.84 -6.74 -52.53
CA GLN F 58 17.51 -6.22 -53.71
C GLN F 58 18.58 -7.23 -54.07
N GLU F 59 19.02 -7.99 -53.09
CA GLU F 59 20.01 -9.00 -53.30
C GLU F 59 19.86 -10.00 -52.15
N TYR F 60 19.82 -11.27 -52.50
CA TYR F 60 19.65 -12.34 -51.53
C TYR F 60 20.41 -13.57 -52.01
N ARG F 61 21.24 -14.11 -51.16
CA ARG F 61 22.00 -15.25 -51.52
C ARG F 61 21.96 -16.23 -50.36
N CYS F 62 21.62 -17.48 -50.63
CA CYS F 62 21.57 -18.49 -49.60
C CYS F 62 21.89 -19.86 -50.11
N ASP F 63 23.02 -20.40 -49.74
CA ASP F 63 23.39 -21.74 -50.18
C ASP F 63 23.40 -22.63 -48.97
N HIS F 64 22.93 -22.13 -47.83
CA HIS F 64 23.00 -22.91 -46.62
C HIS F 64 22.23 -22.18 -45.52
N PRO F 65 21.03 -22.66 -45.21
CA PRO F 65 20.18 -22.07 -44.18
C PRO F 65 20.92 -21.80 -42.89
N VAL F 66 20.53 -20.71 -42.24
CA VAL F 66 21.12 -20.36 -40.93
C VAL F 66 19.96 -19.93 -40.01
N THR F 67 19.95 -20.47 -38.79
CA THR F 67 18.95 -20.14 -37.79
C THR F 67 19.69 -19.29 -36.72
N LEU F 68 19.08 -18.19 -36.30
CA LEU F 68 19.71 -17.35 -35.31
C LEU F 68 18.70 -16.69 -34.41
N GLY F 69 18.98 -16.71 -33.11
CA GLY F 69 18.06 -16.13 -32.16
C GLY F 69 18.62 -14.88 -31.56
N MET F 70 17.76 -13.93 -31.26
CA MET F 70 18.22 -12.71 -30.66
C MET F 70 17.21 -11.98 -29.87
N ASP F 71 17.75 -11.14 -29.03
CA ASP F 71 16.96 -10.29 -28.17
C ASP F 71 16.39 -9.16 -29.03
N LEU F 72 15.07 -9.05 -29.00
CA LEU F 72 14.38 -8.05 -29.78
C LEU F 72 14.79 -6.65 -29.39
N THR F 73 14.89 -6.38 -28.09
CA THR F 73 15.26 -5.05 -27.65
C THR F 73 16.61 -4.61 -28.20
N SER F 74 17.59 -5.51 -28.19
CA SER F 74 18.93 -5.21 -28.69
C SER F 74 18.86 -4.84 -30.16
N LEU F 75 18.05 -5.60 -30.91
CA LEU F 75 17.88 -5.38 -32.32
C LEU F 75 17.26 -4.03 -32.64
N SER F 76 16.17 -3.66 -31.95
CA SER F 76 15.55 -2.37 -32.23
C SER F 76 16.48 -1.24 -31.84
N LYS F 77 17.23 -1.41 -30.75
CA LYS F 77 18.17 -0.37 -30.31
C LYS F 77 19.06 -0.01 -31.47
N ILE F 78 19.38 -1.00 -32.28
CA ILE F 78 20.27 -0.80 -33.42
C ILE F 78 19.53 -0.46 -34.69
N LEU F 79 18.23 -0.68 -34.67
CA LEU F 79 17.43 -0.46 -35.84
C LEU F 79 16.93 0.95 -36.10
N ARG F 80 17.61 1.95 -35.57
CA ARG F 80 17.24 3.33 -35.88
C ARG F 80 18.40 4.04 -36.63
N CYS F 81 19.28 3.26 -37.29
CA CYS F 81 20.42 3.84 -38.02
C CYS F 81 20.20 3.80 -39.54
N GLY F 82 19.07 3.21 -39.91
CA GLY F 82 18.79 3.05 -41.33
C GLY F 82 18.52 4.28 -42.14
N ASN F 83 18.38 5.44 -41.51
CA ASN F 83 18.06 6.67 -42.25
C ASN F 83 16.82 6.40 -43.12
N ASN F 84 16.26 5.20 -42.98
CA ASN F 84 15.12 4.72 -43.73
C ASN F 84 15.47 4.51 -45.19
N THR F 85 16.24 5.44 -45.75
CA THR F 85 16.62 5.38 -47.15
C THR F 85 17.94 4.68 -47.34
N ASP F 86 18.62 4.42 -46.23
CA ASP F 86 19.89 3.70 -46.28
C ASP F 86 19.60 2.31 -46.82
N THR F 87 20.65 1.67 -47.28
CA THR F 87 20.54 0.32 -47.76
C THR F 87 20.90 -0.55 -46.54
N LEU F 88 20.20 -1.67 -46.33
CA LEU F 88 20.54 -2.53 -45.17
C LEU F 88 20.88 -3.94 -45.62
N THR F 89 22.02 -4.47 -45.18
CA THR F 89 22.38 -5.84 -45.53
C THR F 89 22.58 -6.64 -44.24
N LEU F 90 21.86 -7.75 -44.12
CA LEU F 90 21.95 -8.66 -42.97
C LEU F 90 22.95 -9.72 -43.43
N ILE F 91 23.96 -9.98 -42.59
CA ILE F 91 25.04 -10.91 -42.90
C ILE F 91 25.40 -11.85 -41.77
N ALA F 92 25.58 -13.15 -42.06
CA ALA F 92 26.00 -14.08 -41.01
C ALA F 92 26.59 -15.35 -41.59
N ASP F 93 27.57 -15.92 -40.92
CA ASP F 93 28.17 -17.15 -41.41
C ASP F 93 27.26 -18.32 -41.02
N ASN F 94 27.64 -19.55 -41.41
CA ASN F 94 26.85 -20.75 -41.16
C ASN F 94 26.76 -21.22 -39.73
N THR F 95 27.65 -20.74 -38.88
CA THR F 95 27.66 -21.13 -37.47
C THR F 95 27.98 -19.80 -36.78
N PRO F 96 27.02 -18.87 -36.80
CA PRO F 96 27.24 -17.56 -36.19
C PRO F 96 27.13 -17.38 -34.69
N ASP F 97 27.94 -16.46 -34.17
CA ASP F 97 27.87 -16.08 -32.77
C ASP F 97 27.29 -14.67 -32.78
N SER F 98 27.21 -14.08 -33.96
CA SER F 98 26.67 -12.73 -34.15
C SER F 98 25.94 -12.56 -35.47
N ILE F 99 25.22 -11.45 -35.57
CA ILE F 99 24.54 -11.06 -36.82
C ILE F 99 25.05 -9.64 -37.11
N ILE F 100 25.46 -9.45 -38.35
CA ILE F 100 25.98 -8.19 -38.81
C ILE F 100 24.93 -7.41 -39.57
N LEU F 101 24.71 -6.18 -39.15
CA LEU F 101 23.79 -5.30 -39.85
C LEU F 101 24.70 -4.24 -40.50
N LEU F 102 24.58 -4.09 -41.81
CA LEU F 102 25.42 -3.15 -42.53
C LEU F 102 24.57 -2.11 -43.26
N PHE F 103 24.61 -0.87 -42.77
CA PHE F 103 23.88 0.21 -43.39
C PHE F 103 24.88 1.04 -44.18
N GLU F 104 24.54 1.32 -45.43
CA GLU F 104 25.41 2.14 -46.31
C GLU F 104 24.56 3.11 -47.11
N ASP F 105 25.13 4.30 -47.32
CA ASP F 105 24.48 5.32 -48.13
C ASP F 105 24.91 5.03 -49.55
N THR F 106 24.16 5.55 -50.53
CA THR F 106 24.46 5.31 -51.95
C THR F 106 25.94 5.48 -52.26
N LYS F 107 26.47 6.63 -51.90
CA LYS F 107 27.88 6.92 -52.12
C LYS F 107 28.71 6.13 -51.09
N LYS F 108 30.01 5.98 -51.33
CA LYS F 108 30.85 5.23 -50.41
C LYS F 108 30.91 5.83 -48.99
N ASP F 109 30.47 7.08 -48.85
CA ASP F 109 30.56 7.84 -47.55
C ASP F 109 30.27 7.06 -46.27
N ARG F 110 29.12 7.30 -45.65
CA ARG F 110 28.88 6.71 -44.30
C ARG F 110 28.57 5.21 -44.33
N ILE F 111 29.37 4.40 -43.63
CA ILE F 111 29.04 3.00 -43.46
C ILE F 111 28.88 2.66 -42.00
N ALA F 112 27.65 2.41 -41.60
CA ALA F 112 27.41 2.04 -40.21
C ALA F 112 27.26 0.53 -40.22
N GLU F 113 28.11 -0.13 -39.46
CA GLU F 113 28.07 -1.57 -39.35
C GLU F 113 27.97 -2.02 -37.90
N TYR F 114 27.05 -2.96 -37.64
CA TYR F 114 26.83 -3.50 -36.30
C TYR F 114 27.05 -4.97 -36.24
N SER F 115 27.52 -5.43 -35.10
CA SER F 115 27.72 -6.84 -34.86
C SER F 115 26.98 -7.16 -33.57
N LEU F 116 25.76 -7.68 -33.74
CA LEU F 116 24.85 -8.04 -32.65
C LEU F 116 25.09 -9.45 -32.12
N LYS F 117 25.21 -9.58 -30.81
CA LYS F 117 25.43 -10.86 -30.16
C LYS F 117 24.14 -11.68 -30.27
N LEU F 118 24.24 -12.96 -30.58
CA LEU F 118 23.05 -13.84 -30.71
C LEU F 118 22.79 -14.60 -29.44
N MET F 119 21.57 -15.10 -29.29
CA MET F 119 21.15 -15.92 -28.16
C MET F 119 20.88 -17.31 -28.73
N ASP F 120 21.09 -18.35 -27.93
CA ASP F 120 20.81 -19.72 -28.37
C ASP F 120 19.37 -20.04 -27.97
N ILE F 121 18.53 -20.34 -28.94
CA ILE F 121 17.13 -20.66 -28.67
C ILE F 121 16.82 -22.01 -29.28
N ASP F 122 16.21 -22.93 -28.54
CA ASP F 122 15.88 -24.24 -29.13
C ASP F 122 14.93 -24.01 -30.30
N ALA F 123 15.39 -24.39 -31.50
CA ALA F 123 14.60 -24.27 -32.72
C ALA F 123 13.35 -25.13 -32.54
N ASP F 124 12.20 -24.46 -32.66
CA ASP F 124 10.93 -25.11 -32.49
C ASP F 124 9.86 -24.18 -33.08
N PHE F 125 9.87 -24.05 -34.40
CA PHE F 125 8.89 -23.21 -35.04
C PHE F 125 7.50 -23.87 -34.99
N LEU F 126 6.50 -23.08 -34.63
CA LEU F 126 5.11 -23.54 -34.55
C LEU F 126 4.42 -23.40 -35.91
N LYS F 127 3.46 -24.28 -36.18
CA LYS F 127 2.71 -24.22 -37.43
C LYS F 127 1.24 -24.38 -37.05
N ILE F 128 0.75 -23.37 -36.34
CA ILE F 128 -0.61 -23.35 -35.85
C ILE F 128 -1.68 -22.76 -36.77
N GLU F 129 -1.32 -22.34 -37.97
CA GLU F 129 -2.33 -21.79 -38.85
C GLU F 129 -3.30 -22.87 -39.34
N GLU F 130 -4.57 -22.49 -39.43
CA GLU F 130 -5.68 -23.37 -39.82
C GLU F 130 -6.00 -23.37 -41.30
N LEU F 131 -6.66 -24.44 -41.75
CA LEU F 131 -7.04 -24.50 -43.14
C LEU F 131 -8.20 -23.51 -43.25
N GLN F 132 -9.29 -23.75 -42.55
CA GLN F 132 -10.38 -22.82 -42.65
C GLN F 132 -10.72 -22.20 -41.29
N TYR F 133 -11.07 -20.93 -41.31
CA TYR F 133 -11.48 -20.20 -40.12
C TYR F 133 -12.97 -19.99 -40.23
N ASP F 134 -13.64 -19.89 -39.09
CA ASP F 134 -15.09 -19.63 -38.99
C ASP F 134 -15.48 -18.39 -39.81
N SER F 135 -14.69 -17.34 -39.68
CA SER F 135 -14.96 -16.12 -40.40
C SER F 135 -13.65 -15.46 -40.73
N THR F 136 -13.68 -14.70 -41.83
CA THR F 136 -12.56 -13.99 -42.39
C THR F 136 -13.04 -12.61 -42.77
N LEU F 137 -12.24 -11.60 -42.46
CA LEU F 137 -12.57 -10.22 -42.81
C LEU F 137 -11.31 -9.40 -42.99
N SER F 138 -11.38 -8.39 -43.84
CA SER F 138 -10.27 -7.47 -44.05
C SER F 138 -10.89 -6.09 -44.10
N LEU F 139 -10.11 -5.11 -43.66
CA LEU F 139 -10.55 -3.73 -43.62
C LEU F 139 -9.28 -2.92 -43.52
N PRO F 140 -9.36 -1.62 -43.77
CA PRO F 140 -8.19 -0.75 -43.67
C PRO F 140 -7.56 -0.90 -42.29
N SER F 141 -6.24 -1.01 -42.22
CA SER F 141 -5.61 -1.18 -40.92
C SER F 141 -5.69 0.03 -40.01
N SER F 142 -5.81 1.21 -40.61
CA SER F 142 -5.90 2.44 -39.80
C SER F 142 -7.26 2.43 -39.12
N GLU F 143 -8.25 1.91 -39.83
CA GLU F 143 -9.59 1.81 -39.26
C GLU F 143 -9.54 0.82 -38.07
N PHE F 144 -8.91 -0.35 -38.26
CA PHE F 144 -8.77 -1.36 -37.21
C PHE F 144 -8.06 -0.77 -36.01
N SER F 145 -6.99 0.00 -36.25
CA SER F 145 -6.27 0.66 -35.15
C SER F 145 -7.18 1.60 -34.33
N LYS F 146 -7.99 2.40 -35.03
CA LYS F 146 -8.90 3.32 -34.37
C LYS F 146 -9.89 2.51 -33.54
N ILE F 147 -10.47 1.47 -34.15
CA ILE F 147 -11.42 0.63 -33.44
C ILE F 147 -10.77 0.09 -32.16
N VAL F 148 -9.54 -0.39 -32.27
CA VAL F 148 -8.90 -0.93 -31.08
C VAL F 148 -8.62 0.19 -30.08
N ARG F 149 -8.08 1.32 -30.55
CA ARG F 149 -7.77 2.48 -29.67
C ARG F 149 -9.02 3.05 -28.96
N ASP F 150 -10.16 3.05 -29.63
CA ASP F 150 -11.40 3.49 -29.02
C ASP F 150 -11.63 2.59 -27.77
N LEU F 151 -12.14 1.38 -28.04
CA LEU F 151 -12.49 0.38 -27.03
C LEU F 151 -11.48 0.10 -25.92
N SER F 152 -10.20 0.15 -26.24
CA SER F 152 -9.18 -0.11 -25.25
C SER F 152 -9.35 0.66 -23.96
N GLN F 153 -9.80 1.90 -24.07
CA GLN F 153 -9.96 2.81 -22.93
C GLN F 153 -10.99 2.32 -21.93
N LEU F 154 -11.94 1.51 -22.41
CA LEU F 154 -13.04 1.04 -21.60
C LEU F 154 -12.84 -0.24 -20.87
N SER F 155 -11.96 -1.09 -21.37
CA SER F 155 -11.80 -2.40 -20.75
C SER F 155 -10.50 -3.02 -21.17
N ASP F 156 -10.14 -4.10 -20.48
CA ASP F 156 -8.94 -4.86 -20.78
C ASP F 156 -9.32 -6.00 -21.71
N SER F 157 -10.60 -6.07 -22.08
CA SER F 157 -11.10 -7.10 -22.97
C SER F 157 -11.95 -6.46 -24.03
N ILE F 158 -11.72 -6.85 -25.28
CA ILE F 158 -12.49 -6.35 -26.44
C ILE F 158 -13.04 -7.60 -27.13
N ASN F 159 -14.36 -7.63 -27.30
CA ASN F 159 -15.00 -8.77 -27.91
C ASN F 159 -15.25 -8.50 -29.39
N ILE F 160 -15.03 -9.50 -30.21
CA ILE F 160 -15.30 -9.38 -31.65
C ILE F 160 -16.42 -10.37 -31.92
N MET F 161 -17.52 -9.89 -32.48
CA MET F 161 -18.67 -10.74 -32.79
C MET F 161 -19.02 -10.65 -34.25
N ILE F 162 -19.20 -11.80 -34.89
CA ILE F 162 -19.52 -11.83 -36.30
C ILE F 162 -20.78 -12.63 -36.59
N THR F 163 -21.67 -12.00 -37.34
CA THR F 163 -22.93 -12.57 -37.77
C THR F 163 -22.99 -12.17 -39.24
N LYS F 164 -23.96 -12.74 -39.97
CA LYS F 164 -24.09 -12.44 -41.38
C LYS F 164 -24.04 -10.93 -41.61
N GLU F 165 -23.16 -10.52 -42.51
CA GLU F 165 -23.00 -9.12 -42.84
C GLU F 165 -22.85 -8.16 -41.69
N THR F 166 -22.31 -8.62 -40.57
CA THR F 166 -22.12 -7.72 -39.43
C THR F 166 -20.90 -8.09 -38.60
N ILE F 167 -20.08 -7.08 -38.36
CA ILE F 167 -18.90 -7.23 -37.55
C ILE F 167 -19.08 -6.21 -36.41
N LYS F 168 -18.97 -6.69 -35.17
CA LYS F 168 -19.15 -5.82 -34.04
C LYS F 168 -18.08 -5.99 -32.98
N PHE F 169 -17.38 -4.89 -32.67
CA PHE F 169 -16.35 -4.85 -31.63
C PHE F 169 -16.99 -4.23 -30.38
N VAL F 170 -16.80 -4.85 -29.21
CA VAL F 170 -17.40 -4.37 -27.98
C VAL F 170 -16.47 -4.43 -26.77
N ALA F 171 -16.58 -3.41 -25.92
CA ALA F 171 -15.78 -3.29 -24.70
C ALA F 171 -16.77 -2.82 -23.65
N ASP F 172 -16.61 -3.31 -22.44
CA ASP F 172 -17.53 -2.98 -21.38
C ASP F 172 -16.72 -3.08 -20.12
N GLY F 173 -16.67 -2.00 -19.37
CA GLY F 173 -15.91 -1.96 -18.14
C GLY F 173 -16.50 -1.03 -17.13
N ASP F 174 -15.66 -0.47 -16.27
CA ASP F 174 -16.07 0.43 -15.20
C ASP F 174 -16.85 1.68 -15.59
N ILE F 175 -16.27 2.51 -16.44
CA ILE F 175 -16.95 3.73 -16.82
C ILE F 175 -18.17 3.54 -17.71
N GLY F 176 -18.34 2.35 -18.25
CA GLY F 176 -19.46 2.09 -19.13
C GLY F 176 -19.16 1.06 -20.21
N SER F 177 -19.79 1.19 -21.36
CA SER F 177 -19.60 0.26 -22.45
C SER F 177 -19.52 1.00 -23.77
N GLY F 178 -18.91 0.36 -24.75
CA GLY F 178 -18.77 0.94 -26.07
C GLY F 178 -18.83 -0.16 -27.10
N SER F 179 -19.12 0.22 -28.34
CA SER F 179 -19.21 -0.71 -29.43
C SER F 179 -18.97 0.01 -30.73
N VAL F 180 -18.38 -0.71 -31.68
CA VAL F 180 -18.15 -0.20 -33.01
C VAL F 180 -18.70 -1.26 -33.93
N ILE F 181 -19.65 -0.86 -34.75
CA ILE F 181 -20.28 -1.76 -35.69
C ILE F 181 -19.93 -1.33 -37.10
N ILE F 182 -19.40 -2.27 -37.88
CA ILE F 182 -19.04 -2.02 -39.26
C ILE F 182 -19.74 -3.01 -40.15
N LYS F 183 -20.01 -2.61 -41.38
CA LYS F 183 -20.69 -3.45 -42.35
C LYS F 183 -19.85 -3.60 -43.62
N PRO F 184 -19.91 -4.79 -44.23
CA PRO F 184 -19.15 -5.04 -45.46
C PRO F 184 -19.59 -4.07 -46.57
N PHE F 185 -18.64 -3.61 -47.38
CA PHE F 185 -18.95 -2.71 -48.47
C PHE F 185 -17.79 -2.57 -49.46
N VAL F 186 -18.13 -2.52 -50.74
CA VAL F 186 -17.15 -2.38 -51.81
C VAL F 186 -17.10 -0.95 -52.28
N ASP F 187 -15.97 -0.28 -52.11
CA ASP F 187 -15.84 1.10 -52.58
C ASP F 187 -14.99 1.10 -53.86
N MET F 188 -15.64 1.35 -55.00
CA MET F 188 -14.92 1.38 -56.27
C MET F 188 -14.10 2.62 -56.43
N GLU F 189 -14.48 3.67 -55.71
CA GLU F 189 -13.77 4.94 -55.76
C GLU F 189 -12.33 4.75 -55.24
N HIS F 190 -12.09 3.54 -54.71
CA HIS F 190 -10.81 3.05 -54.20
C HIS F 190 -11.11 1.90 -53.26
N PRO F 191 -10.93 0.65 -53.75
CA PRO F 191 -11.18 -0.58 -53.00
C PRO F 191 -10.27 -0.88 -51.81
N GLU F 192 -9.29 -0.02 -51.55
CA GLU F 192 -8.41 -0.25 -50.41
C GLU F 192 -9.09 0.20 -49.14
N THR F 193 -10.30 0.73 -49.30
CA THR F 193 -11.09 1.20 -48.18
C THR F 193 -12.31 0.32 -47.95
N SER F 194 -12.48 -0.66 -48.82
CA SER F 194 -13.60 -1.60 -48.68
C SER F 194 -13.47 -2.44 -47.40
N ILE F 195 -14.55 -3.11 -47.03
CA ILE F 195 -14.56 -3.96 -45.84
C ILE F 195 -15.17 -5.26 -46.26
N LYS F 196 -14.36 -6.30 -46.41
CA LYS F 196 -14.86 -7.60 -46.85
C LYS F 196 -15.12 -8.50 -45.67
N LEU F 197 -16.03 -9.45 -45.84
CA LEU F 197 -16.37 -10.37 -44.78
C LEU F 197 -16.89 -11.65 -45.38
N GLU F 198 -16.32 -12.77 -45.00
CA GLU F 198 -16.80 -14.05 -45.48
C GLU F 198 -17.06 -14.82 -44.19
N MET F 199 -18.32 -15.13 -43.92
CA MET F 199 -18.69 -15.83 -42.70
C MET F 199 -19.23 -17.23 -42.95
N ASP F 200 -18.56 -18.26 -42.45
CA ASP F 200 -19.04 -19.64 -42.63
C ASP F 200 -19.82 -20.02 -41.42
N GLN F 201 -19.55 -19.32 -40.33
CA GLN F 201 -20.19 -19.58 -39.06
C GLN F 201 -20.03 -18.33 -38.21
N PRO F 202 -21.10 -17.93 -37.50
CA PRO F 202 -21.00 -16.75 -36.65
C PRO F 202 -19.97 -17.05 -35.61
N VAL F 203 -19.18 -16.03 -35.25
CA VAL F 203 -18.15 -16.18 -34.23
C VAL F 203 -18.32 -15.08 -33.18
N ASP F 204 -17.78 -15.32 -32.00
CA ASP F 204 -17.88 -14.40 -30.90
C ASP F 204 -16.71 -14.71 -29.98
N LEU F 205 -15.63 -13.96 -30.09
CA LEU F 205 -14.45 -14.20 -29.27
C LEU F 205 -14.02 -12.97 -28.51
N THR F 206 -13.35 -13.15 -27.38
CA THR F 206 -12.87 -12.03 -26.58
C THR F 206 -11.34 -12.08 -26.54
N PHE F 207 -10.70 -10.92 -26.66
CA PHE F 207 -9.25 -10.79 -26.64
C PHE F 207 -8.85 -9.72 -25.64
N GLY F 208 -7.65 -9.86 -25.11
CA GLY F 208 -7.08 -8.89 -24.17
C GLY F 208 -6.62 -7.68 -24.97
N ALA F 209 -7.18 -6.55 -24.60
CA ALA F 209 -6.93 -5.27 -25.26
C ALA F 209 -5.47 -4.90 -25.36
N LYS F 210 -4.69 -5.29 -24.36
CA LYS F 210 -3.27 -5.01 -24.35
C LYS F 210 -2.59 -5.66 -25.57
N TYR F 211 -3.08 -6.84 -25.97
CA TYR F 211 -2.52 -7.57 -27.11
C TYR F 211 -2.95 -7.05 -28.47
N LEU F 212 -4.20 -6.64 -28.56
CA LEU F 212 -4.73 -6.09 -29.79
C LEU F 212 -3.96 -4.78 -30.04
N LEU F 213 -3.66 -4.06 -28.96
CA LEU F 213 -2.90 -2.83 -29.07
C LEU F 213 -1.51 -3.11 -29.63
N ASP F 214 -0.86 -4.21 -29.20
CA ASP F 214 0.45 -4.58 -29.77
C ASP F 214 0.29 -4.89 -31.26
N ILE F 215 -0.73 -5.64 -31.61
CA ILE F 215 -0.99 -6.01 -32.99
C ILE F 215 -1.23 -4.89 -34.01
N ILE F 216 -1.92 -3.81 -33.60
CA ILE F 216 -2.25 -2.76 -34.54
C ILE F 216 -1.06 -2.09 -35.23
N LYS F 217 0.12 -2.26 -34.63
CA LYS F 217 1.36 -1.71 -35.18
C LYS F 217 1.57 -2.09 -36.66
N GLY F 218 1.05 -3.25 -37.05
CA GLY F 218 1.22 -3.70 -38.42
C GLY F 218 0.65 -2.74 -39.47
N SER F 219 -0.15 -1.77 -39.05
CA SER F 219 -0.73 -0.79 -39.99
C SER F 219 0.36 -0.14 -40.82
N SER F 220 1.52 0.07 -40.21
CA SER F 220 2.64 0.68 -40.88
C SER F 220 3.24 -0.18 -41.96
N LEU F 221 2.77 -1.42 -42.12
CA LEU F 221 3.35 -2.28 -43.15
C LEU F 221 2.40 -2.53 -44.26
N SER F 222 1.11 -2.37 -44.00
CA SER F 222 0.12 -2.63 -45.02
C SER F 222 -1.11 -1.73 -44.83
N ASP F 223 -1.78 -1.43 -45.94
CA ASP F 223 -2.99 -0.60 -45.92
C ASP F 223 -4.15 -1.33 -45.33
N ARG F 224 -4.20 -2.63 -45.56
CA ARG F 224 -5.27 -3.47 -45.05
C ARG F 224 -4.77 -4.54 -44.08
N VAL F 225 -5.70 -5.04 -43.28
CA VAL F 225 -5.39 -6.08 -42.32
C VAL F 225 -6.40 -7.17 -42.51
N GLY F 226 -5.94 -8.41 -42.44
CA GLY F 226 -6.86 -9.53 -42.58
C GLY F 226 -7.02 -10.11 -41.21
N ILE F 227 -8.24 -10.46 -40.82
CA ILE F 227 -8.50 -11.02 -39.50
C ILE F 227 -9.23 -12.34 -39.71
N ARG F 228 -8.67 -13.43 -39.20
CA ARG F 228 -9.32 -14.72 -39.36
C ARG F 228 -9.62 -15.28 -37.97
N LEU F 229 -10.89 -15.61 -37.75
CA LEU F 229 -11.30 -16.06 -36.43
C LEU F 229 -11.89 -17.44 -36.43
N SER F 230 -11.65 -18.13 -35.34
CA SER F 230 -12.16 -19.46 -35.19
C SER F 230 -12.38 -19.74 -33.73
N SER F 231 -13.32 -20.62 -33.44
CA SER F 231 -13.62 -21.00 -32.07
C SER F 231 -12.72 -22.19 -31.71
N GLU F 232 -11.93 -22.65 -32.66
CA GLU F 232 -11.04 -23.79 -32.44
C GLU F 232 -9.58 -23.41 -32.29
N ALA F 233 -9.23 -22.16 -32.57
CA ALA F 233 -7.83 -21.79 -32.52
C ALA F 233 -7.52 -20.31 -32.31
N PRO F 234 -6.22 -19.96 -32.18
CA PRO F 234 -5.85 -18.56 -31.99
C PRO F 234 -6.34 -17.78 -33.23
N ALA F 235 -6.68 -16.51 -33.07
CA ALA F 235 -7.12 -15.69 -34.19
C ALA F 235 -5.88 -15.25 -34.96
N LEU F 236 -6.03 -15.03 -36.24
CA LEU F 236 -4.92 -14.61 -37.06
C LEU F 236 -5.18 -13.18 -37.60
N PHE F 237 -4.25 -12.26 -37.35
CA PHE F 237 -4.33 -10.87 -37.86
C PHE F 237 -3.14 -10.82 -38.82
N GLN F 238 -3.37 -10.51 -40.07
CA GLN F 238 -2.27 -10.53 -41.02
C GLN F 238 -2.08 -9.27 -41.81
N PHE F 239 -0.82 -8.86 -41.91
CA PHE F 239 -0.38 -7.68 -42.64
C PHE F 239 0.54 -8.10 -43.78
N ASP F 240 0.06 -8.02 -45.01
CA ASP F 240 0.83 -8.39 -46.20
C ASP F 240 1.94 -7.44 -46.58
N LEU F 241 3.04 -8.01 -47.06
CA LEU F 241 4.18 -7.24 -47.51
C LEU F 241 4.31 -7.58 -48.98
N LYS F 242 5.17 -6.87 -49.69
CA LYS F 242 5.41 -7.22 -51.09
C LYS F 242 6.25 -8.48 -50.91
N SER F 243 5.70 -9.63 -51.30
CA SER F 243 6.42 -10.90 -51.14
C SER F 243 6.63 -11.16 -49.66
N GLY F 244 5.57 -11.53 -48.96
CA GLY F 244 5.72 -11.78 -47.56
C GLY F 244 4.51 -11.37 -46.77
N PHE F 245 4.63 -11.44 -45.46
CA PHE F 245 3.56 -11.07 -44.56
C PHE F 245 4.06 -11.13 -43.13
N LEU F 246 3.38 -10.38 -42.28
CA LEU F 246 3.65 -10.34 -40.86
C LEU F 246 2.33 -10.85 -40.30
N GLN F 247 2.38 -11.90 -39.48
CA GLN F 247 1.19 -12.45 -38.89
C GLN F 247 1.27 -12.42 -37.38
N PHE F 248 0.12 -12.17 -36.76
CA PHE F 248 -0.01 -12.18 -35.29
C PHE F 248 -1.12 -13.21 -34.96
N PHE F 249 -0.77 -14.27 -34.21
CA PHE F 249 -1.79 -15.25 -33.82
C PHE F 249 -2.04 -14.96 -32.35
N LEU F 250 -3.29 -14.74 -31.98
CA LEU F 250 -3.65 -14.39 -30.61
C LEU F 250 -4.67 -15.34 -30.08
N ALA F 251 -4.39 -15.94 -28.93
CA ALA F 251 -5.32 -16.89 -28.31
C ALA F 251 -6.48 -16.12 -27.69
N PRO F 252 -7.73 -16.53 -27.94
CA PRO F 252 -8.88 -15.84 -27.35
C PRO F 252 -8.86 -15.99 -25.83
N LYS F 253 -9.50 -15.10 -25.09
CA LYS F 253 -9.57 -15.25 -23.63
C LYS F 253 -10.52 -16.42 -23.41
N PHE F 254 -10.19 -17.28 -22.46
CA PHE F 254 -11.05 -18.43 -22.13
C PHE F 254 -12.25 -17.82 -21.39
N ASN F 255 -11.91 -16.81 -20.60
CA ASN F 255 -12.84 -16.07 -19.76
C ASN F 255 -11.86 -15.06 -19.15
N ASP F 256 -10.61 -15.51 -19.07
CA ASP F 256 -9.50 -14.74 -18.55
C ASP F 256 -8.25 -15.31 -19.23
N GLU F 257 -8.05 -14.98 -20.51
CA GLU F 257 -6.85 -15.46 -21.19
C GLU F 257 -6.22 -14.73 -22.38
N GLU F 258 -6.26 -13.40 -22.34
CA GLU F 258 -5.58 -12.57 -23.32
C GLU F 258 -5.86 -12.76 -24.83
N MET G 1 28.57 50.58 -20.05
CA MET G 1 27.22 50.00 -19.83
C MET G 1 27.01 49.01 -20.93
N LEU G 2 25.99 48.17 -20.75
CA LEU G 2 25.62 47.17 -21.75
C LEU G 2 24.41 47.70 -22.52
N GLU G 3 24.50 47.71 -23.84
CA GLU G 3 23.39 48.11 -24.68
C GLU G 3 23.56 47.43 -26.04
N ALA G 4 22.96 46.26 -26.16
CA ALA G 4 23.08 45.49 -27.36
C ALA G 4 21.72 45.06 -27.88
N LYS G 5 21.40 45.53 -29.08
CA LYS G 5 20.14 45.18 -29.70
C LYS G 5 20.29 44.22 -30.85
N PHE G 6 19.68 43.05 -30.69
CA PHE G 6 19.65 42.05 -31.72
C PHE G 6 18.42 42.32 -32.62
N GLU G 7 18.64 42.24 -33.92
CA GLU G 7 17.61 42.40 -34.94
C GLU G 7 16.48 41.39 -34.67
N GLU G 8 16.89 40.13 -34.50
CA GLU G 8 15.96 39.04 -34.23
C GLU G 8 16.33 38.38 -32.91
N ALA G 9 15.38 38.31 -31.99
CA ALA G 9 15.65 37.69 -30.72
C ALA G 9 16.09 36.24 -30.95
N SER G 10 15.75 35.69 -32.10
CA SER G 10 16.08 34.31 -32.40
C SER G 10 17.57 34.01 -32.35
N LEU G 11 18.41 34.92 -32.81
CA LEU G 11 19.85 34.62 -32.81
C LEU G 11 20.34 34.37 -31.40
N PHE G 12 19.94 35.21 -30.46
CA PHE G 12 20.41 35.07 -29.09
C PHE G 12 19.89 33.81 -28.44
N LYS G 13 18.66 33.46 -28.79
CA LYS G 13 18.01 32.28 -28.26
C LYS G 13 18.73 30.99 -28.70
N ARG G 14 19.21 30.96 -29.94
CA ARG G 14 19.90 29.80 -30.45
C ARG G 14 21.30 29.72 -29.83
N ILE G 15 21.93 30.88 -29.64
CA ILE G 15 23.25 30.95 -29.03
C ILE G 15 23.15 30.37 -27.62
N ILE G 16 22.19 30.85 -26.84
CA ILE G 16 22.00 30.35 -25.47
C ILE G 16 21.60 28.85 -25.48
N ASP G 17 20.91 28.41 -26.53
CA ASP G 17 20.55 27.01 -26.64
C ASP G 17 21.83 26.18 -26.63
N GLY G 18 22.92 26.77 -27.10
CA GLY G 18 24.20 26.09 -27.16
C GLY G 18 24.89 25.87 -25.81
N PHE G 19 24.66 26.78 -24.88
CA PHE G 19 25.25 26.69 -23.56
C PHE G 19 24.35 25.81 -22.75
N LYS G 20 23.08 25.84 -23.11
CA LYS G 20 22.05 25.10 -22.41
C LYS G 20 22.37 23.67 -22.09
N ASP G 21 21.96 23.30 -20.88
CA ASP G 21 22.13 21.95 -20.37
C ASP G 21 23.57 21.61 -19.98
N CYS G 22 24.52 21.74 -20.90
CA CYS G 22 25.89 21.40 -20.56
C CYS G 22 26.64 22.27 -19.59
N VAL G 23 26.13 23.47 -19.31
CA VAL G 23 26.75 24.36 -18.30
C VAL G 23 25.67 25.04 -17.50
N GLN G 24 26.01 25.43 -16.27
CA GLN G 24 25.09 26.08 -15.36
C GLN G 24 25.32 27.58 -15.23
N LEU G 25 26.58 28.00 -15.16
CA LEU G 25 26.92 29.40 -15.00
C LEU G 25 27.65 29.95 -16.21
N VAL G 26 27.28 31.15 -16.65
CA VAL G 26 27.93 31.76 -17.79
C VAL G 26 28.41 33.16 -17.41
N ASN G 27 29.61 33.50 -17.87
CA ASN G 27 30.16 34.79 -17.56
C ASN G 27 30.26 35.58 -18.87
N PHE G 28 29.46 36.64 -18.95
CA PHE G 28 29.41 37.51 -20.12
C PHE G 28 30.25 38.73 -19.83
N GLN G 29 30.75 39.32 -20.91
CA GLN G 29 31.47 40.56 -20.82
C GLN G 29 31.28 41.32 -22.10
N CYS G 30 30.70 42.52 -22.00
CA CYS G 30 30.52 43.34 -23.18
C CYS G 30 31.66 44.36 -23.15
N LYS G 31 32.09 44.80 -24.34
CA LYS G 31 33.16 45.76 -24.48
C LYS G 31 33.08 46.46 -25.82
N GLU G 32 34.07 47.31 -26.08
CA GLU G 32 34.07 48.10 -27.31
C GLU G 32 34.00 47.32 -28.64
N ASP G 33 34.55 46.12 -28.67
CA ASP G 33 34.53 45.35 -29.89
C ASP G 33 33.50 44.21 -29.87
N GLY G 34 32.59 44.23 -28.90
CA GLY G 34 31.57 43.21 -28.89
C GLY G 34 31.33 42.55 -27.57
N ILE G 35 30.71 41.39 -27.63
CA ILE G 35 30.40 40.63 -26.45
C ILE G 35 31.05 39.27 -26.47
N ILE G 36 31.61 38.86 -25.33
CA ILE G 36 32.16 37.52 -25.26
C ILE G 36 31.48 36.85 -24.06
N ALA G 37 31.53 35.53 -24.01
CA ALA G 37 30.93 34.79 -22.90
C ALA G 37 31.64 33.45 -22.77
N GLN G 38 31.87 33.01 -21.53
CA GLN G 38 32.52 31.73 -21.30
C GLN G 38 31.80 30.97 -20.22
N ALA G 39 31.72 29.66 -20.37
CA ALA G 39 31.07 28.81 -19.36
C ALA G 39 31.82 27.49 -19.35
N VAL G 40 32.10 26.99 -18.15
CA VAL G 40 32.82 25.73 -17.99
C VAL G 40 31.91 24.80 -17.19
N ASP G 41 31.80 23.54 -17.61
CA ASP G 41 30.97 22.60 -16.86
C ASP G 41 31.63 22.20 -15.52
N ASP G 42 30.91 21.54 -14.60
CA ASP G 42 31.49 21.21 -13.28
C ASP G 42 32.70 20.33 -13.31
N SER G 43 32.73 19.36 -14.21
CA SER G 43 33.86 18.47 -14.28
C SER G 43 35.04 19.11 -14.98
N ARG G 44 34.83 20.29 -15.54
CA ARG G 44 35.89 21.00 -16.25
C ARG G 44 36.45 20.29 -17.47
N VAL G 45 35.59 19.63 -18.27
CA VAL G 45 36.07 18.97 -19.49
C VAL G 45 35.56 19.74 -20.70
N LEU G 46 34.61 20.63 -20.48
CA LEU G 46 34.02 21.41 -21.55
C LEU G 46 33.97 22.89 -21.24
N LEU G 47 34.41 23.67 -22.23
CA LEU G 47 34.39 25.10 -22.13
C LEU G 47 33.56 25.56 -23.31
N VAL G 48 32.58 26.43 -23.06
CA VAL G 48 31.76 26.99 -24.13
C VAL G 48 32.18 28.48 -24.20
N SER G 49 32.63 28.90 -25.37
CA SER G 49 33.14 30.24 -25.56
C SER G 49 32.47 30.93 -26.74
N LEU G 50 31.89 32.09 -26.46
CA LEU G 50 31.20 32.89 -27.46
C LEU G 50 31.85 34.24 -27.78
N GLU G 51 31.71 34.67 -29.02
CA GLU G 51 32.20 35.97 -29.45
C GLU G 51 31.20 36.52 -30.47
N ILE G 52 30.66 37.70 -30.20
CA ILE G 52 29.70 38.35 -31.10
C ILE G 52 30.28 39.74 -31.36
N GLY G 53 30.65 40.02 -32.60
CA GLY G 53 31.22 41.32 -32.91
C GLY G 53 30.13 42.37 -32.99
N VAL G 54 30.56 43.62 -32.99
CA VAL G 54 29.65 44.77 -33.05
C VAL G 54 28.68 44.73 -34.23
N GLU G 55 29.16 44.24 -35.36
CA GLU G 55 28.35 44.15 -36.56
C GLU G 55 27.21 43.15 -36.55
N ALA G 56 27.21 42.22 -35.59
CA ALA G 56 26.11 41.25 -35.49
C ALA G 56 24.84 41.89 -34.92
N PHE G 57 24.98 43.10 -34.36
CA PHE G 57 23.88 43.81 -33.73
C PHE G 57 23.30 44.88 -34.63
N GLN G 58 22.07 45.28 -34.31
CA GLN G 58 21.41 46.33 -35.07
C GLN G 58 21.80 47.63 -34.41
N GLU G 59 22.15 47.56 -33.14
CA GLU G 59 22.56 48.74 -32.41
C GLU G 59 23.40 48.22 -31.24
N TYR G 60 24.56 48.83 -31.04
CA TYR G 60 25.47 48.43 -29.98
C TYR G 60 26.21 49.66 -29.50
N ARG G 61 26.19 49.88 -28.21
CA ARG G 61 26.86 51.02 -27.67
C ARG G 61 27.61 50.58 -26.41
N CYS G 62 28.90 50.91 -26.34
CA CYS G 62 29.68 50.54 -25.18
C CYS G 62 30.77 51.53 -24.91
N ASP G 63 30.66 52.27 -23.83
CA ASP G 63 31.69 53.23 -23.48
C ASP G 63 32.34 52.76 -22.21
N HIS G 64 32.01 51.56 -21.76
CA HIS G 64 32.54 51.09 -20.50
C HIS G 64 32.17 49.63 -20.32
N PRO G 65 33.14 48.74 -20.52
CA PRO G 65 32.93 47.30 -20.39
C PRO G 65 32.22 46.91 -19.12
N VAL G 66 31.38 45.88 -19.22
CA VAL G 66 30.65 45.36 -18.05
C VAL G 66 30.76 43.83 -18.10
N THR G 67 31.10 43.22 -16.96
CA THR G 67 31.21 41.78 -16.84
C THR G 67 30.01 41.35 -15.95
N LEU G 68 29.31 40.30 -16.35
CA LEU G 68 28.17 39.85 -15.59
C LEU G 68 27.99 38.36 -15.65
N GLY G 69 27.73 37.75 -14.50
CA GLY G 69 27.59 36.31 -14.46
C GLY G 69 26.17 35.93 -14.18
N MET G 70 25.73 34.82 -14.77
CA MET G 70 24.39 34.38 -14.51
C MET G 70 24.17 32.94 -14.70
N ASP G 71 23.08 32.50 -14.09
CA ASP G 71 22.64 31.15 -14.16
C ASP G 71 22.03 30.92 -15.55
N LEU G 72 22.57 29.93 -16.24
CA LEU G 72 22.10 29.61 -17.57
C LEU G 72 20.65 29.20 -17.59
N THR G 73 20.24 28.37 -16.64
CA THR G 73 18.86 27.93 -16.60
C THR G 73 17.88 29.09 -16.50
N SER G 74 18.18 30.06 -15.63
CA SER G 74 17.33 31.23 -15.46
C SER G 74 17.19 32.00 -16.76
N LEU G 75 18.31 32.13 -17.47
CA LEU G 75 18.36 32.84 -18.73
C LEU G 75 17.51 32.16 -19.79
N SER G 76 17.65 30.84 -19.97
CA SER G 76 16.85 30.17 -20.99
C SER G 76 15.37 30.21 -20.63
N LYS G 77 15.06 30.10 -19.35
CA LYS G 77 13.65 30.17 -18.92
C LYS G 77 13.03 31.40 -19.48
N ILE G 78 13.82 32.46 -19.56
CA ILE G 78 13.32 33.75 -20.05
C ILE G 78 13.51 33.92 -21.55
N LEU G 79 14.33 33.05 -22.11
CA LEU G 79 14.63 33.16 -23.51
C LEU G 79 13.68 32.52 -24.51
N ARG G 80 12.43 32.34 -24.13
CA ARG G 80 11.45 31.83 -25.07
C ARG G 80 10.35 32.90 -25.32
N CYS G 81 10.65 34.18 -25.07
CA CYS G 81 9.67 35.26 -25.28
C CYS G 81 9.97 36.07 -26.54
N GLY G 82 11.07 35.71 -27.18
CA GLY G 82 11.48 36.45 -28.36
C GLY G 82 10.62 36.38 -29.60
N ASN G 83 9.62 35.50 -29.61
CA ASN G 83 8.79 35.36 -30.80
C ASN G 83 9.70 35.11 -32.01
N ASN G 84 11.02 35.01 -31.74
CA ASN G 84 12.05 34.84 -32.73
C ASN G 84 12.21 36.07 -33.60
N THR G 85 11.09 36.67 -33.98
CA THR G 85 11.09 37.84 -34.84
C THR G 85 11.08 39.11 -34.04
N ASP G 86 10.86 38.98 -32.73
CA ASP G 86 10.88 40.15 -31.85
C ASP G 86 12.28 40.72 -31.89
N THR G 87 12.38 41.96 -31.46
CA THR G 87 13.65 42.62 -31.38
C THR G 87 14.12 42.37 -29.93
N LEU G 88 15.40 42.11 -29.70
CA LEU G 88 15.87 41.90 -28.32
C LEU G 88 16.98 42.87 -27.96
N THR G 89 16.85 43.57 -26.83
CA THR G 89 17.90 44.50 -26.39
C THR G 89 18.36 44.06 -25.00
N LEU G 90 19.67 43.84 -24.86
CA LEU G 90 20.30 43.48 -23.59
C LEU G 90 20.77 44.82 -23.03
N ILE G 91 20.43 45.08 -21.76
CA ILE G 91 20.75 46.34 -21.10
C ILE G 91 21.28 46.18 -19.69
N ALA G 92 22.35 46.91 -19.33
CA ALA G 92 22.85 46.85 -17.95
C ALA G 92 23.72 48.03 -17.63
N ASP G 93 23.69 48.49 -16.39
CA ASP G 93 24.51 49.62 -15.99
C ASP G 93 25.93 49.10 -15.72
N ASN G 94 26.84 50.01 -15.36
CA ASN G 94 28.26 49.68 -15.12
C ASN G 94 28.57 48.87 -13.89
N THR G 95 27.62 48.80 -12.97
CA THR G 95 27.82 48.05 -11.73
C THR G 95 26.44 47.42 -11.53
N PRO G 96 26.10 46.45 -12.39
CA PRO G 96 24.79 45.80 -12.29
C PRO G 96 24.54 44.72 -11.27
N ASP G 97 23.29 44.66 -10.80
CA ASP G 97 22.86 43.62 -9.89
C ASP G 97 21.92 42.75 -10.73
N SER G 98 21.55 43.26 -11.91
CA SER G 98 20.67 42.56 -12.83
C SER G 98 21.00 42.82 -14.29
N ILE G 99 20.40 42.02 -15.16
CA ILE G 99 20.51 42.20 -16.61
C ILE G 99 19.06 42.28 -17.11
N ILE G 100 18.82 43.31 -17.93
CA ILE G 100 17.51 43.56 -18.49
C ILE G 100 17.42 43.04 -19.90
N LEU G 101 16.42 42.22 -20.15
CA LEU G 101 16.18 41.74 -21.50
C LEU G 101 14.89 42.45 -21.93
N LEU G 102 14.93 43.14 -23.06
CA LEU G 102 13.78 43.88 -23.54
C LEU G 102 13.36 43.41 -24.92
N PHE G 103 12.22 42.73 -24.99
CA PHE G 103 11.69 42.26 -26.26
C PHE G 103 10.57 43.20 -26.66
N GLU G 104 10.61 43.65 -27.90
CA GLU G 104 9.58 44.56 -28.44
C GLU G 104 9.21 44.15 -29.85
N ASP G 105 7.93 44.31 -30.17
CA ASP G 105 7.44 44.04 -31.51
C ASP G 105 7.62 45.33 -32.28
N THR G 106 7.63 45.25 -33.61
CA THR G 106 7.84 46.43 -34.45
C THR G 106 7.01 47.61 -34.00
N LYS G 107 5.70 47.39 -33.88
CA LYS G 107 4.81 48.44 -33.43
C LYS G 107 4.99 48.63 -31.91
N LYS G 108 4.51 49.74 -31.38
CA LYS G 108 4.66 50.01 -29.94
C LYS G 108 3.97 48.96 -29.04
N ASP G 109 2.99 48.27 -29.64
CA ASP G 109 2.13 47.26 -29.02
C ASP G 109 2.48 46.51 -27.74
N ARG G 110 3.29 45.48 -27.90
CA ARG G 110 3.66 44.62 -26.80
C ARG G 110 5.14 44.70 -26.46
N ILE G 111 5.42 44.95 -25.19
CA ILE G 111 6.78 45.05 -24.71
C ILE G 111 7.00 44.14 -23.52
N ALA G 112 7.78 43.08 -23.75
CA ALA G 112 8.08 42.16 -22.69
C ALA G 112 9.45 42.54 -22.19
N GLU G 113 9.55 42.89 -20.91
CA GLU G 113 10.81 43.24 -20.32
C GLU G 113 11.11 42.40 -19.08
N TYR G 114 12.34 41.88 -19.00
CA TYR G 114 12.77 41.06 -17.88
C TYR G 114 13.95 41.65 -17.17
N SER G 115 14.00 41.41 -15.87
CA SER G 115 15.11 41.86 -15.05
C SER G 115 15.62 40.63 -14.32
N LEU G 116 16.67 40.03 -14.89
CA LEU G 116 17.32 38.83 -14.39
C LEU G 116 18.39 39.12 -13.33
N LYS G 117 18.30 38.41 -12.21
CA LYS G 117 19.24 38.58 -11.10
C LYS G 117 20.59 37.99 -11.55
N LEU G 118 21.69 38.67 -11.26
CA LEU G 118 23.03 38.19 -11.63
C LEU G 118 23.70 37.45 -10.51
N MET G 119 24.71 36.65 -10.84
CA MET G 119 25.51 35.90 -9.87
C MET G 119 26.90 36.53 -9.92
N ASP G 120 27.63 36.50 -8.81
CA ASP G 120 29.01 37.02 -8.79
C ASP G 120 29.93 35.86 -9.09
N ILE G 121 30.69 35.97 -10.17
CA ILE G 121 31.63 34.90 -10.56
C ILE G 121 33.02 35.51 -10.68
N ASP G 122 34.04 34.90 -10.07
CA ASP G 122 35.38 35.45 -10.21
C ASP G 122 35.77 35.46 -11.69
N ALA G 123 36.00 36.66 -12.22
CA ALA G 123 36.40 36.83 -13.62
C ALA G 123 37.73 36.10 -13.81
N ASP G 124 37.72 35.17 -14.75
CA ASP G 124 38.88 34.35 -15.03
C ASP G 124 38.65 33.68 -16.38
N PHE G 125 38.66 34.47 -17.44
CA PHE G 125 38.48 33.91 -18.75
C PHE G 125 39.72 33.11 -19.19
N LEU G 126 39.47 31.93 -19.71
CA LEU G 126 40.54 31.04 -20.20
C LEU G 126 40.89 31.37 -21.65
N LYS G 127 42.15 31.14 -22.03
CA LYS G 127 42.59 31.38 -23.40
C LYS G 127 43.38 30.15 -23.80
N ILE G 128 42.69 29.03 -23.89
CA ILE G 128 43.27 27.75 -24.22
C ILE G 128 43.37 27.38 -25.70
N GLU G 129 42.96 28.26 -26.59
CA GLU G 129 43.05 27.94 -28.01
C GLU G 129 44.51 27.90 -28.47
N GLU G 130 44.80 26.93 -29.34
CA GLU G 130 46.14 26.68 -29.88
C GLU G 130 46.46 27.40 -31.19
N LEU G 131 47.74 27.55 -31.47
CA LEU G 131 48.12 28.17 -32.71
C LEU G 131 47.83 27.11 -33.77
N GLN G 132 48.50 25.97 -33.70
CA GLN G 132 48.22 24.95 -34.69
C GLN G 132 47.72 23.67 -34.06
N TYR G 133 46.78 23.03 -34.73
CA TYR G 133 46.22 21.76 -34.30
C TYR G 133 46.78 20.70 -35.24
N ASP G 134 46.90 19.48 -34.74
CA ASP G 134 47.37 18.31 -35.50
C ASP G 134 46.56 18.15 -36.80
N SER G 135 45.24 18.28 -36.69
CA SER G 135 44.39 18.17 -37.84
C SER G 135 43.21 19.08 -37.67
N THR G 136 42.69 19.52 -38.82
CA THR G 136 41.58 20.44 -38.95
C THR G 136 40.65 19.89 -40.00
N LEU G 137 39.36 19.93 -39.72
CA LEU G 137 38.35 19.48 -40.69
C LEU G 137 37.04 20.22 -40.48
N SER G 138 36.29 20.38 -41.55
CA SER G 138 34.98 21.00 -41.48
C SER G 138 34.07 20.15 -42.36
N LEU G 139 32.81 20.11 -41.99
CA LEU G 139 31.81 19.34 -42.70
C LEU G 139 30.48 19.90 -42.27
N PRO G 140 29.41 19.58 -43.00
CA PRO G 140 28.07 20.08 -42.65
C PRO G 140 27.77 19.70 -41.20
N SER G 141 27.22 20.62 -40.42
CA SER G 141 26.94 20.30 -39.04
C SER G 141 25.83 19.29 -38.83
N SER G 142 24.92 19.19 -39.80
CA SER G 142 23.82 18.23 -39.68
C SER G 142 24.41 16.86 -39.87
N GLU G 143 25.41 16.75 -40.73
CA GLU G 143 26.09 15.49 -40.94
C GLU G 143 26.81 15.09 -39.62
N PHE G 144 27.55 16.04 -39.00
CA PHE G 144 28.25 15.78 -37.74
C PHE G 144 27.26 15.35 -36.67
N SER G 145 26.10 16.01 -36.60
CA SER G 145 25.07 15.61 -35.63
C SER G 145 24.62 14.15 -35.82
N LYS G 146 24.39 13.76 -37.08
CA LYS G 146 23.96 12.40 -37.39
C LYS G 146 25.05 11.44 -36.95
N ILE G 147 26.31 11.75 -37.33
CA ILE G 147 27.42 10.90 -36.95
C ILE G 147 27.45 10.72 -35.44
N VAL G 148 27.28 11.82 -34.71
CA VAL G 148 27.31 11.70 -33.27
C VAL G 148 26.11 10.91 -32.76
N ARG G 149 24.91 11.22 -33.28
CA ARG G 149 23.67 10.52 -32.87
C ARG G 149 23.70 9.00 -33.18
N ASP G 150 24.32 8.62 -34.29
CA ASP G 150 24.48 7.22 -34.61
C ASP G 150 25.25 6.55 -33.45
N LEU G 151 26.57 6.74 -33.45
CA LEU G 151 27.50 6.19 -32.48
C LEU G 151 27.16 6.28 -31.00
N SER G 152 26.51 7.38 -30.61
CA SER G 152 26.16 7.56 -29.23
C SER G 152 25.43 6.38 -28.61
N GLN G 153 24.59 5.73 -29.39
CA GLN G 153 23.77 4.60 -28.93
C GLN G 153 24.60 3.41 -28.51
N LEU G 154 25.80 3.30 -29.07
CA LEU G 154 26.66 2.16 -28.83
C LEU G 154 27.60 2.25 -27.69
N SER G 155 27.96 3.46 -27.31
CA SER G 155 28.96 3.61 -26.26
C SER G 155 28.92 4.99 -25.67
N ASP G 156 29.61 5.15 -24.55
CA ASP G 156 29.72 6.44 -23.87
C ASP G 156 30.98 7.12 -24.36
N SER G 157 31.71 6.47 -25.27
CA SER G 157 32.93 7.01 -25.84
C SER G 157 32.89 6.87 -27.32
N ILE G 158 33.25 7.94 -28.02
CA ILE G 158 33.30 7.97 -29.49
C ILE G 158 34.72 8.42 -29.85
N ASN G 159 35.40 7.61 -30.64
CA ASN G 159 36.76 7.90 -31.01
C ASN G 159 36.80 8.57 -32.38
N ILE G 160 37.66 9.57 -32.53
CA ILE G 160 37.82 10.24 -33.82
C ILE G 160 39.24 9.94 -34.23
N MET G 161 39.42 9.36 -35.41
CA MET G 161 40.75 9.03 -35.91
C MET G 161 40.99 9.67 -37.26
N ILE G 162 42.13 10.31 -37.41
CA ILE G 162 42.46 10.98 -38.66
C ILE G 162 43.78 10.53 -39.22
N THR G 163 43.75 10.17 -40.50
CA THR G 163 44.90 9.74 -41.27
C THR G 163 44.74 10.48 -42.58
N LYS G 164 45.77 10.44 -43.43
CA LYS G 164 45.71 11.15 -44.70
C LYS G 164 44.40 10.84 -45.41
N GLU G 165 43.70 11.90 -45.80
CA GLU G 165 42.44 11.77 -46.51
C GLU G 165 41.42 10.84 -45.90
N THR G 166 41.45 10.66 -44.58
CA THR G 166 40.46 9.80 -43.95
C THR G 166 40.11 10.24 -42.54
N ILE G 167 38.80 10.36 -42.31
CA ILE G 167 38.28 10.72 -41.02
C ILE G 167 37.37 9.56 -40.62
N LYS G 168 37.61 9.00 -39.44
CA LYS G 168 36.84 7.88 -38.98
C LYS G 168 36.35 8.03 -37.55
N PHE G 169 35.03 7.96 -37.36
CA PHE G 169 34.38 8.03 -36.04
C PHE G 169 34.03 6.58 -35.65
N VAL G 170 34.36 6.20 -34.41
CA VAL G 170 34.11 4.84 -33.97
C VAL G 170 33.60 4.75 -32.53
N ALA G 171 32.67 3.81 -32.31
CA ALA G 171 32.07 3.57 -31.01
C ALA G 171 32.02 2.05 -30.88
N ASP G 172 32.26 1.57 -29.69
CA ASP G 172 32.31 0.14 -29.48
C ASP G 172 31.88 -0.06 -28.04
N GLY G 173 30.83 -0.84 -27.85
CA GLY G 173 30.31 -1.08 -26.52
C GLY G 173 29.69 -2.44 -26.40
N ASP G 174 28.71 -2.56 -25.51
CA ASP G 174 28.02 -3.81 -25.25
C ASP G 174 27.34 -4.52 -26.41
N ILE G 175 26.43 -3.85 -27.08
CA ILE G 175 25.73 -4.48 -28.18
C ILE G 175 26.58 -4.72 -29.43
N GLY G 176 27.75 -4.12 -29.48
CA GLY G 176 28.61 -4.28 -30.64
C GLY G 176 29.46 -3.04 -30.93
N SER G 177 29.77 -2.81 -32.19
CA SER G 177 30.60 -1.69 -32.58
C SER G 177 30.05 -1.05 -33.83
N GLY G 178 30.41 0.22 -34.03
CA GLY G 178 29.96 0.96 -35.19
C GLY G 178 31.06 1.92 -35.60
N SER G 179 30.99 2.38 -36.86
CA SER G 179 31.95 3.30 -37.39
C SER G 179 31.34 4.05 -38.54
N VAL G 180 31.78 5.30 -38.70
CA VAL G 180 31.35 6.14 -39.79
C VAL G 180 32.64 6.68 -40.38
N ILE G 181 32.84 6.39 -41.65
CA ILE G 181 34.01 6.83 -42.35
C ILE G 181 33.60 7.82 -43.43
N ILE G 182 34.25 8.99 -43.40
CA ILE G 182 33.99 10.04 -44.38
C ILE G 182 35.29 10.41 -45.05
N LYS G 183 35.19 10.88 -46.28
CA LYS G 183 36.35 11.28 -47.07
C LYS G 183 36.20 12.72 -47.56
N PRO G 184 37.32 13.44 -47.61
CA PRO G 184 37.30 14.84 -48.06
C PRO G 184 36.78 14.90 -49.51
N PHE G 185 35.99 15.94 -49.82
CA PHE G 185 35.47 16.13 -51.16
C PHE G 185 34.89 17.52 -51.37
N VAL G 186 35.14 18.07 -52.56
CA VAL G 186 34.66 19.40 -52.93
C VAL G 186 33.43 19.26 -53.80
N ASP G 187 32.29 19.74 -53.34
CA ASP G 187 31.08 19.70 -54.15
C ASP G 187 30.79 21.10 -54.70
N MET G 188 30.99 21.28 -56.00
CA MET G 188 30.76 22.58 -56.62
C MET G 188 29.30 22.86 -56.79
N GLU G 189 28.50 21.80 -56.83
CA GLU G 189 27.05 21.92 -56.97
C GLU G 189 26.47 22.68 -55.76
N HIS G 190 27.35 22.90 -54.78
CA HIS G 190 27.10 23.65 -53.54
C HIS G 190 28.15 23.21 -52.54
N PRO G 191 29.20 24.04 -52.36
CA PRO G 191 30.31 23.80 -51.44
C PRO G 191 30.02 23.78 -49.94
N GLU G 192 28.77 24.04 -49.56
CA GLU G 192 28.43 24.01 -48.13
C GLU G 192 28.23 22.58 -47.69
N THR G 193 28.39 21.66 -48.63
CA THR G 193 28.23 20.24 -48.35
C THR G 193 29.58 19.51 -48.47
N SER G 194 30.60 20.26 -48.86
CA SER G 194 31.94 19.69 -48.98
C SER G 194 32.47 19.25 -47.61
N ILE G 195 33.54 18.45 -47.62
CA ILE G 195 34.16 17.97 -46.39
C ILE G 195 35.64 18.22 -46.55
N LYS G 196 36.16 19.22 -45.85
CA LYS G 196 37.58 19.56 -45.96
C LYS G 196 38.37 18.92 -44.85
N LEU G 197 39.66 18.69 -45.09
CA LEU G 197 40.52 18.08 -44.11
C LEU G 197 41.94 18.50 -44.36
N GLU G 198 42.60 19.02 -43.34
CA GLU G 198 43.99 19.39 -43.47
C GLU G 198 44.65 18.65 -42.33
N MET G 199 45.50 17.69 -42.66
CA MET G 199 46.18 16.88 -41.64
C MET G 199 47.68 17.10 -41.60
N ASP G 200 48.21 17.60 -40.47
CA ASP G 200 49.65 17.81 -40.35
C ASP G 200 50.24 16.62 -39.67
N GLN G 201 49.38 15.90 -38.96
CA GLN G 201 49.80 14.73 -38.21
C GLN G 201 48.55 13.91 -37.94
N PRO G 202 48.65 12.58 -38.09
CA PRO G 202 47.48 11.73 -37.84
C PRO G 202 47.13 11.90 -36.39
N VAL G 203 45.84 11.90 -36.09
CA VAL G 203 45.36 12.04 -34.71
C VAL G 203 44.40 10.91 -34.41
N ASP G 204 44.23 10.61 -33.13
CA ASP G 204 43.36 9.55 -32.68
C ASP G 204 42.97 9.90 -31.26
N LEU G 205 41.79 10.49 -31.06
CA LEU G 205 41.35 10.89 -29.74
C LEU G 205 39.99 10.33 -29.40
N THR G 206 39.72 10.13 -28.11
CA THR G 206 38.43 9.62 -27.66
C THR G 206 37.74 10.69 -26.83
N PHE G 207 36.42 10.85 -27.04
CA PHE G 207 35.61 11.81 -26.32
C PHE G 207 34.39 11.13 -25.74
N GLY G 208 33.87 11.69 -24.66
CA GLY G 208 32.66 11.19 -24.00
C GLY G 208 31.48 11.62 -24.84
N ALA G 209 30.72 10.62 -25.27
CA ALA G 209 29.56 10.81 -26.13
C ALA G 209 28.54 11.78 -25.59
N LYS G 210 28.40 11.84 -24.28
CA LYS G 210 27.47 12.75 -23.63
C LYS G 210 27.82 14.20 -23.98
N TYR G 211 29.12 14.49 -24.10
CA TYR G 211 29.61 15.84 -24.41
C TYR G 211 29.48 16.21 -25.87
N LEU G 212 29.76 15.25 -26.75
CA LEU G 212 29.65 15.49 -28.17
C LEU G 212 28.17 15.77 -28.46
N LEU G 213 27.29 15.07 -27.74
CA LEU G 213 25.85 15.27 -27.90
C LEU G 213 25.50 16.71 -27.50
N ASP G 214 26.08 17.25 -26.44
CA ASP G 214 25.84 18.65 -26.05
C ASP G 214 26.33 19.58 -27.17
N ILE G 215 27.51 19.32 -27.69
CA ILE G 215 28.10 20.13 -28.74
C ILE G 215 27.34 20.22 -30.06
N ILE G 216 26.70 19.14 -30.51
CA ILE G 216 26.04 19.17 -31.80
C ILE G 216 24.94 20.22 -31.97
N LYS G 217 24.46 20.73 -30.83
CA LYS G 217 23.44 21.78 -30.82
C LYS G 217 23.82 22.98 -31.71
N GLY G 218 25.12 23.25 -31.85
CA GLY G 218 25.57 24.36 -32.65
C GLY G 218 25.11 24.31 -34.10
N SER G 219 24.61 23.17 -34.56
CA SER G 219 24.13 23.04 -35.95
C SER G 219 23.12 24.14 -36.28
N SER G 220 22.33 24.49 -35.27
CA SER G 220 21.32 25.51 -35.44
C SER G 220 21.88 26.89 -35.65
N LEU G 221 23.20 27.07 -35.56
CA LEU G 221 23.77 28.39 -35.72
C LEU G 221 24.56 28.51 -36.98
N SER G 222 25.02 27.37 -37.49
CA SER G 222 25.83 27.40 -38.69
C SER G 222 25.63 26.13 -39.52
N ASP G 223 25.80 26.25 -40.84
CA ASP G 223 25.65 25.13 -41.76
C ASP G 223 26.80 24.17 -41.62
N ARG G 224 27.98 24.71 -41.34
CA ARG G 224 29.17 23.90 -41.18
C ARG G 224 29.76 23.98 -39.78
N VAL G 225 30.57 22.97 -39.45
CA VAL G 225 31.22 22.91 -38.16
C VAL G 225 32.68 22.67 -38.42
N GLY G 226 33.53 23.35 -37.66
CA GLY G 226 34.96 23.14 -37.83
C GLY G 226 35.41 22.35 -36.62
N ILE G 227 36.25 21.35 -36.83
CA ILE G 227 36.74 20.52 -35.74
C ILE G 227 38.26 20.56 -35.78
N ARG G 228 38.89 20.98 -34.69
CA ARG G 228 40.34 21.05 -34.65
C ARG G 228 40.84 20.14 -33.53
N LEU G 229 41.71 19.21 -33.90
CA LEU G 229 42.17 18.23 -32.93
C LEU G 229 43.64 18.25 -32.71
N SER G 230 44.02 17.95 -31.48
CA SER G 230 45.42 17.93 -31.14
C SER G 230 45.62 16.94 -30.02
N SER G 231 46.80 16.38 -29.95
CA SER G 231 47.14 15.43 -28.91
C SER G 231 47.71 16.22 -27.71
N GLU G 232 47.82 17.53 -27.87
CA GLU G 232 48.36 18.37 -26.81
C GLU G 232 47.31 19.19 -26.08
N ALA G 233 46.08 19.21 -26.59
CA ALA G 233 45.08 20.06 -25.97
C ALA G 233 43.62 19.67 -26.20
N PRO G 234 42.68 20.39 -25.55
CA PRO G 234 41.27 20.09 -25.75
C PRO G 234 40.94 20.28 -27.25
N ALA G 235 39.99 19.51 -27.78
CA ALA G 235 39.60 19.65 -29.18
C ALA G 235 38.69 20.87 -29.29
N LEU G 236 38.71 21.50 -30.45
CA LEU G 236 37.88 22.67 -30.66
C LEU G 236 36.82 22.37 -31.75
N PHE G 237 35.54 22.57 -31.42
CA PHE G 237 34.44 22.39 -32.37
C PHE G 237 33.90 23.81 -32.51
N GLN G 238 33.87 24.34 -33.72
CA GLN G 238 33.45 25.72 -33.88
C GLN G 238 32.35 25.96 -34.86
N PHE G 239 31.39 26.78 -34.44
CA PHE G 239 30.22 27.17 -35.22
C PHE G 239 30.25 28.68 -35.46
N ASP G 240 30.54 29.08 -36.70
CA ASP G 240 30.62 30.49 -37.06
C ASP G 240 29.28 31.22 -37.15
N LEU G 241 29.30 32.47 -36.74
CA LEU G 241 28.11 33.32 -36.79
C LEU G 241 28.51 34.45 -37.73
N LYS G 242 27.53 35.28 -38.09
CA LYS G 242 27.86 36.45 -38.91
C LYS G 242 28.54 37.33 -37.88
N SER G 243 29.84 37.55 -38.03
CA SER G 243 30.59 38.37 -37.05
C SER G 243 30.55 37.66 -35.71
N GLY G 244 31.32 36.59 -35.57
CA GLY G 244 31.33 35.89 -34.32
C GLY G 244 31.47 34.41 -34.49
N PHE G 245 31.35 33.70 -33.39
CA PHE G 245 31.45 32.25 -33.40
C PHE G 245 31.13 31.72 -32.02
N LEU G 246 30.71 30.46 -31.99
CA LEU G 246 30.41 29.75 -30.78
C LEU G 246 31.43 28.63 -30.82
N GLN G 247 32.23 28.49 -29.77
CA GLN G 247 33.23 27.45 -29.73
C GLN G 247 33.02 26.54 -28.54
N PHE G 248 33.29 25.26 -28.73
CA PHE G 248 33.22 24.24 -27.68
C PHE G 248 34.62 23.58 -27.61
N PHE G 249 35.29 23.69 -26.46
CA PHE G 249 36.59 23.04 -26.31
C PHE G 249 36.32 21.85 -25.41
N LEU G 250 36.69 20.67 -25.86
CA LEU G 250 36.43 19.44 -25.13
C LEU G 250 37.70 18.67 -24.88
N ALA G 251 37.96 18.34 -23.63
CA ALA G 251 39.17 17.61 -23.28
C ALA G 251 39.01 16.14 -23.68
N PRO G 252 40.00 15.55 -24.37
CA PRO G 252 39.90 14.13 -24.78
C PRO G 252 39.86 13.25 -23.52
N LYS G 253 39.33 12.04 -23.63
CA LYS G 253 39.35 11.13 -22.49
C LYS G 253 40.79 10.68 -22.36
N PHE G 254 41.30 10.59 -21.13
CA PHE G 254 42.68 10.14 -20.90
C PHE G 254 42.65 8.64 -21.18
N ASN G 255 41.53 8.05 -20.77
CA ASN G 255 41.24 6.63 -20.87
C ASN G 255 39.84 6.62 -20.29
N ASP G 256 39.62 7.60 -19.41
CA ASP G 256 38.36 7.81 -18.74
C ASP G 256 38.32 9.30 -18.39
N GLU G 257 38.06 10.15 -19.39
CA GLU G 257 37.96 11.57 -19.12
C GLU G 257 37.14 12.53 -19.99
N GLU G 258 36.00 12.05 -20.48
CA GLU G 258 35.05 12.89 -21.20
C GLU G 258 35.50 13.71 -22.42
N MET H 1 -35.92 15.20 -22.36
CA MET H 1 -34.82 14.27 -22.68
C MET H 1 -33.73 15.10 -23.30
N LEU H 2 -32.55 14.50 -23.40
CA LEU H 2 -31.41 15.16 -24.02
C LEU H 2 -31.25 14.59 -25.45
N GLU H 3 -31.17 15.48 -26.42
CA GLU H 3 -30.94 15.07 -27.80
C GLU H 3 -30.29 16.23 -28.53
N ALA H 4 -28.97 16.23 -28.53
CA ALA H 4 -28.23 17.29 -29.13
C ALA H 4 -27.18 16.76 -30.10
N LYS H 5 -27.33 17.13 -31.36
CA LYS H 5 -26.40 16.70 -32.37
C LYS H 5 -25.50 17.82 -32.86
N PHE H 6 -24.21 17.64 -32.65
CA PHE H 6 -23.20 18.55 -33.11
C PHE H 6 -22.80 18.12 -34.55
N GLU H 7 -22.71 19.12 -35.43
CA GLU H 7 -22.29 18.95 -36.81
C GLU H 7 -20.91 18.28 -36.83
N GLU H 8 -19.99 18.85 -36.05
CA GLU H 8 -18.63 18.33 -35.94
C GLU H 8 -18.34 17.99 -34.49
N ALA H 9 -17.94 16.75 -34.24
CA ALA H 9 -17.62 16.34 -32.89
C ALA H 9 -16.52 17.24 -32.33
N SER H 10 -15.77 17.87 -33.22
CA SER H 10 -14.67 18.72 -32.80
C SER H 10 -15.07 19.85 -31.88
N LEU H 11 -16.22 20.48 -32.12
CA LEU H 11 -16.59 21.60 -31.28
C LEU H 11 -16.74 21.17 -29.83
N PHE H 12 -17.38 20.04 -29.60
CA PHE H 12 -17.61 19.57 -28.24
C PHE H 12 -16.31 19.17 -27.55
N LYS H 13 -15.41 18.60 -28.35
CA LYS H 13 -14.12 18.16 -27.85
C LYS H 13 -13.26 19.34 -27.38
N ARG H 14 -13.34 20.46 -28.09
CA ARG H 14 -12.57 21.63 -27.71
C ARG H 14 -13.20 22.28 -26.48
N ILE H 15 -14.53 22.27 -26.40
CA ILE H 15 -15.24 22.83 -25.27
C ILE H 15 -14.81 22.07 -24.02
N ILE H 16 -14.89 20.74 -24.08
CA ILE H 16 -14.48 19.90 -22.94
C ILE H 16 -12.97 20.08 -22.63
N ASP H 17 -12.18 20.35 -23.65
CA ASP H 17 -10.76 20.59 -23.43
C ASP H 17 -10.59 21.75 -22.48
N GLY H 18 -11.57 22.65 -22.48
CA GLY H 18 -11.54 23.83 -21.61
C GLY H 18 -11.78 23.56 -20.15
N PHE H 19 -12.57 22.55 -19.86
CA PHE H 19 -12.89 22.19 -18.48
C PHE H 19 -11.78 21.29 -18.01
N LYS H 20 -11.19 20.58 -18.96
CA LYS H 20 -10.15 19.62 -18.70
C LYS H 20 -9.05 20.10 -17.78
N ASP H 21 -8.65 19.16 -16.92
CA ASP H 21 -7.58 19.37 -15.96
C ASP H 21 -7.96 20.27 -14.79
N CYS H 22 -8.43 21.49 -15.06
CA CYS H 22 -8.77 22.39 -13.97
C CYS H 22 -9.98 22.06 -13.12
N VAL H 23 -10.84 21.15 -13.59
CA VAL H 23 -12.01 20.71 -12.78
C VAL H 23 -12.18 19.22 -12.96
N GLN H 24 -12.81 18.60 -11.96
CA GLN H 24 -13.07 17.16 -11.96
C GLN H 24 -14.52 16.79 -12.26
N LEU H 25 -15.46 17.54 -11.70
CA LEU H 25 -16.88 17.26 -11.90
C LEU H 25 -17.57 18.39 -12.64
N VAL H 26 -18.43 18.03 -13.59
CA VAL H 26 -19.16 19.01 -14.36
C VAL H 26 -20.64 18.71 -14.30
N ASN H 27 -21.45 19.76 -14.16
CA ASN H 27 -22.88 19.58 -14.09
C ASN H 27 -23.49 20.22 -15.32
N PHE H 28 -24.06 19.38 -16.17
CA PHE H 28 -24.70 19.80 -17.40
C PHE H 28 -26.19 19.87 -17.17
N GLN H 29 -26.83 20.72 -17.96
CA GLN H 29 -28.27 20.80 -17.94
C GLN H 29 -28.73 21.23 -19.31
N CYS H 30 -29.53 20.39 -19.95
CA CYS H 30 -30.07 20.75 -21.26
C CYS H 30 -31.49 21.24 -20.99
N LYS H 31 -31.96 22.15 -21.85
CA LYS H 31 -33.28 22.73 -21.73
C LYS H 31 -33.75 23.29 -23.06
N GLU H 32 -34.92 23.91 -23.06
CA GLU H 32 -35.50 24.44 -24.28
C GLU H 32 -34.65 25.44 -25.08
N ASP H 33 -33.83 26.22 -24.40
CA ASP H 33 -33.02 27.20 -25.10
C ASP H 33 -31.55 26.79 -25.22
N GLY H 34 -31.26 25.52 -24.94
CA GLY H 34 -29.89 25.08 -25.11
C GLY H 34 -29.33 24.29 -23.97
N ILE H 35 -28.00 24.24 -23.94
CA ILE H 35 -27.30 23.50 -22.92
C ILE H 35 -26.39 24.39 -22.11
N ILE H 36 -26.39 24.22 -20.80
CA ILE H 36 -25.45 24.98 -19.98
C ILE H 36 -24.67 23.94 -19.16
N ALA H 37 -23.52 24.34 -18.65
CA ALA H 37 -22.70 23.44 -17.84
C ALA H 37 -21.86 24.29 -16.89
N GLN H 38 -21.67 23.81 -15.66
CA GLN H 38 -20.85 24.52 -14.69
C GLN H 38 -19.96 23.56 -13.96
N ALA H 39 -18.75 24.00 -13.66
CA ALA H 39 -17.81 23.16 -12.91
C ALA H 39 -16.97 24.09 -12.06
N VAL H 40 -16.76 23.70 -10.80
CA VAL H 40 -15.98 24.51 -9.85
C VAL H 40 -14.83 23.64 -9.38
N ASP H 41 -13.62 24.19 -9.32
CA ASP H 41 -12.47 23.41 -8.85
C ASP H 41 -12.56 23.18 -7.32
N ASP H 42 -11.73 22.28 -6.75
CA ASP H 42 -11.83 21.98 -5.31
C ASP H 42 -11.59 23.15 -4.39
N SER H 43 -10.67 24.02 -4.74
CA SER H 43 -10.38 25.15 -3.89
C SER H 43 -11.40 26.24 -4.04
N ARG H 44 -12.31 26.08 -5.00
CA ARG H 44 -13.34 27.07 -5.26
C ARG H 44 -12.84 28.46 -5.66
N VAL H 45 -11.81 28.52 -6.51
CA VAL H 45 -11.31 29.83 -6.97
C VAL H 45 -11.65 29.98 -8.45
N LEU H 46 -12.03 28.88 -9.09
CA LEU H 46 -12.35 28.88 -10.50
C LEU H 46 -13.67 28.21 -10.80
N LEU H 47 -14.46 28.91 -11.62
CA LEU H 47 -15.74 28.40 -12.05
C LEU H 47 -15.66 28.40 -13.56
N VAL H 48 -16.01 27.26 -14.18
CA VAL H 48 -16.04 27.16 -15.64
C VAL H 48 -17.54 27.07 -16.00
N SER H 49 -18.00 27.99 -16.82
CA SER H 49 -19.40 28.07 -17.17
C SER H 49 -19.62 28.11 -18.68
N LEU H 50 -20.40 27.16 -19.17
CA LEU H 50 -20.69 27.04 -20.58
C LEU H 50 -22.17 27.30 -20.97
N GLU H 51 -22.36 27.84 -22.16
CA GLU H 51 -23.69 28.07 -22.69
C GLU H 51 -23.64 27.81 -24.18
N ILE H 52 -24.46 26.89 -24.68
CA ILE H 52 -24.52 26.56 -26.10
C ILE H 52 -25.99 26.72 -26.49
N GLY H 53 -26.29 27.67 -27.36
CA GLY H 53 -27.67 27.88 -27.76
C GLY H 53 -28.09 26.83 -28.75
N VAL H 54 -29.40 26.77 -28.98
CA VAL H 54 -30.00 25.80 -29.89
C VAL H 54 -29.42 25.84 -31.31
N GLU H 55 -29.08 27.04 -31.77
CA GLU H 55 -28.53 27.22 -33.10
C GLU H 55 -27.13 26.69 -33.32
N ALA H 56 -26.40 26.37 -32.26
CA ALA H 56 -25.05 25.81 -32.41
C ALA H 56 -25.11 24.34 -32.85
N PHE H 57 -26.29 23.73 -32.76
CA PHE H 57 -26.49 22.33 -33.10
C PHE H 57 -27.07 22.13 -34.47
N GLN H 58 -26.92 20.92 -35.00
CA GLN H 58 -27.47 20.59 -36.30
C GLN H 58 -28.87 20.08 -36.03
N GLU H 59 -29.08 19.57 -34.84
CA GLU H 59 -30.39 19.08 -34.46
C GLU H 59 -30.41 19.10 -32.95
N TYR H 60 -31.49 19.65 -32.39
CA TYR H 60 -31.66 19.76 -30.95
C TYR H 60 -33.13 19.63 -30.63
N ARG H 61 -33.44 18.75 -29.71
CA ARG H 61 -34.80 18.55 -29.33
C ARG H 61 -34.87 18.47 -27.81
N CYS H 62 -35.76 19.24 -27.21
CA CYS H 62 -35.89 19.21 -25.77
C CYS H 62 -37.29 19.54 -25.32
N ASP H 63 -38.00 18.56 -24.80
CA ASP H 63 -39.35 18.80 -24.33
C ASP H 63 -39.35 18.62 -22.83
N HIS H 64 -38.17 18.47 -22.24
CA HIS H 64 -38.12 18.22 -20.81
C HIS H 64 -36.67 18.27 -20.37
N PRO H 65 -36.30 19.37 -19.70
CA PRO H 65 -34.94 19.57 -19.21
C PRO H 65 -34.40 18.38 -18.45
N VAL H 66 -33.09 18.15 -18.60
CA VAL H 66 -32.42 17.06 -17.88
C VAL H 66 -31.10 17.62 -17.33
N THR H 67 -30.82 17.36 -16.06
CA THR H 67 -29.61 17.78 -15.40
C THR H 67 -28.77 16.48 -15.19
N LEU H 68 -27.49 16.54 -15.50
CA LEU H 68 -26.65 15.39 -15.34
C LEU H 68 -25.24 15.75 -14.96
N GLY H 69 -24.69 15.04 -13.99
CA GLY H 69 -23.35 15.34 -13.53
C GLY H 69 -22.40 14.26 -13.92
N MET H 70 -21.17 14.63 -14.20
CA MET H 70 -20.19 13.63 -14.56
C MET H 70 -18.80 14.02 -14.31
N ASP H 71 -17.98 12.99 -14.25
CA ASP H 71 -16.58 13.12 -14.07
C ASP H 71 -15.96 13.61 -15.38
N LEU H 72 -15.27 14.73 -15.35
CA LEU H 72 -14.76 15.19 -16.66
C LEU H 72 -13.70 14.20 -17.15
N THR H 73 -12.79 13.76 -16.28
CA THR H 73 -11.77 12.87 -16.82
C THR H 73 -12.37 11.74 -17.65
N SER H 74 -13.45 11.13 -17.16
CA SER H 74 -14.12 10.04 -17.88
C SER H 74 -14.62 10.53 -19.24
N LEU H 75 -15.17 11.73 -19.25
CA LEU H 75 -15.70 12.33 -20.45
C LEU H 75 -14.61 12.59 -21.49
N SER H 76 -13.49 13.19 -21.09
CA SER H 76 -12.43 13.45 -22.06
C SER H 76 -11.84 12.15 -22.57
N LYS H 77 -11.73 11.15 -21.70
CA LYS H 77 -11.19 9.86 -22.11
C LYS H 77 -11.95 9.38 -23.32
N ILE H 78 -13.23 9.67 -23.34
CA ILE H 78 -14.10 9.23 -24.42
C ILE H 78 -14.19 10.25 -25.54
N LEU H 79 -13.74 11.45 -25.27
CA LEU H 79 -13.84 12.51 -26.23
C LEU H 79 -12.74 12.63 -27.28
N ARG H 80 -12.06 11.54 -27.57
CA ARG H 80 -11.07 11.57 -28.65
C ARG H 80 -11.51 10.60 -29.78
N CYS H 81 -12.80 10.28 -29.88
CA CYS H 81 -13.30 9.37 -30.93
C CYS H 81 -14.03 10.13 -32.03
N GLY H 82 -14.15 11.43 -31.84
CA GLY H 82 -14.88 12.24 -32.80
C GLY H 82 -14.31 12.39 -34.18
N ASN H 83 -13.08 11.94 -34.40
CA ASN H 83 -12.46 12.13 -35.73
C ASN H 83 -12.54 13.62 -36.10
N ASN H 84 -13.06 14.42 -35.18
CA ASN H 84 -13.29 15.84 -35.34
C ASN H 84 -14.37 16.12 -36.36
N THR H 85 -14.35 15.35 -37.45
CA THR H 85 -15.31 15.55 -38.53
C THR H 85 -16.51 14.65 -38.36
N ASP H 86 -16.42 13.74 -37.40
CA ASP H 86 -17.54 12.84 -37.12
C ASP H 86 -18.69 13.71 -36.61
N THR H 87 -19.88 13.15 -36.67
CA THR H 87 -21.04 13.82 -36.18
C THR H 87 -21.18 13.33 -34.72
N LEU H 88 -21.53 14.20 -33.77
CA LEU H 88 -21.70 13.74 -32.38
C LEU H 88 -23.10 14.03 -31.86
N THR H 89 -23.76 13.02 -31.30
CA THR H 89 -25.09 13.24 -30.73
C THR H 89 -25.05 12.84 -29.25
N LEU H 90 -25.47 13.77 -28.39
CA LEU H 90 -25.55 13.55 -26.94
C LEU H 90 -27.00 13.14 -26.72
N ILE H 91 -27.20 12.02 -26.01
CA ILE H 91 -28.53 11.47 -25.76
C ILE H 91 -28.76 11.02 -24.33
N ALA H 92 -29.92 11.36 -23.75
CA ALA H 92 -30.23 10.90 -22.39
C ALA H 92 -31.70 10.97 -22.09
N ASP H 93 -32.22 10.03 -21.31
CA ASP H 93 -33.62 10.04 -20.98
C ASP H 93 -33.84 11.06 -19.84
N ASN H 94 -35.08 11.22 -19.40
CA ASN H 94 -35.45 12.19 -18.37
C ASN H 94 -35.00 11.90 -16.96
N THR H 95 -34.59 10.67 -16.71
CA THR H 95 -34.14 10.28 -15.38
C THR H 95 -32.97 9.34 -15.72
N PRO H 96 -31.87 9.92 -16.23
CA PRO H 96 -30.72 9.11 -16.61
C PRO H 96 -29.74 8.61 -15.56
N ASP H 97 -29.18 7.43 -15.83
CA ASP H 97 -28.14 6.87 -14.98
C ASP H 97 -26.87 6.97 -15.82
N SER H 98 -27.04 7.29 -17.11
CA SER H 98 -25.92 7.43 -18.04
C SER H 98 -26.18 8.50 -19.10
N ILE H 99 -25.11 8.84 -19.82
CA ILE H 99 -25.18 9.77 -20.95
C ILE H 99 -24.55 9.00 -22.12
N ILE H 100 -25.26 9.01 -23.24
CA ILE H 100 -24.85 8.35 -24.44
C ILE H 100 -24.21 9.31 -25.41
N LEU H 101 -23.01 8.99 -25.85
CA LEU H 101 -22.34 9.79 -26.86
C LEU H 101 -22.35 8.91 -28.11
N LEU H 102 -22.88 9.44 -29.20
CA LEU H 102 -22.97 8.67 -30.43
C LEU H 102 -22.23 9.37 -31.57
N PHE H 103 -21.11 8.78 -31.98
CA PHE H 103 -20.33 9.33 -33.08
C PHE H 103 -20.61 8.48 -34.30
N GLU H 104 -20.92 9.14 -35.41
CA GLU H 104 -21.20 8.46 -36.67
C GLU H 104 -20.54 9.20 -37.83
N ASP H 105 -20.07 8.42 -38.80
CA ASP H 105 -19.48 8.97 -40.00
C ASP H 105 -20.64 9.19 -40.96
N THR H 106 -20.44 10.05 -41.97
CA THR H 106 -21.51 10.36 -42.93
C THR H 106 -22.22 9.12 -43.41
N LYS H 107 -21.45 8.17 -43.92
CA LYS H 107 -22.01 6.92 -44.40
C LYS H 107 -22.41 6.06 -43.19
N LYS H 108 -23.23 5.05 -43.41
CA LYS H 108 -23.67 4.19 -42.32
C LYS H 108 -22.51 3.44 -41.60
N ASP H 109 -21.40 3.31 -42.34
CA ASP H 109 -20.18 2.61 -41.96
C ASP H 109 -19.80 2.29 -40.52
N ARG H 110 -19.23 3.28 -39.86
CA ARG H 110 -18.74 3.13 -38.50
C ARG H 110 -19.51 3.98 -37.49
N ILE H 111 -19.98 3.31 -36.45
CA ILE H 111 -20.73 3.97 -35.40
C ILE H 111 -20.14 3.67 -34.04
N ALA H 112 -19.53 4.70 -33.44
CA ALA H 112 -18.96 4.52 -32.14
C ALA H 112 -19.96 5.10 -31.16
N GLU H 113 -20.42 4.28 -30.25
CA GLU H 113 -21.37 4.71 -29.26
C GLU H 113 -20.88 4.42 -27.83
N TYR H 114 -20.99 5.41 -26.95
CA TYR H 114 -20.55 5.28 -25.57
C TYR H 114 -21.68 5.52 -24.61
N SER H 115 -21.62 4.83 -23.48
CA SER H 115 -22.58 4.98 -22.42
C SER H 115 -21.79 5.28 -21.17
N LEU H 116 -21.69 6.57 -20.86
CA LEU H 116 -20.96 7.10 -19.70
C LEU H 116 -21.79 7.12 -18.42
N LYS H 117 -21.24 6.58 -17.34
CA LYS H 117 -21.92 6.53 -16.05
C LYS H 117 -21.96 7.96 -15.50
N LEU H 118 -23.09 8.37 -14.93
CA LEU H 118 -23.24 9.72 -14.36
C LEU H 118 -22.98 9.73 -12.87
N MET H 119 -22.70 10.91 -12.32
CA MET H 119 -22.49 11.11 -10.89
C MET H 119 -23.66 11.97 -10.43
N ASP H 120 -24.09 11.82 -9.18
CA ASP H 120 -25.17 12.63 -8.62
C ASP H 120 -24.53 13.85 -7.97
N ILE H 121 -24.86 15.03 -8.44
CA ILE H 121 -24.30 16.26 -7.89
C ILE H 121 -25.45 17.17 -7.48
N ASP H 122 -25.43 17.71 -6.26
CA ASP H 122 -26.52 18.62 -5.87
C ASP H 122 -26.55 19.81 -6.81
N ALA H 123 -27.67 19.94 -7.53
CA ALA H 123 -27.87 21.05 -8.48
C ALA H 123 -27.81 22.35 -7.67
N ASP H 124 -26.88 23.20 -8.07
CA ASP H 124 -26.65 24.46 -7.41
C ASP H 124 -25.82 25.34 -8.34
N PHE H 125 -26.43 25.76 -9.44
CA PHE H 125 -25.73 26.61 -10.36
C PHE H 125 -25.54 28.02 -9.78
N LEU H 126 -24.32 28.53 -9.91
CA LEU H 126 -23.97 29.86 -9.42
C LEU H 126 -24.29 30.92 -10.48
N LYS H 127 -24.60 32.13 -10.04
CA LYS H 127 -24.89 33.23 -10.96
C LYS H 127 -24.12 34.43 -10.43
N ILE H 128 -22.81 34.31 -10.47
CA ILE H 128 -21.90 35.33 -9.97
C ILE H 128 -21.48 36.43 -10.95
N GLU H 129 -21.98 36.41 -12.17
CA GLU H 129 -21.60 37.46 -13.12
C GLU H 129 -22.18 38.81 -12.70
N GLU H 130 -21.37 39.86 -12.88
CA GLU H 130 -21.71 41.24 -12.52
C GLU H 130 -22.35 42.06 -13.63
N LEU H 131 -23.05 43.12 -13.23
CA LEU H 131 -23.65 43.97 -14.22
C LEU H 131 -22.46 44.74 -14.82
N GLN H 132 -21.77 45.53 -14.02
CA GLN H 132 -20.65 46.25 -14.58
C GLN H 132 -19.34 45.88 -13.90
N TYR H 133 -18.28 45.80 -14.69
CA TYR H 133 -16.95 45.52 -14.19
C TYR H 133 -16.17 46.83 -14.27
N ASP H 134 -15.18 46.98 -13.39
CA ASP H 134 -14.29 48.14 -13.34
C ASP H 134 -13.66 48.40 -14.71
N SER H 135 -13.20 47.34 -15.36
CA SER H 135 -12.59 47.47 -16.67
C SER H 135 -12.89 46.24 -17.46
N THR H 136 -12.93 46.44 -18.78
CA THR H 136 -13.24 45.43 -19.78
C THR H 136 -12.22 45.58 -20.89
N LEU H 137 -11.71 44.45 -21.37
CA LEU H 137 -10.76 44.46 -22.49
C LEU H 137 -10.85 43.16 -23.26
N SER H 138 -10.54 43.23 -24.55
CA SER H 138 -10.51 42.05 -25.39
C SER H 138 -9.26 42.19 -26.25
N LEU H 139 -8.69 41.06 -26.61
CA LEU H 139 -7.49 41.02 -27.42
C LEU H 139 -7.44 39.61 -27.96
N PRO H 140 -6.59 39.38 -28.98
CA PRO H 140 -6.47 38.05 -29.57
C PRO H 140 -6.13 37.05 -28.47
N SER H 141 -6.78 35.89 -28.47
CA SER H 141 -6.51 34.92 -27.43
C SER H 141 -5.12 34.29 -27.50
N SER H 142 -4.53 34.26 -28.69
CA SER H 142 -3.19 33.68 -28.83
C SER H 142 -2.22 34.64 -28.18
N GLU H 143 -2.50 35.93 -28.29
CA GLU H 143 -1.67 36.93 -27.66
C GLU H 143 -1.76 36.76 -26.12
N PHE H 144 -2.98 36.62 -25.60
CA PHE H 144 -3.21 36.43 -24.16
C PHE H 144 -2.47 35.19 -23.68
N SER H 145 -2.54 34.10 -24.46
CA SER H 145 -1.81 32.87 -24.10
C SER H 145 -0.30 33.10 -23.99
N LYS H 146 0.27 33.84 -24.94
CA LYS H 146 1.69 34.12 -24.93
C LYS H 146 2.01 34.94 -23.70
N ILE H 147 1.22 35.98 -23.44
CA ILE H 147 1.42 36.82 -22.27
C ILE H 147 1.42 35.94 -21.02
N VAL H 148 0.46 35.05 -20.91
CA VAL H 148 0.41 34.21 -19.73
C VAL H 148 1.61 33.26 -19.69
N ARG H 149 1.92 32.62 -20.82
CA ARG H 149 3.06 31.68 -20.91
C ARG H 149 4.43 32.36 -20.61
N ASP H 150 4.60 33.61 -21.01
CA ASP H 150 5.80 34.35 -20.69
C ASP H 150 5.93 34.38 -19.15
N LEU H 151 5.16 35.28 -18.53
CA LEU H 151 5.14 35.52 -17.09
C LEU H 151 5.07 34.33 -16.16
N SER H 152 4.35 33.29 -16.57
CA SER H 152 4.21 32.12 -15.74
C SER H 152 5.53 31.56 -15.22
N GLN H 153 6.56 31.63 -16.05
CA GLN H 153 7.89 31.11 -15.73
C GLN H 153 8.54 31.79 -14.56
N LEU H 154 8.15 33.04 -14.33
CA LEU H 154 8.75 33.88 -13.28
C LEU H 154 8.13 33.82 -11.95
N SER H 155 6.85 33.47 -11.87
CA SER H 155 6.18 33.50 -10.59
C SER H 155 4.91 32.69 -10.64
N ASP H 156 4.34 32.45 -9.46
CA ASP H 156 3.09 31.73 -9.32
C ASP H 156 1.96 32.73 -9.28
N SER H 157 2.30 34.02 -9.39
CA SER H 157 1.33 35.10 -9.38
C SER H 157 1.61 36.03 -10.50
N ILE H 158 0.56 36.39 -11.25
CA ILE H 158 0.65 37.34 -12.37
C ILE H 158 -0.35 38.46 -12.07
N ASN H 159 0.13 39.68 -12.05
CA ASN H 159 -0.70 40.81 -11.72
C ASN H 159 -1.17 41.48 -13.00
N ILE H 160 -2.44 41.89 -13.03
CA ILE H 160 -2.98 42.61 -14.18
C ILE H 160 -3.32 43.99 -13.65
N MET H 161 -2.77 45.02 -14.29
CA MET H 161 -3.03 46.40 -13.87
C MET H 161 -3.57 47.20 -15.02
N ILE H 162 -4.64 47.94 -14.76
CA ILE H 162 -5.27 48.75 -15.79
C ILE H 162 -5.42 50.20 -15.38
N THR H 163 -4.96 51.07 -16.27
CA THR H 163 -5.02 52.50 -16.12
C THR H 163 -5.48 52.98 -17.50
N LYS H 164 -5.82 54.25 -17.59
CA LYS H 164 -6.31 54.79 -18.87
C LYS H 164 -5.37 54.37 -20.00
N GLU H 165 -5.96 53.80 -21.03
CA GLU H 165 -5.21 53.36 -22.20
C GLU H 165 -3.98 52.52 -21.93
N THR H 166 -3.96 51.78 -20.82
CA THR H 166 -2.81 50.93 -20.55
C THR H 166 -3.18 49.67 -19.79
N ILE H 167 -2.73 48.55 -20.33
CA ILE H 167 -2.93 47.27 -19.73
C ILE H 167 -1.52 46.71 -19.47
N LYS H 168 -1.25 46.31 -18.24
CA LYS H 168 0.05 45.80 -17.89
C LYS H 168 -0.01 44.52 -17.08
N PHE H 169 0.63 43.47 -17.60
CA PHE H 169 0.74 42.16 -16.93
C PHE H 169 2.15 42.09 -16.30
N VAL H 170 2.22 41.70 -15.04
CA VAL H 170 3.49 41.65 -14.34
C VAL H 170 3.67 40.41 -13.46
N ALA H 171 4.89 39.88 -13.45
CA ALA H 171 5.26 38.71 -12.65
C ALA H 171 6.61 39.06 -12.06
N ASP H 172 6.83 38.64 -10.83
CA ASP H 172 8.05 38.96 -10.13
C ASP H 172 8.28 37.83 -9.18
N GLY H 173 9.43 37.19 -9.31
CA GLY H 173 9.75 36.06 -8.46
C GLY H 173 11.23 35.95 -8.20
N ASP H 174 11.69 34.72 -7.98
CA ASP H 174 13.08 34.43 -7.71
C ASP H 174 14.14 34.88 -8.71
N ILE H 175 14.01 34.43 -9.94
CA ILE H 175 15.00 34.79 -10.94
C ILE H 175 14.94 36.25 -11.39
N GLY H 176 13.88 36.95 -11.03
CA GLY H 176 13.75 38.34 -11.43
C GLY H 176 12.30 38.77 -11.64
N SER H 177 12.07 39.70 -12.55
CA SER H 177 10.74 40.21 -12.82
C SER H 177 10.53 40.39 -14.29
N GLY H 178 9.27 40.39 -14.71
CA GLY H 178 8.93 40.56 -16.10
C GLY H 178 7.62 41.32 -16.19
N SER H 179 7.37 41.91 -17.36
CA SER H 179 6.17 42.66 -17.59
C SER H 179 5.89 42.71 -19.08
N VAL H 180 4.60 42.74 -19.39
CA VAL H 180 4.14 42.85 -20.77
C VAL H 180 3.15 43.99 -20.75
N ILE H 181 3.43 45.01 -21.54
CA ILE H 181 2.59 46.17 -21.62
C ILE H 181 1.99 46.23 -23.02
N ILE H 182 0.66 46.34 -23.07
CA ILE H 182 -0.06 46.44 -24.33
C ILE H 182 -0.91 47.68 -24.31
N LYS H 183 -1.16 48.23 -25.48
CA LYS H 183 -1.97 49.44 -25.63
C LYS H 183 -3.14 49.20 -26.60
N PRO H 184 -4.28 49.83 -26.31
CA PRO H 184 -5.46 49.67 -27.16
C PRO H 184 -5.14 50.16 -28.58
N PHE H 185 -5.68 49.48 -29.58
CA PHE H 185 -5.48 49.88 -30.97
C PHE H 185 -6.43 49.17 -31.93
N VAL H 186 -6.92 49.91 -32.92
CA VAL H 186 -7.85 49.39 -33.91
C VAL H 186 -7.09 49.08 -35.19
N ASP H 187 -7.04 47.82 -35.59
CA ASP H 187 -6.38 47.46 -36.84
C ASP H 187 -7.44 47.18 -37.90
N MET H 188 -7.57 48.07 -38.87
CA MET H 188 -8.56 47.89 -39.92
C MET H 188 -8.13 46.85 -40.92
N GLU H 189 -6.82 46.61 -41.00
CA GLU H 189 -6.26 45.62 -41.90
C GLU H 189 -6.79 44.22 -41.52
N HIS H 190 -7.47 44.18 -40.39
CA HIS H 190 -8.15 43.01 -39.80
C HIS H 190 -8.33 43.29 -38.33
N PRO H 191 -9.56 43.69 -37.93
CA PRO H 191 -9.93 44.00 -36.55
C PRO H 191 -9.93 42.86 -35.53
N GLU H 192 -9.62 41.64 -35.97
CA GLU H 192 -9.59 40.52 -35.03
C GLU H 192 -8.28 40.53 -34.29
N THR H 193 -7.43 41.50 -34.62
CA THR H 193 -6.13 41.65 -33.98
C THR H 193 -6.09 42.92 -33.12
N SER H 194 -7.18 43.68 -33.15
CA SER H 194 -7.26 44.89 -32.36
C SER H 194 -7.24 44.57 -30.84
N ILE H 195 -7.02 45.59 -30.02
CA ILE H 195 -6.99 45.43 -28.58
C ILE H 195 -7.85 46.51 -28.02
N LYS H 196 -9.05 46.15 -27.55
CA LYS H 196 -9.97 47.14 -27.02
C LYS H 196 -9.88 47.23 -25.52
N LEU H 197 -10.23 48.37 -24.96
CA LEU H 197 -10.17 48.57 -23.53
C LEU H 197 -11.15 49.63 -23.12
N GLU H 198 -12.01 49.33 -22.18
CA GLU H 198 -12.96 50.30 -21.69
C GLU H 198 -12.71 50.30 -20.19
N MET H 199 -12.21 51.41 -19.66
CA MET H 199 -11.90 51.51 -18.25
C MET H 199 -12.77 52.50 -17.51
N ASP H 200 -13.55 52.04 -16.53
CA ASP H 200 -14.41 52.94 -15.75
C ASP H 200 -13.68 53.31 -14.50
N GLN H 201 -12.73 52.47 -14.15
CA GLN H 201 -11.96 52.66 -12.94
C GLN H 201 -10.68 51.84 -13.08
N PRO H 202 -9.54 52.40 -12.69
CA PRO H 202 -8.29 51.65 -12.80
C PRO H 202 -8.41 50.45 -11.91
N VAL H 203 -7.86 49.33 -12.35
CA VAL H 203 -7.89 48.09 -11.57
C VAL H 203 -6.48 47.54 -11.45
N ASP H 204 -6.27 46.71 -10.44
CA ASP H 204 -4.97 46.12 -10.17
C ASP H 204 -5.25 44.86 -9.38
N LEU H 205 -5.26 43.71 -10.04
CA LEU H 205 -5.55 42.44 -9.39
C LEU H 205 -4.46 41.42 -9.63
N THR H 206 -4.29 40.48 -8.71
CA THR H 206 -3.30 39.43 -8.85
C THR H 206 -4.01 38.08 -8.93
N PHE H 207 -3.54 37.21 -9.84
CA PHE H 207 -4.10 35.89 -10.04
C PHE H 207 -2.99 34.86 -9.98
N GLY H 208 -3.36 33.63 -9.61
CA GLY H 208 -2.45 32.51 -9.55
C GLY H 208 -2.21 32.03 -10.97
N ALA H 209 -0.94 32.05 -11.35
CA ALA H 209 -0.50 31.68 -12.69
C ALA H 209 -0.95 30.31 -13.15
N LYS H 210 -1.07 29.38 -12.21
CA LYS H 210 -1.51 28.04 -12.52
C LYS H 210 -2.94 28.07 -13.11
N TYR H 211 -3.76 29.00 -12.63
CA TYR H 211 -5.15 29.14 -13.08
C TYR H 211 -5.29 29.84 -14.41
N LEU H 212 -4.48 30.87 -14.63
CA LEU H 212 -4.50 31.61 -15.87
C LEU H 212 -4.05 30.63 -16.97
N LEU H 213 -3.10 29.76 -16.62
CA LEU H 213 -2.62 28.75 -17.56
C LEU H 213 -3.77 27.81 -17.93
N ASP H 214 -4.61 27.42 -16.98
CA ASP H 214 -5.78 26.58 -17.30
C ASP H 214 -6.72 27.34 -18.24
N ILE H 215 -6.97 28.60 -17.94
CA ILE H 215 -7.86 29.43 -18.74
C ILE H 215 -7.48 29.68 -20.20
N ILE H 216 -6.19 29.81 -20.50
CA ILE H 216 -5.78 30.13 -21.87
C ILE H 216 -6.20 29.12 -22.93
N LYS H 217 -6.55 27.91 -22.48
CA LYS H 217 -7.02 26.85 -23.36
C LYS H 217 -8.18 27.32 -24.27
N GLY H 218 -8.98 28.26 -23.80
CA GLY H 218 -10.09 28.75 -24.59
C GLY H 218 -9.71 29.33 -25.94
N SER H 219 -8.42 29.60 -26.15
CA SER H 219 -7.95 30.16 -27.44
C SER H 219 -8.44 29.29 -28.60
N SER H 220 -8.50 27.99 -28.36
CA SER H 220 -8.93 27.05 -29.38
C SER H 220 -10.39 27.17 -29.72
N LEU H 221 -11.14 28.01 -29.02
CA LEU H 221 -12.57 28.13 -29.31
C LEU H 221 -12.90 29.46 -29.92
N SER H 222 -12.06 30.44 -29.69
CA SER H 222 -12.34 31.76 -30.22
C SER H 222 -11.03 32.51 -30.52
N ASP H 223 -11.09 33.41 -31.50
CA ASP H 223 -9.94 34.22 -31.90
C ASP H 223 -9.62 35.25 -30.86
N ARG H 224 -10.66 35.77 -30.21
CA ARG H 224 -10.49 36.78 -29.18
C ARG H 224 -10.96 36.32 -27.82
N VAL H 225 -10.46 37.00 -26.79
CA VAL H 225 -10.83 36.69 -25.42
C VAL H 225 -11.25 37.98 -24.78
N GLY H 226 -12.30 37.94 -23.98
CA GLY H 226 -12.77 39.12 -23.30
C GLY H 226 -12.37 38.95 -21.86
N ILE H 227 -11.84 39.98 -21.21
CA ILE H 227 -11.43 39.92 -19.82
C ILE H 227 -12.15 41.02 -19.08
N ARG H 228 -12.91 40.68 -18.06
CA ARG H 228 -13.64 41.69 -17.29
C ARG H 228 -13.16 41.64 -15.84
N LEU H 229 -12.69 42.77 -15.34
CA LEU H 229 -12.12 42.80 -14.01
C LEU H 229 -12.82 43.73 -13.07
N SER H 230 -12.85 43.33 -11.82
CA SER H 230 -13.49 44.14 -10.82
C SER H 230 -12.81 43.88 -9.50
N SER H 231 -12.85 44.88 -8.62
CA SER H 231 -12.26 44.75 -7.31
C SER H 231 -13.33 44.18 -6.36
N GLU H 232 -14.53 43.97 -6.88
CA GLU H 232 -15.62 43.45 -6.07
C GLU H 232 -15.95 42.00 -6.34
N ALA H 233 -15.36 41.41 -7.39
CA ALA H 233 -15.72 40.05 -7.71
C ALA H 233 -14.69 39.24 -8.52
N PRO H 234 -14.97 37.95 -8.76
CA PRO H 234 -14.04 37.13 -9.54
C PRO H 234 -13.93 37.77 -10.95
N ALA H 235 -12.77 37.65 -11.58
CA ALA H 235 -12.58 38.18 -12.92
C ALA H 235 -13.24 37.24 -13.91
N LEU H 236 -13.71 37.77 -15.03
CA LEU H 236 -14.34 36.95 -16.03
C LEU H 236 -13.49 36.94 -17.33
N PHE H 237 -13.13 35.75 -17.81
CA PHE H 237 -12.37 35.60 -19.06
C PHE H 237 -13.38 34.87 -19.95
N GLN H 238 -13.72 35.43 -21.09
CA GLN H 238 -14.74 34.81 -21.91
C GLN H 238 -14.35 34.55 -23.33
N PHE H 239 -14.70 33.34 -23.79
CA PHE H 239 -14.44 32.87 -25.14
C PHE H 239 -15.77 32.58 -25.84
N ASP H 240 -16.14 33.43 -26.80
CA ASP H 240 -17.39 33.29 -27.53
C ASP H 240 -17.42 32.16 -28.55
N LEU H 241 -18.57 31.53 -28.66
CA LEU H 241 -18.79 30.46 -29.60
C LEU H 241 -19.88 30.98 -30.53
N LYS H 242 -20.15 30.25 -31.61
CA LYS H 242 -21.25 30.64 -32.48
C LYS H 242 -22.44 30.23 -31.63
N SER H 243 -23.21 31.19 -31.15
CA SER H 243 -24.35 30.89 -30.29
C SER H 243 -23.85 30.24 -29.01
N GLY H 244 -23.27 31.04 -28.13
CA GLY H 244 -22.77 30.48 -26.91
C GLY H 244 -21.50 31.13 -26.46
N PHE H 245 -20.92 30.58 -25.41
CA PHE H 245 -19.68 31.08 -24.85
C PHE H 245 -19.20 30.16 -23.77
N LEU H 246 -17.89 30.22 -23.52
CA LEU H 246 -17.25 29.46 -22.48
C LEU H 246 -16.70 30.58 -21.59
N GLN H 247 -17.04 30.55 -20.31
CA GLN H 247 -16.58 31.56 -19.39
C GLN H 247 -15.78 30.94 -18.26
N PHE H 248 -14.75 31.65 -17.82
CA PHE H 248 -13.91 31.25 -16.68
C PHE H 248 -13.97 32.41 -15.67
N PHE H 249 -14.48 32.16 -14.47
CA PHE H 249 -14.51 33.22 -13.44
C PHE H 249 -13.42 32.81 -12.47
N LEU H 250 -12.49 33.72 -12.21
CA LEU H 250 -11.34 33.44 -11.35
C LEU H 250 -11.26 34.43 -10.22
N ALA H 251 -11.21 33.96 -9.00
CA ALA H 251 -11.13 34.85 -7.83
C ALA H 251 -9.73 35.41 -7.72
N PRO H 252 -9.58 36.74 -7.54
CA PRO H 252 -8.24 37.32 -7.40
C PRO H 252 -7.56 36.80 -6.14
N LYS H 253 -6.24 36.84 -6.08
CA LYS H 253 -5.55 36.43 -4.86
C LYS H 253 -5.82 37.53 -3.86
N PHE H 254 -6.08 37.17 -2.61
CA PHE H 254 -6.33 38.15 -1.56
C PHE H 254 -4.95 38.76 -1.25
#